data_1WDG
# 
_entry.id   1WDG 
# 
_audit_conform.dict_name       mmcif_pdbx.dic 
_audit_conform.dict_version    5.388 
_audit_conform.dict_location   http://mmcif.pdb.org/dictionaries/ascii/mmcif_pdbx.dic 
# 
loop_
_database_2.database_id 
_database_2.database_code 
_database_2.pdbx_database_accession 
_database_2.pdbx_DOI 
PDB   1WDG         pdb_00001wdg 10.2210/pdb1wdg/pdb 
RCSB  RCSB023458   ?            ?                   
WWPDB D_1000023458 ?            ?                   
# 
loop_
_pdbx_audit_revision_history.ordinal 
_pdbx_audit_revision_history.data_content_type 
_pdbx_audit_revision_history.major_revision 
_pdbx_audit_revision_history.minor_revision 
_pdbx_audit_revision_history.revision_date 
1 'Structure model' 1 0 2004-06-15 
2 'Structure model' 1 1 2008-04-30 
3 'Structure model' 1 2 2011-07-13 
4 'Structure model' 1 3 2017-08-16 
5 'Structure model' 1 4 2017-08-23 
6 'Structure model' 1 5 2024-03-13 
# 
_pdbx_audit_revision_details.ordinal             1 
_pdbx_audit_revision_details.revision_ordinal    1 
_pdbx_audit_revision_details.data_content_type   'Structure model' 
_pdbx_audit_revision_details.provider            repository 
_pdbx_audit_revision_details.type                'Initial release' 
_pdbx_audit_revision_details.description         ? 
_pdbx_audit_revision_details.details             ? 
# 
loop_
_pdbx_audit_revision_group.ordinal 
_pdbx_audit_revision_group.revision_ordinal 
_pdbx_audit_revision_group.data_content_type 
_pdbx_audit_revision_group.group 
1 2 'Structure model' 'Version format compliance' 
2 3 'Structure model' 'Derived calculations'      
3 3 'Structure model' 'Source and taxonomy'       
4 3 'Structure model' 'Version format compliance' 
5 4 'Structure model' 'Refinement description'    
6 4 'Structure model' 'Source and taxonomy'       
7 5 'Structure model' 'Data collection'           
8 6 'Structure model' 'Data collection'           
9 6 'Structure model' 'Database references'       
# 
loop_
_pdbx_audit_revision_category.ordinal 
_pdbx_audit_revision_category.revision_ordinal 
_pdbx_audit_revision_category.data_content_type 
_pdbx_audit_revision_category.category 
1 4 'Structure model' entity_src_gen     
2 4 'Structure model' software           
3 5 'Structure model' reflns             
4 6 'Structure model' chem_comp_atom     
5 6 'Structure model' chem_comp_bond     
6 6 'Structure model' database_2         
7 6 'Structure model' struct_ref_seq_dif 
# 
loop_
_pdbx_audit_revision_item.ordinal 
_pdbx_audit_revision_item.revision_ordinal 
_pdbx_audit_revision_item.data_content_type 
_pdbx_audit_revision_item.item 
1 5 'Structure model' '_reflns.number_obs'                  
2 6 'Structure model' '_database_2.pdbx_DOI'                
3 6 'Structure model' '_database_2.pdbx_database_accession' 
4 6 'Structure model' '_struct_ref_seq_dif.details'         
# 
_pdbx_database_status.status_code                     REL 
_pdbx_database_status.entry_id                        1WDG 
_pdbx_database_status.recvd_initial_deposition_date   2004-05-14 
_pdbx_database_status.deposit_site                    PDBJ 
_pdbx_database_status.process_site                    PDBJ 
_pdbx_database_status.status_code_sf                  REL 
_pdbx_database_status.SG_entry                        . 
_pdbx_database_status.pdb_format_compatible           Y 
_pdbx_database_status.status_code_mr                  ? 
_pdbx_database_status.status_code_cs                  ? 
_pdbx_database_status.methods_development_category    ? 
_pdbx_database_status.status_code_nmr_data            ? 
# 
_pdbx_database_related.db_name        PDB 
_pdbx_database_related.db_id          1WDF 
_pdbx_database_related.details        'the same protein, 2.5 A resolution' 
_pdbx_database_related.content_type   unspecified 
# 
loop_
_audit_author.name 
_audit_author.pdbx_ordinal 
'Xu, Y.'    1 
'Liu, Y.'   2 
'Lou, Z.'   3 
'Qin, L.'   4 
'Li, X.'    5 
'Bai, Z.'   6 
'Tien, P.'  7 
'Gao, G.F.' 8 
'Rao, Z.'   9 
# 
_citation.id                        primary 
_citation.title                     
'Structural Basis for Coronavirus-mediated Membrane Fusion: CRYSTAL STRUCTURE OF MOUSE HEPATITIS VIRUS SPIKE PROTEIN FUSION CORE' 
_citation.journal_abbrev            J.Biol.Chem. 
_citation.journal_volume            279 
_citation.page_first                30514 
_citation.page_last                 30522 
_citation.year                      2004 
_citation.journal_id_ASTM           JBCHA3 
_citation.country                   US 
_citation.journal_id_ISSN           0021-9258 
_citation.journal_id_CSD            0071 
_citation.book_publisher            ? 
_citation.pdbx_database_id_PubMed   15123674 
_citation.pdbx_database_id_DOI      10.1074/jbc.M403760200 
# 
loop_
_citation_author.citation_id 
_citation_author.name 
_citation_author.ordinal 
_citation_author.identifier_ORCID 
primary 'Xu, Y.'    1  ? 
primary 'Liu, Y.'   2  ? 
primary 'Lou, Z.'   3  ? 
primary 'Qin, L.'   4  ? 
primary 'Li, X.'    5  ? 
primary 'Bai, Z.'   6  ? 
primary 'Pang, H.'  7  ? 
primary 'Tien, P.'  8  ? 
primary 'Gao, G.F.' 9  ? 
primary 'Rao, Z.'   10 ? 
# 
loop_
_entity.id 
_entity.type 
_entity.src_method 
_entity.pdbx_description 
_entity.formula_weight 
_entity.pdbx_number_of_molecules 
_entity.pdbx_ec 
_entity.pdbx_mutation 
_entity.pdbx_fragment 
_entity.details 
1 polymer man 'E2 glycoprotein' 9887.039 2   ? ? 'nMHV 2-Helix' ? 
2 water   nat water             18.015   353 ? ? ?              ? 
# 
_entity_name_com.entity_id   1 
_entity_name_com.name        'MHV spike protein' 
# 
_entity_poly.entity_id                      1 
_entity_poly.type                           'polypeptide(L)' 
_entity_poly.nstd_linkage                   no 
_entity_poly.nstd_monomer                   no 
_entity_poly.pdbx_seq_one_letter_code       
;NQKMIASAFNNALGAIQDGFDATNSALGKIQSVVNANAEALNNLLNQLSLVPRGSGGSGGSGGLNVTLLDLTYEMNRIQD
AIKKLNESYINLKE
;
_entity_poly.pdbx_seq_one_letter_code_can   
;NQKMIASAFNNALGAIQDGFDATNSALGKIQSVVNANAEALNNLLNQLSLVPRGSGGSGGSGGLNVTLLDLTYEMNRIQD
AIKKLNESYINLKE
;
_entity_poly.pdbx_strand_id                 A,B 
_entity_poly.pdbx_target_identifier         ? 
# 
_pdbx_entity_nonpoly.entity_id   2 
_pdbx_entity_nonpoly.name        water 
_pdbx_entity_nonpoly.comp_id     HOH 
# 
loop_
_entity_poly_seq.entity_id 
_entity_poly_seq.num 
_entity_poly_seq.mon_id 
_entity_poly_seq.hetero 
1 1  ASN n 
1 2  GLN n 
1 3  LYS n 
1 4  MET n 
1 5  ILE n 
1 6  ALA n 
1 7  SER n 
1 8  ALA n 
1 9  PHE n 
1 10 ASN n 
1 11 ASN n 
1 12 ALA n 
1 13 LEU n 
1 14 GLY n 
1 15 ALA n 
1 16 ILE n 
1 17 GLN n 
1 18 ASP n 
1 19 GLY n 
1 20 PHE n 
1 21 ASP n 
1 22 ALA n 
1 23 THR n 
1 24 ASN n 
1 25 SER n 
1 26 ALA n 
1 27 LEU n 
1 28 GLY n 
1 29 LYS n 
1 30 ILE n 
1 31 GLN n 
1 32 SER n 
1 33 VAL n 
1 34 VAL n 
1 35 ASN n 
1 36 ALA n 
1 37 ASN n 
1 38 ALA n 
1 39 GLU n 
1 40 ALA n 
1 41 LEU n 
1 42 ASN n 
1 43 ASN n 
1 44 LEU n 
1 45 LEU n 
1 46 ASN n 
1 47 GLN n 
1 48 LEU n 
1 49 SER n 
1 50 LEU n 
1 51 VAL n 
1 52 PRO n 
1 53 ARG n 
1 54 GLY n 
1 55 SER n 
1 56 GLY n 
1 57 GLY n 
1 58 SER n 
1 59 GLY n 
1 60 GLY n 
1 61 SER n 
1 62 GLY n 
1 63 GLY n 
1 64 LEU n 
1 65 ASN n 
1 66 VAL n 
1 67 THR n 
1 68 LEU n 
1 69 LEU n 
1 70 ASP n 
1 71 LEU n 
1 72 THR n 
1 73 TYR n 
1 74 GLU n 
1 75 MET n 
1 76 ASN n 
1 77 ARG n 
1 78 ILE n 
1 79 GLN n 
1 80 ASP n 
1 81 ALA n 
1 82 ILE n 
1 83 LYS n 
1 84 LYS n 
1 85 LEU n 
1 86 ASN n 
1 87 GLU n 
1 88 SER n 
1 89 TYR n 
1 90 ILE n 
1 91 ASN n 
1 92 LEU n 
1 93 LYS n 
1 94 GLU n 
# 
loop_
_entity_src_gen.entity_id 
_entity_src_gen.pdbx_src_id 
_entity_src_gen.pdbx_alt_source_flag 
_entity_src_gen.pdbx_seq_type 
_entity_src_gen.pdbx_beg_seq_num 
_entity_src_gen.pdbx_end_seq_num 
_entity_src_gen.gene_src_common_name 
_entity_src_gen.gene_src_genus 
_entity_src_gen.pdbx_gene_src_gene 
_entity_src_gen.gene_src_species 
_entity_src_gen.gene_src_strain 
_entity_src_gen.gene_src_tissue 
_entity_src_gen.gene_src_tissue_fraction 
_entity_src_gen.gene_src_details 
_entity_src_gen.pdbx_gene_src_fragment 
_entity_src_gen.pdbx_gene_src_scientific_name 
_entity_src_gen.pdbx_gene_src_ncbi_taxonomy_id 
_entity_src_gen.pdbx_gene_src_variant 
_entity_src_gen.pdbx_gene_src_cell_line 
_entity_src_gen.pdbx_gene_src_atcc 
_entity_src_gen.pdbx_gene_src_organ 
_entity_src_gen.pdbx_gene_src_organelle 
_entity_src_gen.pdbx_gene_src_cell 
_entity_src_gen.pdbx_gene_src_cellular_location 
_entity_src_gen.host_org_common_name 
_entity_src_gen.pdbx_host_org_scientific_name 
_entity_src_gen.pdbx_host_org_ncbi_taxonomy_id 
_entity_src_gen.host_org_genus 
_entity_src_gen.pdbx_host_org_gene 
_entity_src_gen.pdbx_host_org_organ 
_entity_src_gen.host_org_species 
_entity_src_gen.pdbx_host_org_tissue 
_entity_src_gen.pdbx_host_org_tissue_fraction 
_entity_src_gen.pdbx_host_org_strain 
_entity_src_gen.pdbx_host_org_variant 
_entity_src_gen.pdbx_host_org_cell_line 
_entity_src_gen.pdbx_host_org_atcc 
_entity_src_gen.pdbx_host_org_culture_collection 
_entity_src_gen.pdbx_host_org_cell 
_entity_src_gen.pdbx_host_org_organelle 
_entity_src_gen.pdbx_host_org_cellular_location 
_entity_src_gen.pdbx_host_org_vector_type 
_entity_src_gen.pdbx_host_org_vector 
_entity_src_gen.host_org_details 
_entity_src_gen.expression_system_id 
_entity_src_gen.plasmid_name 
_entity_src_gen.plasmid_details 
_entity_src_gen.pdbx_description 
1 1 sample ? 1  49 ? Coronavirus ? 'Murine hepatitis virus' A59 ? ? ? ? 'Murine hepatitis virus' 11142 ? ? ? ? ? ? ? ? 
'Escherichia coli' 562 Escherichia ? ? ? ? ? ? ? ? ? ? ? ? ? ? ? ? ? ? ? ? 
1 2 sample ? 64 94 ? Coronavirus ? 'Murine hepatitis virus' A59 ? ? ? ? 'Murine hepatitis virus' 11142 ? ? ? ? ? ? ? ? 
'Escherichia coli' 562 Escherichia ? ? ? ? ? ? ? ? ? ? ? ? ? ? ? ? ? ? ? ? 
# 
loop_
_chem_comp.id 
_chem_comp.type 
_chem_comp.mon_nstd_flag 
_chem_comp.name 
_chem_comp.pdbx_synonyms 
_chem_comp.formula 
_chem_comp.formula_weight 
ALA 'L-peptide linking' y ALANINE         ? 'C3 H7 N O2'     89.093  
ARG 'L-peptide linking' y ARGININE        ? 'C6 H15 N4 O2 1' 175.209 
ASN 'L-peptide linking' y ASPARAGINE      ? 'C4 H8 N2 O3'    132.118 
ASP 'L-peptide linking' y 'ASPARTIC ACID' ? 'C4 H7 N O4'     133.103 
GLN 'L-peptide linking' y GLUTAMINE       ? 'C5 H10 N2 O3'   146.144 
GLU 'L-peptide linking' y 'GLUTAMIC ACID' ? 'C5 H9 N O4'     147.129 
GLY 'peptide linking'   y GLYCINE         ? 'C2 H5 N O2'     75.067  
HOH non-polymer         . WATER           ? 'H2 O'           18.015  
ILE 'L-peptide linking' y ISOLEUCINE      ? 'C6 H13 N O2'    131.173 
LEU 'L-peptide linking' y LEUCINE         ? 'C6 H13 N O2'    131.173 
LYS 'L-peptide linking' y LYSINE          ? 'C6 H15 N2 O2 1' 147.195 
MET 'L-peptide linking' y METHIONINE      ? 'C5 H11 N O2 S'  149.211 
PHE 'L-peptide linking' y PHENYLALANINE   ? 'C9 H11 N O2'    165.189 
PRO 'L-peptide linking' y PROLINE         ? 'C5 H9 N O2'     115.130 
SER 'L-peptide linking' y SERINE          ? 'C3 H7 N O3'     105.093 
THR 'L-peptide linking' y THREONINE       ? 'C4 H9 N O3'     119.119 
TYR 'L-peptide linking' y TYROSINE        ? 'C9 H11 N O3'    181.189 
VAL 'L-peptide linking' y VALINE          ? 'C5 H11 N O2'    117.146 
# 
loop_
_pdbx_poly_seq_scheme.asym_id 
_pdbx_poly_seq_scheme.entity_id 
_pdbx_poly_seq_scheme.seq_id 
_pdbx_poly_seq_scheme.mon_id 
_pdbx_poly_seq_scheme.ndb_seq_num 
_pdbx_poly_seq_scheme.pdb_seq_num 
_pdbx_poly_seq_scheme.auth_seq_num 
_pdbx_poly_seq_scheme.pdb_mon_id 
_pdbx_poly_seq_scheme.auth_mon_id 
_pdbx_poly_seq_scheme.pdb_strand_id 
_pdbx_poly_seq_scheme.pdb_ins_code 
_pdbx_poly_seq_scheme.hetero 
A 1 1  ASN 1  969  969  ASN ASN A . n 
A 1 2  GLN 2  970  970  GLN GLN A . n 
A 1 3  LYS 3  971  971  LYS LYS A . n 
A 1 4  MET 4  972  972  MET MET A . n 
A 1 5  ILE 5  973  973  ILE ILE A . n 
A 1 6  ALA 6  974  974  ALA ALA A . n 
A 1 7  SER 7  975  975  SER SER A . n 
A 1 8  ALA 8  976  976  ALA ALA A . n 
A 1 9  PHE 9  977  977  PHE PHE A . n 
A 1 10 ASN 10 978  978  ASN ASN A . n 
A 1 11 ASN 11 979  979  ASN ASN A . n 
A 1 12 ALA 12 980  980  ALA ALA A . n 
A 1 13 LEU 13 981  981  LEU LEU A . n 
A 1 14 GLY 14 982  982  GLY GLY A . n 
A 1 15 ALA 15 983  983  ALA ALA A . n 
A 1 16 ILE 16 984  984  ILE ILE A . n 
A 1 17 GLN 17 985  985  GLN GLN A . n 
A 1 18 ASP 18 986  986  ASP ASP A . n 
A 1 19 GLY 19 987  987  GLY GLY A . n 
A 1 20 PHE 20 988  988  PHE PHE A . n 
A 1 21 ASP 21 989  989  ASP ASP A . n 
A 1 22 ALA 22 990  990  ALA ALA A . n 
A 1 23 THR 23 991  991  THR THR A . n 
A 1 24 ASN 24 992  992  ASN ASN A . n 
A 1 25 SER 25 993  993  SER SER A . n 
A 1 26 ALA 26 994  994  ALA ALA A . n 
A 1 27 LEU 27 995  995  LEU LEU A . n 
A 1 28 GLY 28 996  996  GLY GLY A . n 
A 1 29 LYS 29 997  997  LYS LYS A . n 
A 1 30 ILE 30 998  998  ILE ILE A . n 
A 1 31 GLN 31 999  999  GLN GLN A . n 
A 1 32 SER 32 1000 1000 SER SER A . n 
A 1 33 VAL 33 1001 1001 VAL VAL A . n 
A 1 34 VAL 34 1002 1002 VAL VAL A . n 
A 1 35 ASN 35 1003 1003 ASN ASN A . n 
A 1 36 ALA 36 1004 1004 ALA ALA A . n 
A 1 37 ASN 37 1005 1005 ASN ASN A . n 
A 1 38 ALA 38 1006 1006 ALA ALA A . n 
A 1 39 GLU 39 1007 1007 GLU GLU A . n 
A 1 40 ALA 40 1008 1008 ALA ALA A . n 
A 1 41 LEU 41 1009 1009 LEU LEU A . n 
A 1 42 ASN 42 1010 1010 ASN ASN A . n 
A 1 43 ASN 43 1011 1011 ASN ASN A . n 
A 1 44 LEU 44 1012 1012 LEU LEU A . n 
A 1 45 LEU 45 1013 1013 LEU LEU A . n 
A 1 46 ASN 46 1014 1014 ASN ASN A . n 
A 1 47 GLN 47 1015 1015 GLN GLN A . n 
A 1 48 LEU 48 1016 1016 LEU LEU A . n 
A 1 49 SER 49 1017 1017 SER SER A . n 
A 1 50 LEU 50 1018 1018 LEU LEU A . n 
A 1 51 VAL 51 1211 ?    ?   ?   A . n 
A 1 52 PRO 52 1212 ?    ?   ?   A . n 
A 1 53 ARG 53 1213 ?    ?   ?   A . n 
A 1 54 GLY 54 1214 ?    ?   ?   A . n 
A 1 55 SER 55 1215 ?    ?   ?   A . n 
A 1 56 GLY 56 1216 ?    ?   ?   A . n 
A 1 57 GLY 57 1217 ?    ?   ?   A . n 
A 1 58 SER 58 1218 ?    ?   ?   A . n 
A 1 59 GLY 59 1219 ?    ?   ?   A . n 
A 1 60 GLY 60 1220 ?    ?   ?   A . n 
A 1 61 SER 61 1221 ?    ?   ?   A . n 
A 1 62 GLY 62 1222 ?    ?   ?   A . n 
A 1 63 GLY 63 1223 ?    ?   ?   A . n 
A 1 64 LEU 64 1224 1224 LEU LEU A . n 
A 1 65 ASN 65 1225 1225 ASN ASN A . n 
A 1 66 VAL 66 1226 1226 VAL VAL A . n 
A 1 67 THR 67 1227 1227 THR THR A . n 
A 1 68 LEU 68 1228 1228 LEU LEU A . n 
A 1 69 LEU 69 1229 1229 LEU LEU A . n 
A 1 70 ASP 70 1230 1230 ASP ASP A . n 
A 1 71 LEU 71 1231 1231 LEU LEU A . n 
A 1 72 THR 72 1232 1232 THR THR A . n 
A 1 73 TYR 73 1233 1233 TYR TYR A . n 
A 1 74 GLU 74 1234 1234 GLU GLU A . n 
A 1 75 MET 75 1235 1235 MET MET A . n 
A 1 76 ASN 76 1236 1236 ASN ASN A . n 
A 1 77 ARG 77 1237 1237 ARG ARG A . n 
A 1 78 ILE 78 1238 1238 ILE ILE A . n 
A 1 79 GLN 79 1239 1239 GLN GLN A . n 
A 1 80 ASP 80 1240 1240 ASP ASP A . n 
A 1 81 ALA 81 1241 1241 ALA ALA A . n 
A 1 82 ILE 82 1242 1242 ILE ILE A . n 
A 1 83 LYS 83 1243 1243 LYS LYS A . n 
A 1 84 LYS 84 1244 1244 LYS LYS A . n 
A 1 85 LEU 85 1245 1245 LEU LEU A . n 
A 1 86 ASN 86 1246 1246 ASN ASN A . n 
A 1 87 GLU 87 1247 1247 GLU GLU A . n 
A 1 88 SER 88 1248 1248 SER SER A . n 
A 1 89 TYR 89 1249 1249 TYR TYR A . n 
A 1 90 ILE 90 1250 1250 ILE ILE A . n 
A 1 91 ASN 91 1251 1251 ASN ASN A . n 
A 1 92 LEU 92 1252 1252 LEU LEU A . n 
A 1 93 LYS 93 1253 1253 LYS LYS A . n 
A 1 94 GLU 94 1254 1254 GLU GLU A . n 
B 1 1  ASN 1  969  ?    ?   ?   B . n 
B 1 2  GLN 2  970  970  GLN GLN B . n 
B 1 3  LYS 3  971  971  LYS LYS B . n 
B 1 4  MET 4  972  972  MET MET B . n 
B 1 5  ILE 5  973  973  ILE ILE B . n 
B 1 6  ALA 6  974  974  ALA ALA B . n 
B 1 7  SER 7  975  975  SER SER B . n 
B 1 8  ALA 8  976  976  ALA ALA B . n 
B 1 9  PHE 9  977  977  PHE PHE B . n 
B 1 10 ASN 10 978  978  ASN ASN B . n 
B 1 11 ASN 11 979  979  ASN ASN B . n 
B 1 12 ALA 12 980  980  ALA ALA B . n 
B 1 13 LEU 13 981  981  LEU LEU B . n 
B 1 14 GLY 14 982  982  GLY GLY B . n 
B 1 15 ALA 15 983  983  ALA ALA B . n 
B 1 16 ILE 16 984  984  ILE ILE B . n 
B 1 17 GLN 17 985  985  GLN GLN B . n 
B 1 18 ASP 18 986  986  ASP ASP B . n 
B 1 19 GLY 19 987  987  GLY GLY B . n 
B 1 20 PHE 20 988  988  PHE PHE B . n 
B 1 21 ASP 21 989  989  ASP ASP B . n 
B 1 22 ALA 22 990  990  ALA ALA B . n 
B 1 23 THR 23 991  991  THR THR B . n 
B 1 24 ASN 24 992  992  ASN ASN B . n 
B 1 25 SER 25 993  993  SER SER B . n 
B 1 26 ALA 26 994  994  ALA ALA B . n 
B 1 27 LEU 27 995  995  LEU LEU B . n 
B 1 28 GLY 28 996  996  GLY GLY B . n 
B 1 29 LYS 29 997  997  LYS LYS B . n 
B 1 30 ILE 30 998  998  ILE ILE B . n 
B 1 31 GLN 31 999  999  GLN GLN B . n 
B 1 32 SER 32 1000 1000 SER SER B . n 
B 1 33 VAL 33 1001 1001 VAL VAL B . n 
B 1 34 VAL 34 1002 1002 VAL VAL B . n 
B 1 35 ASN 35 1003 1003 ASN ASN B . n 
B 1 36 ALA 36 1004 1004 ALA ALA B . n 
B 1 37 ASN 37 1005 1005 ASN ASN B . n 
B 1 38 ALA 38 1006 1006 ALA ALA B . n 
B 1 39 GLU 39 1007 1007 GLU GLU B . n 
B 1 40 ALA 40 1008 1008 ALA ALA B . n 
B 1 41 LEU 41 1009 1009 LEU LEU B . n 
B 1 42 ASN 42 1010 1010 ASN ASN B . n 
B 1 43 ASN 43 1011 1011 ASN ASN B . n 
B 1 44 LEU 44 1012 1012 LEU LEU B . n 
B 1 45 LEU 45 1013 1013 LEU LEU B . n 
B 1 46 ASN 46 1014 1014 ASN ASN B . n 
B 1 47 GLN 47 1015 1015 GLN GLN B . n 
B 1 48 LEU 48 1016 1016 LEU LEU B . n 
B 1 49 SER 49 1017 1017 SER SER B . n 
B 1 50 LEU 50 1210 ?    ?   ?   B . n 
B 1 51 VAL 51 1211 ?    ?   ?   B . n 
B 1 52 PRO 52 1212 ?    ?   ?   B . n 
B 1 53 ARG 53 1213 ?    ?   ?   B . n 
B 1 54 GLY 54 1214 ?    ?   ?   B . n 
B 1 55 SER 55 1215 ?    ?   ?   B . n 
B 1 56 GLY 56 1216 ?    ?   ?   B . n 
B 1 57 GLY 57 1217 ?    ?   ?   B . n 
B 1 58 SER 58 1218 ?    ?   ?   B . n 
B 1 59 GLY 59 1219 ?    ?   ?   B . n 
B 1 60 GLY 60 1220 ?    ?   ?   B . n 
B 1 61 SER 61 1221 ?    ?   ?   B . n 
B 1 62 GLY 62 1222 ?    ?   ?   B . n 
B 1 63 GLY 63 1223 ?    ?   ?   B . n 
B 1 64 LEU 64 1224 ?    ?   ?   B . n 
B 1 65 ASN 65 1225 ?    ?   ?   B . n 
B 1 66 VAL 66 1226 ?    ?   ?   B . n 
B 1 67 THR 67 1227 ?    ?   ?   B . n 
B 1 68 LEU 68 1228 ?    ?   ?   B . n 
B 1 69 LEU 69 1229 1229 LEU LEU B . n 
B 1 70 ASP 70 1230 1230 ASP ASP B . n 
B 1 71 LEU 71 1231 1231 LEU LEU B . n 
B 1 72 THR 72 1232 1232 THR THR B . n 
B 1 73 TYR 73 1233 1233 TYR TYR B . n 
B 1 74 GLU 74 1234 1234 GLU GLU B . n 
B 1 75 MET 75 1235 1235 MET MET B . n 
B 1 76 ASN 76 1236 1236 ASN ASN B . n 
B 1 77 ARG 77 1237 1237 ARG ARG B . n 
B 1 78 ILE 78 1238 1238 ILE ILE B . n 
B 1 79 GLN 79 1239 1239 GLN GLN B . n 
B 1 80 ASP 80 1240 1240 ASP ASP B . n 
B 1 81 ALA 81 1241 1241 ALA ALA B . n 
B 1 82 ILE 82 1242 1242 ILE ILE B . n 
B 1 83 LYS 83 1243 1243 LYS LYS B . n 
B 1 84 LYS 84 1244 1244 LYS LYS B . n 
B 1 85 LEU 85 1245 1245 LEU LEU B . n 
B 1 86 ASN 86 1246 1246 ASN ASN B . n 
B 1 87 GLU 87 1247 1247 GLU GLU B . n 
B 1 88 SER 88 1248 1248 SER SER B . n 
B 1 89 TYR 89 1249 1249 TYR TYR B . n 
B 1 90 ILE 90 1250 1250 ILE ILE B . n 
B 1 91 ASN 91 1251 1251 ASN ASN B . n 
B 1 92 LEU 92 1252 1252 LEU LEU B . n 
B 1 93 LYS 93 1253 1253 LYS LYS B . n 
B 1 94 GLU 94 1254 1254 GLU GLU B . n 
# 
loop_
_pdbx_nonpoly_scheme.asym_id 
_pdbx_nonpoly_scheme.entity_id 
_pdbx_nonpoly_scheme.mon_id 
_pdbx_nonpoly_scheme.ndb_seq_num 
_pdbx_nonpoly_scheme.pdb_seq_num 
_pdbx_nonpoly_scheme.auth_seq_num 
_pdbx_nonpoly_scheme.pdb_mon_id 
_pdbx_nonpoly_scheme.auth_mon_id 
_pdbx_nonpoly_scheme.pdb_strand_id 
_pdbx_nonpoly_scheme.pdb_ins_code 
C 2 HOH 1   1   1   HOH TIP A . 
C 2 HOH 2   6   6   HOH TIP A . 
C 2 HOH 3   7   7   HOH TIP A . 
C 2 HOH 4   8   8   HOH TIP A . 
C 2 HOH 5   11  11  HOH TIP A . 
C 2 HOH 6   12  12  HOH TIP A . 
C 2 HOH 7   13  13  HOH TIP A . 
C 2 HOH 8   14  14  HOH TIP A . 
C 2 HOH 9   16  16  HOH TIP A . 
C 2 HOH 10  17  17  HOH TIP A . 
C 2 HOH 11  18  18  HOH TIP A . 
C 2 HOH 12  20  20  HOH TIP A . 
C 2 HOH 13  21  21  HOH TIP A . 
C 2 HOH 14  22  22  HOH TIP A . 
C 2 HOH 15  23  23  HOH TIP A . 
C 2 HOH 16  27  27  HOH TIP A . 
C 2 HOH 17  29  29  HOH TIP A . 
C 2 HOH 18  31  31  HOH TIP A . 
C 2 HOH 19  36  36  HOH TIP A . 
C 2 HOH 20  37  37  HOH TIP A . 
C 2 HOH 21  41  41  HOH TIP A . 
C 2 HOH 22  44  44  HOH TIP A . 
C 2 HOH 23  45  45  HOH TIP A . 
C 2 HOH 24  46  46  HOH TIP A . 
C 2 HOH 25  47  47  HOH TIP A . 
C 2 HOH 26  50  50  HOH TIP A . 
C 2 HOH 27  51  51  HOH TIP A . 
C 2 HOH 28  52  52  HOH TIP A . 
C 2 HOH 29  53  53  HOH TIP A . 
C 2 HOH 30  55  55  HOH TIP A . 
C 2 HOH 31  56  56  HOH TIP A . 
C 2 HOH 32  57  57  HOH TIP A . 
C 2 HOH 33  60  60  HOH TIP A . 
C 2 HOH 34  61  61  HOH TIP A . 
C 2 HOH 35  63  63  HOH TIP A . 
C 2 HOH 36  65  65  HOH TIP A . 
C 2 HOH 37  66  66  HOH TIP A . 
C 2 HOH 38  68  68  HOH TIP A . 
C 2 HOH 39  73  73  HOH TIP A . 
C 2 HOH 40  74  74  HOH TIP A . 
C 2 HOH 41  76  76  HOH TIP A . 
C 2 HOH 42  77  77  HOH TIP A . 
C 2 HOH 43  80  80  HOH TIP A . 
C 2 HOH 44  89  89  HOH TIP A . 
C 2 HOH 45  90  90  HOH TIP A . 
C 2 HOH 46  93  93  HOH TIP A . 
C 2 HOH 47  95  95  HOH TIP A . 
C 2 HOH 48  96  96  HOH TIP A . 
C 2 HOH 49  97  97  HOH TIP A . 
C 2 HOH 50  98  98  HOH TIP A . 
C 2 HOH 51  99  99  HOH TIP A . 
C 2 HOH 52  100 100 HOH TIP A . 
C 2 HOH 53  101 101 HOH TIP A . 
C 2 HOH 54  103 103 HOH TIP A . 
C 2 HOH 55  104 104 HOH TIP A . 
C 2 HOH 56  107 107 HOH TIP A . 
C 2 HOH 57  108 108 HOH TIP A . 
C 2 HOH 58  109 109 HOH TIP A . 
C 2 HOH 59  111 111 HOH TIP A . 
C 2 HOH 60  112 112 HOH TIP A . 
C 2 HOH 61  113 113 HOH TIP A . 
C 2 HOH 62  116 116 HOH TIP A . 
C 2 HOH 63  118 118 HOH TIP A . 
C 2 HOH 64  119 119 HOH TIP A . 
C 2 HOH 65  120 120 HOH TIP A . 
C 2 HOH 66  127 127 HOH TIP A . 
C 2 HOH 67  132 132 HOH TIP A . 
C 2 HOH 68  133 133 HOH TIP A . 
C 2 HOH 69  136 136 HOH TIP A . 
C 2 HOH 70  138 138 HOH TIP A . 
C 2 HOH 71  140 140 HOH TIP A . 
C 2 HOH 72  144 144 HOH TIP A . 
C 2 HOH 73  145 145 HOH TIP A . 
C 2 HOH 74  146 146 HOH TIP A . 
C 2 HOH 75  148 148 HOH TIP A . 
C 2 HOH 76  150 150 HOH TIP A . 
C 2 HOH 77  151 151 HOH TIP A . 
C 2 HOH 78  152 152 HOH TIP A . 
C 2 HOH 79  153 153 HOH TIP A . 
C 2 HOH 80  156 156 HOH TIP A . 
C 2 HOH 81  159 159 HOH TIP A . 
C 2 HOH 82  161 161 HOH TIP A . 
C 2 HOH 83  162 162 HOH TIP A . 
C 2 HOH 84  164 164 HOH TIP A . 
C 2 HOH 85  165 165 HOH TIP A . 
C 2 HOH 86  167 167 HOH TIP A . 
C 2 HOH 87  168 168 HOH TIP A . 
C 2 HOH 88  171 171 HOH TIP A . 
C 2 HOH 89  172 172 HOH TIP A . 
C 2 HOH 90  177 177 HOH TIP A . 
C 2 HOH 91  179 179 HOH TIP A . 
C 2 HOH 92  182 182 HOH TIP A . 
C 2 HOH 93  183 183 HOH TIP A . 
C 2 HOH 94  186 186 HOH TIP A . 
C 2 HOH 95  187 187 HOH TIP A . 
C 2 HOH 96  188 188 HOH TIP A . 
C 2 HOH 97  190 190 HOH TIP A . 
C 2 HOH 98  192 192 HOH TIP A . 
C 2 HOH 99  196 196 HOH TIP A . 
C 2 HOH 100 198 198 HOH TIP A . 
C 2 HOH 101 199 199 HOH TIP A . 
C 2 HOH 102 202 202 HOH TIP A . 
C 2 HOH 103 203 203 HOH TIP A . 
C 2 HOH 104 207 207 HOH TIP A . 
C 2 HOH 105 209 209 HOH TIP A . 
C 2 HOH 106 216 216 HOH TIP A . 
C 2 HOH 107 217 217 HOH TIP A . 
C 2 HOH 108 218 218 HOH TIP A . 
C 2 HOH 109 222 222 HOH TIP A . 
C 2 HOH 110 228 228 HOH TIP A . 
C 2 HOH 111 230 230 HOH TIP A . 
C 2 HOH 112 232 232 HOH TIP A . 
C 2 HOH 113 233 233 HOH TIP A . 
C 2 HOH 114 235 235 HOH TIP A . 
C 2 HOH 115 238 238 HOH TIP A . 
C 2 HOH 116 240 240 HOH TIP A . 
C 2 HOH 117 242 242 HOH TIP A . 
C 2 HOH 118 245 245 HOH TIP A . 
C 2 HOH 119 246 246 HOH TIP A . 
C 2 HOH 120 247 247 HOH TIP A . 
C 2 HOH 121 250 250 HOH TIP A . 
C 2 HOH 122 252 252 HOH TIP A . 
C 2 HOH 123 253 253 HOH TIP A . 
C 2 HOH 124 255 255 HOH TIP A . 
C 2 HOH 125 257 257 HOH TIP A . 
C 2 HOH 126 258 258 HOH TIP A . 
C 2 HOH 127 260 260 HOH TIP A . 
C 2 HOH 128 261 261 HOH TIP A . 
C 2 HOH 129 262 262 HOH TIP A . 
C 2 HOH 130 263 263 HOH TIP A . 
C 2 HOH 131 264 264 HOH TIP A . 
C 2 HOH 132 266 266 HOH TIP A . 
C 2 HOH 133 267 267 HOH TIP A . 
C 2 HOH 134 269 269 HOH TIP A . 
C 2 HOH 135 274 274 HOH TIP A . 
C 2 HOH 136 277 277 HOH TIP A . 
C 2 HOH 137 278 278 HOH TIP A . 
C 2 HOH 138 279 279 HOH TIP A . 
C 2 HOH 139 280 280 HOH TIP A . 
C 2 HOH 140 281 281 HOH TIP A . 
C 2 HOH 141 283 283 HOH TIP A . 
C 2 HOH 142 284 284 HOH TIP A . 
C 2 HOH 143 285 285 HOH TIP A . 
C 2 HOH 144 288 288 HOH TIP A . 
C 2 HOH 145 289 289 HOH TIP A . 
C 2 HOH 146 290 290 HOH TIP A . 
C 2 HOH 147 292 292 HOH TIP A . 
C 2 HOH 148 296 296 HOH TIP A . 
C 2 HOH 149 299 299 HOH TIP A . 
C 2 HOH 150 300 300 HOH TIP A . 
C 2 HOH 151 302 302 HOH TIP A . 
C 2 HOH 152 303 303 HOH TIP A . 
C 2 HOH 153 305 305 HOH TIP A . 
C 2 HOH 154 307 307 HOH TIP A . 
C 2 HOH 155 309 309 HOH TIP A . 
C 2 HOH 156 311 311 HOH TIP A . 
C 2 HOH 157 312 312 HOH TIP A . 
C 2 HOH 158 313 313 HOH TIP A . 
C 2 HOH 159 315 315 HOH TIP A . 
C 2 HOH 160 316 316 HOH TIP A . 
C 2 HOH 161 317 317 HOH TIP A . 
C 2 HOH 162 318 318 HOH TIP A . 
C 2 HOH 163 320 320 HOH TIP A . 
C 2 HOH 164 322 322 HOH TIP A . 
C 2 HOH 165 323 323 HOH TIP A . 
C 2 HOH 166 326 326 HOH TIP A . 
C 2 HOH 167 327 327 HOH TIP A . 
C 2 HOH 168 328 328 HOH TIP A . 
C 2 HOH 169 332 332 HOH TIP A . 
C 2 HOH 170 333 333 HOH TIP A . 
C 2 HOH 171 334 334 HOH TIP A . 
C 2 HOH 172 336 336 HOH TIP A . 
C 2 HOH 173 337 337 HOH TIP A . 
C 2 HOH 174 338 338 HOH TIP A . 
C 2 HOH 175 341 341 HOH TIP A . 
C 2 HOH 176 343 343 HOH TIP A . 
C 2 HOH 177 352 352 HOH TIP A . 
C 2 HOH 178 353 353 HOH TIP A . 
D 2 HOH 1   2   2   HOH TIP B . 
D 2 HOH 2   3   3   HOH TIP B . 
D 2 HOH 3   4   4   HOH TIP B . 
D 2 HOH 4   5   5   HOH TIP B . 
D 2 HOH 5   9   9   HOH TIP B . 
D 2 HOH 6   10  10  HOH TIP B . 
D 2 HOH 7   15  15  HOH TIP B . 
D 2 HOH 8   19  19  HOH TIP B . 
D 2 HOH 9   24  24  HOH TIP B . 
D 2 HOH 10  25  25  HOH TIP B . 
D 2 HOH 11  26  26  HOH TIP B . 
D 2 HOH 12  28  28  HOH TIP B . 
D 2 HOH 13  30  30  HOH TIP B . 
D 2 HOH 14  32  32  HOH TIP B . 
D 2 HOH 15  33  33  HOH TIP B . 
D 2 HOH 16  34  34  HOH TIP B . 
D 2 HOH 17  35  35  HOH TIP B . 
D 2 HOH 18  38  38  HOH TIP B . 
D 2 HOH 19  39  39  HOH TIP B . 
D 2 HOH 20  40  40  HOH TIP B . 
D 2 HOH 21  42  42  HOH TIP B . 
D 2 HOH 22  43  43  HOH TIP B . 
D 2 HOH 23  48  48  HOH TIP B . 
D 2 HOH 24  49  49  HOH TIP B . 
D 2 HOH 25  54  54  HOH TIP B . 
D 2 HOH 26  58  58  HOH TIP B . 
D 2 HOH 27  59  59  HOH TIP B . 
D 2 HOH 28  62  62  HOH TIP B . 
D 2 HOH 29  64  64  HOH TIP B . 
D 2 HOH 30  67  67  HOH TIP B . 
D 2 HOH 31  69  69  HOH TIP B . 
D 2 HOH 32  70  70  HOH TIP B . 
D 2 HOH 33  71  71  HOH TIP B . 
D 2 HOH 34  72  72  HOH TIP B . 
D 2 HOH 35  75  75  HOH TIP B . 
D 2 HOH 36  78  78  HOH TIP B . 
D 2 HOH 37  79  79  HOH TIP B . 
D 2 HOH 38  81  81  HOH TIP B . 
D 2 HOH 39  82  82  HOH TIP B . 
D 2 HOH 40  83  83  HOH TIP B . 
D 2 HOH 41  84  84  HOH TIP B . 
D 2 HOH 42  85  85  HOH TIP B . 
D 2 HOH 43  86  86  HOH TIP B . 
D 2 HOH 44  87  87  HOH TIP B . 
D 2 HOH 45  88  88  HOH TIP B . 
D 2 HOH 46  91  91  HOH TIP B . 
D 2 HOH 47  92  92  HOH TIP B . 
D 2 HOH 48  94  94  HOH TIP B . 
D 2 HOH 49  102 102 HOH TIP B . 
D 2 HOH 50  105 105 HOH TIP B . 
D 2 HOH 51  106 106 HOH TIP B . 
D 2 HOH 52  110 110 HOH TIP B . 
D 2 HOH 53  114 114 HOH TIP B . 
D 2 HOH 54  115 115 HOH TIP B . 
D 2 HOH 55  117 117 HOH TIP B . 
D 2 HOH 56  121 121 HOH TIP B . 
D 2 HOH 57  122 122 HOH TIP B . 
D 2 HOH 58  123 123 HOH TIP B . 
D 2 HOH 59  124 124 HOH TIP B . 
D 2 HOH 60  125 125 HOH TIP B . 
D 2 HOH 61  126 126 HOH TIP B . 
D 2 HOH 62  128 128 HOH TIP B . 
D 2 HOH 63  129 129 HOH TIP B . 
D 2 HOH 64  130 130 HOH TIP B . 
D 2 HOH 65  131 131 HOH TIP B . 
D 2 HOH 66  134 134 HOH TIP B . 
D 2 HOH 67  135 135 HOH TIP B . 
D 2 HOH 68  137 137 HOH TIP B . 
D 2 HOH 69  139 139 HOH TIP B . 
D 2 HOH 70  141 141 HOH TIP B . 
D 2 HOH 71  142 142 HOH TIP B . 
D 2 HOH 72  143 143 HOH TIP B . 
D 2 HOH 73  147 147 HOH TIP B . 
D 2 HOH 74  149 149 HOH TIP B . 
D 2 HOH 75  154 154 HOH TIP B . 
D 2 HOH 76  155 155 HOH TIP B . 
D 2 HOH 77  157 157 HOH TIP B . 
D 2 HOH 78  158 158 HOH TIP B . 
D 2 HOH 79  160 160 HOH TIP B . 
D 2 HOH 80  163 163 HOH TIP B . 
D 2 HOH 81  166 166 HOH TIP B . 
D 2 HOH 82  169 169 HOH TIP B . 
D 2 HOH 83  170 170 HOH TIP B . 
D 2 HOH 84  173 173 HOH TIP B . 
D 2 HOH 85  174 174 HOH TIP B . 
D 2 HOH 86  175 175 HOH TIP B . 
D 2 HOH 87  176 176 HOH TIP B . 
D 2 HOH 88  178 178 HOH TIP B . 
D 2 HOH 89  180 180 HOH TIP B . 
D 2 HOH 90  181 181 HOH TIP B . 
D 2 HOH 91  184 184 HOH TIP B . 
D 2 HOH 92  185 185 HOH TIP B . 
D 2 HOH 93  189 189 HOH TIP B . 
D 2 HOH 94  191 191 HOH TIP B . 
D 2 HOH 95  193 193 HOH TIP B . 
D 2 HOH 96  194 194 HOH TIP B . 
D 2 HOH 97  195 195 HOH TIP B . 
D 2 HOH 98  197 197 HOH TIP B . 
D 2 HOH 99  200 200 HOH TIP B . 
D 2 HOH 100 201 201 HOH TIP B . 
D 2 HOH 101 204 204 HOH TIP B . 
D 2 HOH 102 205 205 HOH TIP B . 
D 2 HOH 103 206 206 HOH TIP B . 
D 2 HOH 104 208 208 HOH TIP B . 
D 2 HOH 105 210 210 HOH TIP B . 
D 2 HOH 106 211 211 HOH TIP B . 
D 2 HOH 107 212 212 HOH TIP B . 
D 2 HOH 108 213 213 HOH TIP B . 
D 2 HOH 109 214 214 HOH TIP B . 
D 2 HOH 110 215 215 HOH TIP B . 
D 2 HOH 111 219 219 HOH TIP B . 
D 2 HOH 112 220 220 HOH TIP B . 
D 2 HOH 113 221 221 HOH TIP B . 
D 2 HOH 114 223 223 HOH TIP B . 
D 2 HOH 115 224 224 HOH TIP B . 
D 2 HOH 116 225 225 HOH TIP B . 
D 2 HOH 117 226 226 HOH TIP B . 
D 2 HOH 118 227 227 HOH TIP B . 
D 2 HOH 119 229 229 HOH TIP B . 
D 2 HOH 120 231 231 HOH TIP B . 
D 2 HOH 121 234 234 HOH TIP B . 
D 2 HOH 122 236 236 HOH TIP B . 
D 2 HOH 123 237 237 HOH TIP B . 
D 2 HOH 124 239 239 HOH TIP B . 
D 2 HOH 125 241 241 HOH TIP B . 
D 2 HOH 126 243 243 HOH TIP B . 
D 2 HOH 127 244 244 HOH TIP B . 
D 2 HOH 128 248 248 HOH TIP B . 
D 2 HOH 129 249 249 HOH TIP B . 
D 2 HOH 130 251 251 HOH TIP B . 
D 2 HOH 131 254 254 HOH TIP B . 
D 2 HOH 132 256 256 HOH TIP B . 
D 2 HOH 133 259 259 HOH TIP B . 
D 2 HOH 134 265 265 HOH TIP B . 
D 2 HOH 135 268 268 HOH TIP B . 
D 2 HOH 136 270 270 HOH TIP B . 
D 2 HOH 137 271 271 HOH TIP B . 
D 2 HOH 138 272 272 HOH TIP B . 
D 2 HOH 139 273 273 HOH TIP B . 
D 2 HOH 140 275 275 HOH TIP B . 
D 2 HOH 141 276 276 HOH TIP B . 
D 2 HOH 142 282 282 HOH TIP B . 
D 2 HOH 143 286 286 HOH TIP B . 
D 2 HOH 144 287 287 HOH TIP B . 
D 2 HOH 145 291 291 HOH TIP B . 
D 2 HOH 146 293 293 HOH TIP B . 
D 2 HOH 147 294 294 HOH TIP B . 
D 2 HOH 148 295 295 HOH TIP B . 
D 2 HOH 149 297 297 HOH TIP B . 
D 2 HOH 150 298 298 HOH TIP B . 
D 2 HOH 151 301 301 HOH TIP B . 
D 2 HOH 152 304 304 HOH TIP B . 
D 2 HOH 153 306 306 HOH TIP B . 
D 2 HOH 154 308 308 HOH TIP B . 
D 2 HOH 155 310 310 HOH TIP B . 
D 2 HOH 156 314 314 HOH TIP B . 
D 2 HOH 157 319 319 HOH TIP B . 
D 2 HOH 158 321 321 HOH TIP B . 
D 2 HOH 159 324 324 HOH TIP B . 
D 2 HOH 160 325 325 HOH TIP B . 
D 2 HOH 161 329 329 HOH TIP B . 
D 2 HOH 162 330 330 HOH TIP B . 
D 2 HOH 163 331 331 HOH TIP B . 
D 2 HOH 164 335 335 HOH TIP B . 
D 2 HOH 165 339 339 HOH TIP B . 
D 2 HOH 166 340 340 HOH TIP B . 
D 2 HOH 167 342 342 HOH TIP B . 
D 2 HOH 168 344 344 HOH TIP B . 
D 2 HOH 169 345 345 HOH TIP B . 
D 2 HOH 170 346 346 HOH TIP B . 
D 2 HOH 171 347 347 HOH TIP B . 
D 2 HOH 172 348 348 HOH TIP B . 
D 2 HOH 173 349 349 HOH TIP B . 
D 2 HOH 174 350 350 HOH TIP B . 
D 2 HOH 175 351 351 HOH TIP B . 
# 
loop_
_software.name 
_software.classification 
_software.version 
_software.citation_id 
_software.pdbx_ordinal 
HKL-2000  'data collection' . ? 1 
SCALEPACK 'data scaling'    . ? 2 
CNS       refinement        . ? 3 
HKL-2000  'data reduction'  . ? 4 
CNS       phasing           . ? 5 
# 
_cell.entry_id           1WDG 
_cell.length_a           51.6 
_cell.length_b           51.6 
_cell.length_c           198.2 
_cell.angle_alpha        90 
_cell.angle_beta         90 
_cell.angle_gamma        120 
_cell.pdbx_unique_axis   ? 
_cell.Z_PDB              18 
# 
_symmetry.entry_id                         1WDG 
_symmetry.space_group_name_H-M             'H 3' 
_symmetry.pdbx_full_space_group_name_H-M   ? 
_symmetry.Int_Tables_number                146 
_symmetry.cell_setting                     ? 
# 
_exptl.entry_id          1WDG 
_exptl.method            'X-RAY DIFFRACTION' 
_exptl.crystals_number   1 
# 
_exptl_crystal.id                    1 
_exptl_crystal.density_meas          ? 
_exptl_crystal.density_Matthews      2.57 
_exptl_crystal.density_percent_sol   52.10 
_exptl_crystal.description           ? 
# 
_exptl_crystal_grow.crystal_id      1 
_exptl_crystal_grow.method          'VAPOR DIFFUSION, HANGING DROP' 
_exptl_crystal_grow.temp            291 
_exptl_crystal_grow.temp_details    ? 
_exptl_crystal_grow.pH              6.5 
_exptl_crystal_grow.pdbx_details    'PEG4000, pH 6.5, VAPOR DIFFUSION, HANGING DROP, temperature 291K' 
_exptl_crystal_grow.pdbx_pH_range   . 
# 
_diffrn.id                     1 
_diffrn.ambient_temp           100 
_diffrn.ambient_temp_details   ? 
_diffrn.crystal_id             1 
# 
_diffrn_detector.diffrn_id              1 
_diffrn_detector.detector               'IMAGE PLATE' 
_diffrn_detector.type                   'RIGAKU RAXIS IV' 
_diffrn_detector.pdbx_collection_date   2004-01-14 
_diffrn_detector.details                ? 
# 
_diffrn_radiation.diffrn_id                        1 
_diffrn_radiation.wavelength_id                    1 
_diffrn_radiation.pdbx_monochromatic_or_laue_m_l   M 
_diffrn_radiation.monochromator                    'SAGITALLY FOCUSED Si(111)' 
_diffrn_radiation.pdbx_diffrn_protocol             'SINGLE WAVELENGTH' 
_diffrn_radiation.pdbx_scattering_type             x-ray 
# 
_diffrn_radiation_wavelength.id           1 
_diffrn_radiation_wavelength.wavelength   1.5418 
_diffrn_radiation_wavelength.wt           1.0 
# 
_diffrn_source.diffrn_id                   1 
_diffrn_source.source                      'ROTATING ANODE' 
_diffrn_source.type                        RIGAKU 
_diffrn_source.pdbx_synchrotron_site       ? 
_diffrn_source.pdbx_synchrotron_beamline   ? 
_diffrn_source.pdbx_wavelength             ? 
_diffrn_source.pdbx_wavelength_list        1.5418 
# 
_reflns.entry_id                     1WDG 
_reflns.observed_criterion_sigma_F   2 
_reflns.observed_criterion_sigma_I   2 
_reflns.d_resolution_high            2.06 
_reflns.d_resolution_low             50 
_reflns.number_all                   ? 
_reflns.number_obs                   12068 
_reflns.percent_possible_obs         ? 
_reflns.pdbx_Rmerge_I_obs            ? 
_reflns.pdbx_Rsym_value              ? 
_reflns.pdbx_netI_over_sigmaI        ? 
_reflns.B_iso_Wilson_estimate        ? 
_reflns.pdbx_redundancy              ? 
_reflns.R_free_details               ? 
_reflns.limit_h_max                  ? 
_reflns.limit_h_min                  ? 
_reflns.limit_k_max                  ? 
_reflns.limit_k_min                  ? 
_reflns.limit_l_max                  ? 
_reflns.limit_l_min                  ? 
_reflns.observed_criterion_F_max     ? 
_reflns.observed_criterion_F_min     ? 
_reflns.pdbx_ordinal                 1 
_reflns.pdbx_diffrn_id               1 
_reflns.pdbx_CC_half                 ? 
_reflns.pdbx_Rpim_I_all              ? 
_reflns.pdbx_Rrim_I_all              ? 
# 
_reflns_shell.d_res_high             2.06 
_reflns_shell.d_res_low              2.13 
_reflns_shell.percent_possible_all   ? 
_reflns_shell.Rmerge_I_obs           ? 
_reflns_shell.pdbx_Rsym_value        ? 
_reflns_shell.meanI_over_sigI_obs    ? 
_reflns_shell.pdbx_redundancy        ? 
_reflns_shell.percent_possible_obs   ? 
_reflns_shell.number_unique_all      ? 
_reflns_shell.pdbx_ordinal           1 
_reflns_shell.pdbx_diffrn_id         1 
_reflns_shell.number_measured_obs    ? 
_reflns_shell.number_unique_obs      ? 
_reflns_shell.pdbx_CC_half           ? 
_reflns_shell.pdbx_Rpim_I_all        ? 
_reflns_shell.pdbx_Rrim_I_all        ? 
# 
_refine.entry_id                                 1WDG 
_refine.ls_d_res_high                            2.06 
_refine.ls_d_res_low                             50 
_refine.pdbx_ls_sigma_F                          0 
_refine.pdbx_ls_sigma_I                          ? 
_refine.ls_number_reflns_all                     12194 
_refine.ls_number_reflns_obs                     11689 
_refine.ls_number_reflns_R_free                  597 
_refine.ls_percent_reflns_obs                    ? 
_refine.ls_R_factor_all                          0.269 
_refine.ls_R_factor_obs                          0.262 
_refine.ls_R_factor_R_work                       0.26 
_refine.ls_R_factor_R_free                       0.298 
_refine.ls_redundancy_reflns_obs                 ? 
_refine.pdbx_data_cutoff_high_absF               ? 
_refine.pdbx_data_cutoff_low_absF                ? 
_refine.ls_number_parameters                     ? 
_refine.ls_number_restraints                     ? 
_refine.ls_percent_reflns_R_free                 ? 
_refine.ls_R_factor_R_free_error                 ? 
_refine.ls_R_factor_R_free_error_details         ? 
_refine.pdbx_method_to_determine_struct          'MOLECULAR REPLACEMENT' 
_refine.pdbx_starting_model                      ? 
_refine.pdbx_ls_cross_valid_method               ? 
_refine.pdbx_R_Free_selection_details            ? 
_refine.pdbx_stereochem_target_val_spec_case     ? 
_refine.pdbx_stereochemistry_target_values       ? 
_refine.solvent_model_details                    ? 
_refine.solvent_model_param_bsol                 ? 
_refine.solvent_model_param_ksol                 ? 
_refine.occupancy_max                            ? 
_refine.occupancy_min                            ? 
_refine.pdbx_isotropic_thermal_model             ? 
_refine.B_iso_mean                               ? 
_refine.aniso_B[1][1]                            ? 
_refine.aniso_B[1][2]                            ? 
_refine.aniso_B[1][3]                            ? 
_refine.aniso_B[2][2]                            ? 
_refine.aniso_B[2][3]                            ? 
_refine.aniso_B[3][3]                            ? 
_refine.details                                  ? 
_refine.B_iso_min                                ? 
_refine.B_iso_max                                ? 
_refine.correlation_coeff_Fo_to_Fc               ? 
_refine.correlation_coeff_Fo_to_Fc_free          ? 
_refine.pdbx_solvent_vdw_probe_radii             ? 
_refine.pdbx_solvent_ion_probe_radii             ? 
_refine.pdbx_solvent_shrinkage_radii             ? 
_refine.overall_SU_R_Cruickshank_DPI             ? 
_refine.overall_SU_R_free                        ? 
_refine.overall_SU_B                             ? 
_refine.overall_SU_ML                            ? 
_refine.pdbx_overall_ESU_R                       ? 
_refine.pdbx_overall_ESU_R_Free                  ? 
_refine.pdbx_data_cutoff_high_rms_absF           ? 
_refine.pdbx_refine_id                           'X-RAY DIFFRACTION' 
_refine.pdbx_diffrn_id                           1 
_refine.pdbx_TLS_residual_ADP_flag               ? 
_refine.pdbx_overall_phase_error                 ? 
_refine.pdbx_overall_SU_R_free_Cruickshank_DPI   ? 
_refine.pdbx_overall_SU_R_Blow_DPI               ? 
_refine.pdbx_overall_SU_R_free_Blow_DPI          ? 
# 
_refine_hist.pdbx_refine_id                   'X-RAY DIFFRACTION' 
_refine_hist.cycle_id                         LAST 
_refine_hist.pdbx_number_atoms_protein        1190 
_refine_hist.pdbx_number_atoms_nucleic_acid   0 
_refine_hist.pdbx_number_atoms_ligand         0 
_refine_hist.number_atoms_solvent             353 
_refine_hist.number_atoms_total               1543 
_refine_hist.d_res_high                       2.06 
_refine_hist.d_res_low                        50 
# 
loop_
_refine_ls_restr.type 
_refine_ls_restr.dev_ideal 
_refine_ls_restr.dev_ideal_target 
_refine_ls_restr.weight 
_refine_ls_restr.number 
_refine_ls_restr.pdbx_refine_id 
_refine_ls_restr.pdbx_restraint_function 
c_angle_deg 1.4   ? ? ? 'X-RAY DIFFRACTION' ? 
c_bond_d    0.012 ? ? ? 'X-RAY DIFFRACTION' ? 
# 
_struct.entry_id                  1WDG 
_struct.title                     'crystal structure of MHV spike protein fusion core' 
_struct.pdbx_model_details        ? 
_struct.pdbx_CASP_flag            ? 
_struct.pdbx_model_type_details   ? 
# 
_struct_keywords.entry_id        1WDG 
_struct_keywords.pdbx_keywords   'VIRAL PROTEIN' 
_struct_keywords.text            'MHV, coronavirus, heptad repeat, fusion core, viral entry, Viral protein' 
# 
loop_
_struct_asym.id 
_struct_asym.pdbx_blank_PDB_chainid_flag 
_struct_asym.pdbx_modified 
_struct_asym.entity_id 
_struct_asym.details 
A N N 1 ? 
B N N 1 ? 
C N N 2 ? 
D N N 2 ? 
# 
_struct_ref.id                         1 
_struct_ref.db_name                    UNP 
_struct_ref.db_code                    VGL2_CVMA5 
_struct_ref.entity_id                  1 
_struct_ref.pdbx_seq_one_letter_code   ? 
_struct_ref.pdbx_align_begin           969 
_struct_ref.pdbx_db_accession          P11224 
_struct_ref.pdbx_db_isoform            ? 
# 
loop_
_struct_ref_seq.align_id 
_struct_ref_seq.ref_id 
_struct_ref_seq.pdbx_PDB_id_code 
_struct_ref_seq.pdbx_strand_id 
_struct_ref_seq.seq_align_beg 
_struct_ref_seq.pdbx_seq_align_beg_ins_code 
_struct_ref_seq.seq_align_end 
_struct_ref_seq.pdbx_seq_align_end_ins_code 
_struct_ref_seq.pdbx_db_accession 
_struct_ref_seq.db_align_beg 
_struct_ref_seq.pdbx_db_align_beg_ins_code 
_struct_ref_seq.db_align_end 
_struct_ref_seq.pdbx_db_align_end_ins_code 
_struct_ref_seq.pdbx_auth_seq_align_beg 
_struct_ref_seq.pdbx_auth_seq_align_end 
1 1 1WDG A 1  ? 49 ? P11224 969  ? 1017 ? 969  1017 
2 1 1WDG A 64 ? 94 ? P11224 1224 ? 1254 ? 1224 1254 
3 1 1WDG B 1  ? 49 ? P11224 969  ? 1017 ? 969  1017 
4 1 1WDG B 64 ? 94 ? P11224 1224 ? 1254 ? 1224 1254 
# 
loop_
_struct_ref_seq_dif.align_id 
_struct_ref_seq_dif.pdbx_pdb_id_code 
_struct_ref_seq_dif.mon_id 
_struct_ref_seq_dif.pdbx_pdb_strand_id 
_struct_ref_seq_dif.seq_num 
_struct_ref_seq_dif.pdbx_pdb_ins_code 
_struct_ref_seq_dif.pdbx_seq_db_name 
_struct_ref_seq_dif.pdbx_seq_db_accession_code 
_struct_ref_seq_dif.db_mon_id 
_struct_ref_seq_dif.pdbx_seq_db_seq_num 
_struct_ref_seq_dif.details 
_struct_ref_seq_dif.pdbx_auth_seq_num 
_struct_ref_seq_dif.pdbx_ordinal 
1 1WDG LEU A 50 ? UNP P11224 ? ? linker 1018 1  
1 1WDG VAL A 51 ? UNP P11224 ? ? linker 1211 2  
1 1WDG PRO A 52 ? UNP P11224 ? ? linker 1212 3  
1 1WDG ARG A 53 ? UNP P11224 ? ? linker 1213 4  
1 1WDG GLY A 54 ? UNP P11224 ? ? linker 1214 5  
1 1WDG SER A 55 ? UNP P11224 ? ? linker 1215 6  
1 1WDG GLY A 56 ? UNP P11224 ? ? linker 1216 7  
1 1WDG GLY A 57 ? UNP P11224 ? ? linker 1217 8  
1 1WDG SER A 58 ? UNP P11224 ? ? linker 1218 9  
1 1WDG GLY A 59 ? UNP P11224 ? ? linker 1219 10 
1 1WDG GLY A 60 ? UNP P11224 ? ? linker 1220 11 
1 1WDG SER A 61 ? UNP P11224 ? ? linker 1221 12 
1 1WDG GLY A 62 ? UNP P11224 ? ? linker 1222 13 
1 1WDG GLY A 63 ? UNP P11224 ? ? linker 1223 14 
3 1WDG LEU B 50 ? UNP P11224 ? ? linker 1210 15 
3 1WDG VAL B 51 ? UNP P11224 ? ? linker 1211 16 
3 1WDG PRO B 52 ? UNP P11224 ? ? linker 1212 17 
3 1WDG ARG B 53 ? UNP P11224 ? ? linker 1213 18 
3 1WDG GLY B 54 ? UNP P11224 ? ? linker 1214 19 
3 1WDG SER B 55 ? UNP P11224 ? ? linker 1215 20 
3 1WDG GLY B 56 ? UNP P11224 ? ? linker 1216 21 
3 1WDG GLY B 57 ? UNP P11224 ? ? linker 1217 22 
3 1WDG SER B 58 ? UNP P11224 ? ? linker 1218 23 
3 1WDG GLY B 59 ? UNP P11224 ? ? linker 1219 24 
3 1WDG GLY B 60 ? UNP P11224 ? ? linker 1220 25 
3 1WDG SER B 61 ? UNP P11224 ? ? linker 1221 26 
3 1WDG GLY B 62 ? UNP P11224 ? ? linker 1222 27 
3 1WDG GLY B 63 ? UNP P11224 ? ? linker 1223 28 
# 
loop_
_pdbx_struct_assembly.id 
_pdbx_struct_assembly.details 
_pdbx_struct_assembly.method_details 
_pdbx_struct_assembly.oligomeric_details 
_pdbx_struct_assembly.oligomeric_count 
1 author_defined_assembly   ?        hexameric 6 
2 software_defined_assembly PISA,PQS trimeric  3 
3 software_defined_assembly PQS      trimeric  3 
# 
loop_
_pdbx_struct_assembly_prop.biol_id 
_pdbx_struct_assembly_prop.type 
_pdbx_struct_assembly_prop.value 
_pdbx_struct_assembly_prop.details 
2 'ABSA (A^2)' 6510  ? 
2 MORE         -70   ? 
2 'SSA (A^2)'  11370 ? 
# 
loop_
_pdbx_struct_assembly_gen.assembly_id 
_pdbx_struct_assembly_gen.oper_expression 
_pdbx_struct_assembly_gen.asym_id_list 
1 1,2,3 A,B,C,D 
2 1,2,3 B,D     
3 1,4,5 A,C     
# 
loop_
_pdbx_struct_oper_list.id 
_pdbx_struct_oper_list.type 
_pdbx_struct_oper_list.name 
_pdbx_struct_oper_list.symmetry_operation 
_pdbx_struct_oper_list.matrix[1][1] 
_pdbx_struct_oper_list.matrix[1][2] 
_pdbx_struct_oper_list.matrix[1][3] 
_pdbx_struct_oper_list.vector[1] 
_pdbx_struct_oper_list.matrix[2][1] 
_pdbx_struct_oper_list.matrix[2][2] 
_pdbx_struct_oper_list.matrix[2][3] 
_pdbx_struct_oper_list.vector[2] 
_pdbx_struct_oper_list.matrix[3][1] 
_pdbx_struct_oper_list.matrix[3][2] 
_pdbx_struct_oper_list.matrix[3][3] 
_pdbx_struct_oper_list.vector[3] 
1 'identity operation'         1_555 x,y,z         1.0000000000 0.0000000000  0.0000000000 0.0000000000   0.0000000000  1.0000000000  0.0000000000  0.0000000000   0.0000000000 0.0000000000  1.0000000000 0.0000000000   
2 'crystal symmetry operation' 2_635 -y+1,x-y-2,z  0.0360753499 -0.4827208800 0.8750309259 9.3876421539   0.8576923592  -0.4344291757 -0.2750183781 23.3945265894  0.5128960773 0.7604287234  0.3983538258 -13.5722176335 
3 'crystal symmetry operation' 3_865 -x+y+3,-x+1,z 0.0360753499 0.8576923592  0.5128960773 -13.4428319928 -0.4827208800 -0.4344291757 0.7604287234  25.0155799140  0.8750309259 -0.2750183781 0.3983538258 3.6259923709   
4 'crystal symmetry operation' 2_645 -y+1,x-y-1,z  0.0360753499 -0.4827208800 0.8750309259 -3.2080879304  0.8576923592  -0.4344291757 -0.2750183781 -21.6039550892 0.5128960773 0.7604287234  0.3983538258 8.3148614376   
5 'crystal symmetry operation' 3_765 -x+y+2,-x+1,z 0.0360753499 0.8576923592  0.5128960773 14.3806202884  -0.4827208800 -0.4344291757 0.7604287234  -17.2568588975 0.8750309259 -0.2750183781 0.3983538258 -6.4465654018 
# 
_struct_biol.id                    1 
_struct_biol.details               'three molecules in one biological unit and two molecules in one asymmetric unit' 
_struct_biol.pdbx_parent_biol_id   ? 
# 
loop_
_struct_conf.conf_type_id 
_struct_conf.id 
_struct_conf.pdbx_PDB_helix_id 
_struct_conf.beg_label_comp_id 
_struct_conf.beg_label_asym_id 
_struct_conf.beg_label_seq_id 
_struct_conf.pdbx_beg_PDB_ins_code 
_struct_conf.end_label_comp_id 
_struct_conf.end_label_asym_id 
_struct_conf.end_label_seq_id 
_struct_conf.pdbx_end_PDB_ins_code 
_struct_conf.beg_auth_comp_id 
_struct_conf.beg_auth_asym_id 
_struct_conf.beg_auth_seq_id 
_struct_conf.end_auth_comp_id 
_struct_conf.end_auth_asym_id 
_struct_conf.end_auth_seq_id 
_struct_conf.pdbx_PDB_helix_class 
_struct_conf.details 
_struct_conf.pdbx_PDB_helix_length 
HELX_P HELX_P1 1 ASN A 1  ? LEU A 48 ? ASN A 969  LEU A 1016 1 ? 48 
HELX_P HELX_P2 2 LEU A 71 ? TYR A 89 ? LEU A 1231 TYR A 1249 1 ? 19 
HELX_P HELX_P3 3 GLN B 2  ? ASN B 46 ? GLN B 970  ASN B 1014 1 ? 45 
HELX_P HELX_P4 4 LEU B 71 ? GLU B 87 ? LEU B 1231 GLU B 1247 1 ? 17 
# 
_struct_conf_type.id          HELX_P 
_struct_conf_type.criteria    ? 
_struct_conf_type.reference   ? 
# 
loop_
_pdbx_validate_close_contact.id 
_pdbx_validate_close_contact.PDB_model_num 
_pdbx_validate_close_contact.auth_atom_id_1 
_pdbx_validate_close_contact.auth_asym_id_1 
_pdbx_validate_close_contact.auth_comp_id_1 
_pdbx_validate_close_contact.auth_seq_id_1 
_pdbx_validate_close_contact.PDB_ins_code_1 
_pdbx_validate_close_contact.label_alt_id_1 
_pdbx_validate_close_contact.auth_atom_id_2 
_pdbx_validate_close_contact.auth_asym_id_2 
_pdbx_validate_close_contact.auth_comp_id_2 
_pdbx_validate_close_contact.auth_seq_id_2 
_pdbx_validate_close_contact.PDB_ins_code_2 
_pdbx_validate_close_contact.label_alt_id_2 
_pdbx_validate_close_contact.dist 
1 1 NH1 A ARG 1237 ? ? O A HOH 303 ? ? 1.93 
2 1 O   B ASN 1011 ? ? O B HOH 273 ? ? 2.04 
3 1 O   A LEU 1252 ? ? O A HOH 179 ? ? 2.14 
4 1 OD2 B ASP 986  ? ? O B HOH 331 ? ? 2.16 
5 1 N   B GLN 1015 ? ? O B HOH 273 ? ? 2.17 
6 1 O   B SER 975  ? ? O B HOH 295 ? ? 2.19 
# 
loop_
_pdbx_validate_symm_contact.id 
_pdbx_validate_symm_contact.PDB_model_num 
_pdbx_validate_symm_contact.auth_atom_id_1 
_pdbx_validate_symm_contact.auth_asym_id_1 
_pdbx_validate_symm_contact.auth_comp_id_1 
_pdbx_validate_symm_contact.auth_seq_id_1 
_pdbx_validate_symm_contact.PDB_ins_code_1 
_pdbx_validate_symm_contact.label_alt_id_1 
_pdbx_validate_symm_contact.site_symmetry_1 
_pdbx_validate_symm_contact.auth_atom_id_2 
_pdbx_validate_symm_contact.auth_asym_id_2 
_pdbx_validate_symm_contact.auth_comp_id_2 
_pdbx_validate_symm_contact.auth_seq_id_2 
_pdbx_validate_symm_contact.PDB_ins_code_2 
_pdbx_validate_symm_contact.label_alt_id_2 
_pdbx_validate_symm_contact.site_symmetry_2 
_pdbx_validate_symm_contact.dist 
1 1 OE2 B GLU 1254 ? ? 1_555 O   A HOH 228  ? ? 3_765 2.16 
2 1 OG  B SER 993  ? ? 1_555 OE2 B GLU 1234 ? ? 2_635 2.18 
3 1 ND2 B ASN 1005 ? ? 1_555 O   B HOH 195  ? ? 2_635 2.19 
# 
loop_
_pdbx_unobs_or_zero_occ_residues.id 
_pdbx_unobs_or_zero_occ_residues.PDB_model_num 
_pdbx_unobs_or_zero_occ_residues.polymer_flag 
_pdbx_unobs_or_zero_occ_residues.occupancy_flag 
_pdbx_unobs_or_zero_occ_residues.auth_asym_id 
_pdbx_unobs_or_zero_occ_residues.auth_comp_id 
_pdbx_unobs_or_zero_occ_residues.auth_seq_id 
_pdbx_unobs_or_zero_occ_residues.PDB_ins_code 
_pdbx_unobs_or_zero_occ_residues.label_asym_id 
_pdbx_unobs_or_zero_occ_residues.label_comp_id 
_pdbx_unobs_or_zero_occ_residues.label_seq_id 
1  1 Y 1 A VAL 1211 ? A VAL 51 
2  1 Y 1 A PRO 1212 ? A PRO 52 
3  1 Y 1 A ARG 1213 ? A ARG 53 
4  1 Y 1 A GLY 1214 ? A GLY 54 
5  1 Y 1 A SER 1215 ? A SER 55 
6  1 Y 1 A GLY 1216 ? A GLY 56 
7  1 Y 1 A GLY 1217 ? A GLY 57 
8  1 Y 1 A SER 1218 ? A SER 58 
9  1 Y 1 A GLY 1219 ? A GLY 59 
10 1 Y 1 A GLY 1220 ? A GLY 60 
11 1 Y 1 A SER 1221 ? A SER 61 
12 1 Y 1 A GLY 1222 ? A GLY 62 
13 1 Y 1 A GLY 1223 ? A GLY 63 
14 1 Y 1 B ASN 969  ? B ASN 1  
15 1 Y 1 B LEU 1210 ? B LEU 50 
16 1 Y 1 B VAL 1211 ? B VAL 51 
17 1 Y 1 B PRO 1212 ? B PRO 52 
18 1 Y 1 B ARG 1213 ? B ARG 53 
19 1 Y 1 B GLY 1214 ? B GLY 54 
20 1 Y 1 B SER 1215 ? B SER 55 
21 1 Y 1 B GLY 1216 ? B GLY 56 
22 1 Y 1 B GLY 1217 ? B GLY 57 
23 1 Y 1 B SER 1218 ? B SER 58 
24 1 Y 1 B GLY 1219 ? B GLY 59 
25 1 Y 1 B GLY 1220 ? B GLY 60 
26 1 Y 1 B SER 1221 ? B SER 61 
27 1 Y 1 B GLY 1222 ? B GLY 62 
28 1 Y 1 B GLY 1223 ? B GLY 63 
29 1 Y 1 B LEU 1224 ? B LEU 64 
30 1 Y 1 B ASN 1225 ? B ASN 65 
31 1 Y 1 B VAL 1226 ? B VAL 66 
32 1 Y 1 B THR 1227 ? B THR 67 
33 1 Y 1 B LEU 1228 ? B LEU 68 
# 
loop_
_chem_comp_atom.comp_id 
_chem_comp_atom.atom_id 
_chem_comp_atom.type_symbol 
_chem_comp_atom.pdbx_aromatic_flag 
_chem_comp_atom.pdbx_stereo_config 
_chem_comp_atom.pdbx_ordinal 
ALA N    N N N 1   
ALA CA   C N S 2   
ALA C    C N N 3   
ALA O    O N N 4   
ALA CB   C N N 5   
ALA OXT  O N N 6   
ALA H    H N N 7   
ALA H2   H N N 8   
ALA HA   H N N 9   
ALA HB1  H N N 10  
ALA HB2  H N N 11  
ALA HB3  H N N 12  
ALA HXT  H N N 13  
ARG N    N N N 14  
ARG CA   C N S 15  
ARG C    C N N 16  
ARG O    O N N 17  
ARG CB   C N N 18  
ARG CG   C N N 19  
ARG CD   C N N 20  
ARG NE   N N N 21  
ARG CZ   C N N 22  
ARG NH1  N N N 23  
ARG NH2  N N N 24  
ARG OXT  O N N 25  
ARG H    H N N 26  
ARG H2   H N N 27  
ARG HA   H N N 28  
ARG HB2  H N N 29  
ARG HB3  H N N 30  
ARG HG2  H N N 31  
ARG HG3  H N N 32  
ARG HD2  H N N 33  
ARG HD3  H N N 34  
ARG HE   H N N 35  
ARG HH11 H N N 36  
ARG HH12 H N N 37  
ARG HH21 H N N 38  
ARG HH22 H N N 39  
ARG HXT  H N N 40  
ASN N    N N N 41  
ASN CA   C N S 42  
ASN C    C N N 43  
ASN O    O N N 44  
ASN CB   C N N 45  
ASN CG   C N N 46  
ASN OD1  O N N 47  
ASN ND2  N N N 48  
ASN OXT  O N N 49  
ASN H    H N N 50  
ASN H2   H N N 51  
ASN HA   H N N 52  
ASN HB2  H N N 53  
ASN HB3  H N N 54  
ASN HD21 H N N 55  
ASN HD22 H N N 56  
ASN HXT  H N N 57  
ASP N    N N N 58  
ASP CA   C N S 59  
ASP C    C N N 60  
ASP O    O N N 61  
ASP CB   C N N 62  
ASP CG   C N N 63  
ASP OD1  O N N 64  
ASP OD2  O N N 65  
ASP OXT  O N N 66  
ASP H    H N N 67  
ASP H2   H N N 68  
ASP HA   H N N 69  
ASP HB2  H N N 70  
ASP HB3  H N N 71  
ASP HD2  H N N 72  
ASP HXT  H N N 73  
GLN N    N N N 74  
GLN CA   C N S 75  
GLN C    C N N 76  
GLN O    O N N 77  
GLN CB   C N N 78  
GLN CG   C N N 79  
GLN CD   C N N 80  
GLN OE1  O N N 81  
GLN NE2  N N N 82  
GLN OXT  O N N 83  
GLN H    H N N 84  
GLN H2   H N N 85  
GLN HA   H N N 86  
GLN HB2  H N N 87  
GLN HB3  H N N 88  
GLN HG2  H N N 89  
GLN HG3  H N N 90  
GLN HE21 H N N 91  
GLN HE22 H N N 92  
GLN HXT  H N N 93  
GLU N    N N N 94  
GLU CA   C N S 95  
GLU C    C N N 96  
GLU O    O N N 97  
GLU CB   C N N 98  
GLU CG   C N N 99  
GLU CD   C N N 100 
GLU OE1  O N N 101 
GLU OE2  O N N 102 
GLU OXT  O N N 103 
GLU H    H N N 104 
GLU H2   H N N 105 
GLU HA   H N N 106 
GLU HB2  H N N 107 
GLU HB3  H N N 108 
GLU HG2  H N N 109 
GLU HG3  H N N 110 
GLU HE2  H N N 111 
GLU HXT  H N N 112 
GLY N    N N N 113 
GLY CA   C N N 114 
GLY C    C N N 115 
GLY O    O N N 116 
GLY OXT  O N N 117 
GLY H    H N N 118 
GLY H2   H N N 119 
GLY HA2  H N N 120 
GLY HA3  H N N 121 
GLY HXT  H N N 122 
HOH O    O N N 123 
HOH H1   H N N 124 
HOH H2   H N N 125 
ILE N    N N N 126 
ILE CA   C N S 127 
ILE C    C N N 128 
ILE O    O N N 129 
ILE CB   C N S 130 
ILE CG1  C N N 131 
ILE CG2  C N N 132 
ILE CD1  C N N 133 
ILE OXT  O N N 134 
ILE H    H N N 135 
ILE H2   H N N 136 
ILE HA   H N N 137 
ILE HB   H N N 138 
ILE HG12 H N N 139 
ILE HG13 H N N 140 
ILE HG21 H N N 141 
ILE HG22 H N N 142 
ILE HG23 H N N 143 
ILE HD11 H N N 144 
ILE HD12 H N N 145 
ILE HD13 H N N 146 
ILE HXT  H N N 147 
LEU N    N N N 148 
LEU CA   C N S 149 
LEU C    C N N 150 
LEU O    O N N 151 
LEU CB   C N N 152 
LEU CG   C N N 153 
LEU CD1  C N N 154 
LEU CD2  C N N 155 
LEU OXT  O N N 156 
LEU H    H N N 157 
LEU H2   H N N 158 
LEU HA   H N N 159 
LEU HB2  H N N 160 
LEU HB3  H N N 161 
LEU HG   H N N 162 
LEU HD11 H N N 163 
LEU HD12 H N N 164 
LEU HD13 H N N 165 
LEU HD21 H N N 166 
LEU HD22 H N N 167 
LEU HD23 H N N 168 
LEU HXT  H N N 169 
LYS N    N N N 170 
LYS CA   C N S 171 
LYS C    C N N 172 
LYS O    O N N 173 
LYS CB   C N N 174 
LYS CG   C N N 175 
LYS CD   C N N 176 
LYS CE   C N N 177 
LYS NZ   N N N 178 
LYS OXT  O N N 179 
LYS H    H N N 180 
LYS H2   H N N 181 
LYS HA   H N N 182 
LYS HB2  H N N 183 
LYS HB3  H N N 184 
LYS HG2  H N N 185 
LYS HG3  H N N 186 
LYS HD2  H N N 187 
LYS HD3  H N N 188 
LYS HE2  H N N 189 
LYS HE3  H N N 190 
LYS HZ1  H N N 191 
LYS HZ2  H N N 192 
LYS HZ3  H N N 193 
LYS HXT  H N N 194 
MET N    N N N 195 
MET CA   C N S 196 
MET C    C N N 197 
MET O    O N N 198 
MET CB   C N N 199 
MET CG   C N N 200 
MET SD   S N N 201 
MET CE   C N N 202 
MET OXT  O N N 203 
MET H    H N N 204 
MET H2   H N N 205 
MET HA   H N N 206 
MET HB2  H N N 207 
MET HB3  H N N 208 
MET HG2  H N N 209 
MET HG3  H N N 210 
MET HE1  H N N 211 
MET HE2  H N N 212 
MET HE3  H N N 213 
MET HXT  H N N 214 
PHE N    N N N 215 
PHE CA   C N S 216 
PHE C    C N N 217 
PHE O    O N N 218 
PHE CB   C N N 219 
PHE CG   C Y N 220 
PHE CD1  C Y N 221 
PHE CD2  C Y N 222 
PHE CE1  C Y N 223 
PHE CE2  C Y N 224 
PHE CZ   C Y N 225 
PHE OXT  O N N 226 
PHE H    H N N 227 
PHE H2   H N N 228 
PHE HA   H N N 229 
PHE HB2  H N N 230 
PHE HB3  H N N 231 
PHE HD1  H N N 232 
PHE HD2  H N N 233 
PHE HE1  H N N 234 
PHE HE2  H N N 235 
PHE HZ   H N N 236 
PHE HXT  H N N 237 
PRO N    N N N 238 
PRO CA   C N S 239 
PRO C    C N N 240 
PRO O    O N N 241 
PRO CB   C N N 242 
PRO CG   C N N 243 
PRO CD   C N N 244 
PRO OXT  O N N 245 
PRO H    H N N 246 
PRO HA   H N N 247 
PRO HB2  H N N 248 
PRO HB3  H N N 249 
PRO HG2  H N N 250 
PRO HG3  H N N 251 
PRO HD2  H N N 252 
PRO HD3  H N N 253 
PRO HXT  H N N 254 
SER N    N N N 255 
SER CA   C N S 256 
SER C    C N N 257 
SER O    O N N 258 
SER CB   C N N 259 
SER OG   O N N 260 
SER OXT  O N N 261 
SER H    H N N 262 
SER H2   H N N 263 
SER HA   H N N 264 
SER HB2  H N N 265 
SER HB3  H N N 266 
SER HG   H N N 267 
SER HXT  H N N 268 
THR N    N N N 269 
THR CA   C N S 270 
THR C    C N N 271 
THR O    O N N 272 
THR CB   C N R 273 
THR OG1  O N N 274 
THR CG2  C N N 275 
THR OXT  O N N 276 
THR H    H N N 277 
THR H2   H N N 278 
THR HA   H N N 279 
THR HB   H N N 280 
THR HG1  H N N 281 
THR HG21 H N N 282 
THR HG22 H N N 283 
THR HG23 H N N 284 
THR HXT  H N N 285 
TYR N    N N N 286 
TYR CA   C N S 287 
TYR C    C N N 288 
TYR O    O N N 289 
TYR CB   C N N 290 
TYR CG   C Y N 291 
TYR CD1  C Y N 292 
TYR CD2  C Y N 293 
TYR CE1  C Y N 294 
TYR CE2  C Y N 295 
TYR CZ   C Y N 296 
TYR OH   O N N 297 
TYR OXT  O N N 298 
TYR H    H N N 299 
TYR H2   H N N 300 
TYR HA   H N N 301 
TYR HB2  H N N 302 
TYR HB3  H N N 303 
TYR HD1  H N N 304 
TYR HD2  H N N 305 
TYR HE1  H N N 306 
TYR HE2  H N N 307 
TYR HH   H N N 308 
TYR HXT  H N N 309 
VAL N    N N N 310 
VAL CA   C N S 311 
VAL C    C N N 312 
VAL O    O N N 313 
VAL CB   C N N 314 
VAL CG1  C N N 315 
VAL CG2  C N N 316 
VAL OXT  O N N 317 
VAL H    H N N 318 
VAL H2   H N N 319 
VAL HA   H N N 320 
VAL HB   H N N 321 
VAL HG11 H N N 322 
VAL HG12 H N N 323 
VAL HG13 H N N 324 
VAL HG21 H N N 325 
VAL HG22 H N N 326 
VAL HG23 H N N 327 
VAL HXT  H N N 328 
# 
loop_
_chem_comp_bond.comp_id 
_chem_comp_bond.atom_id_1 
_chem_comp_bond.atom_id_2 
_chem_comp_bond.value_order 
_chem_comp_bond.pdbx_aromatic_flag 
_chem_comp_bond.pdbx_stereo_config 
_chem_comp_bond.pdbx_ordinal 
ALA N   CA   sing N N 1   
ALA N   H    sing N N 2   
ALA N   H2   sing N N 3   
ALA CA  C    sing N N 4   
ALA CA  CB   sing N N 5   
ALA CA  HA   sing N N 6   
ALA C   O    doub N N 7   
ALA C   OXT  sing N N 8   
ALA CB  HB1  sing N N 9   
ALA CB  HB2  sing N N 10  
ALA CB  HB3  sing N N 11  
ALA OXT HXT  sing N N 12  
ARG N   CA   sing N N 13  
ARG N   H    sing N N 14  
ARG N   H2   sing N N 15  
ARG CA  C    sing N N 16  
ARG CA  CB   sing N N 17  
ARG CA  HA   sing N N 18  
ARG C   O    doub N N 19  
ARG C   OXT  sing N N 20  
ARG CB  CG   sing N N 21  
ARG CB  HB2  sing N N 22  
ARG CB  HB3  sing N N 23  
ARG CG  CD   sing N N 24  
ARG CG  HG2  sing N N 25  
ARG CG  HG3  sing N N 26  
ARG CD  NE   sing N N 27  
ARG CD  HD2  sing N N 28  
ARG CD  HD3  sing N N 29  
ARG NE  CZ   sing N N 30  
ARG NE  HE   sing N N 31  
ARG CZ  NH1  sing N N 32  
ARG CZ  NH2  doub N N 33  
ARG NH1 HH11 sing N N 34  
ARG NH1 HH12 sing N N 35  
ARG NH2 HH21 sing N N 36  
ARG NH2 HH22 sing N N 37  
ARG OXT HXT  sing N N 38  
ASN N   CA   sing N N 39  
ASN N   H    sing N N 40  
ASN N   H2   sing N N 41  
ASN CA  C    sing N N 42  
ASN CA  CB   sing N N 43  
ASN CA  HA   sing N N 44  
ASN C   O    doub N N 45  
ASN C   OXT  sing N N 46  
ASN CB  CG   sing N N 47  
ASN CB  HB2  sing N N 48  
ASN CB  HB3  sing N N 49  
ASN CG  OD1  doub N N 50  
ASN CG  ND2  sing N N 51  
ASN ND2 HD21 sing N N 52  
ASN ND2 HD22 sing N N 53  
ASN OXT HXT  sing N N 54  
ASP N   CA   sing N N 55  
ASP N   H    sing N N 56  
ASP N   H2   sing N N 57  
ASP CA  C    sing N N 58  
ASP CA  CB   sing N N 59  
ASP CA  HA   sing N N 60  
ASP C   O    doub N N 61  
ASP C   OXT  sing N N 62  
ASP CB  CG   sing N N 63  
ASP CB  HB2  sing N N 64  
ASP CB  HB3  sing N N 65  
ASP CG  OD1  doub N N 66  
ASP CG  OD2  sing N N 67  
ASP OD2 HD2  sing N N 68  
ASP OXT HXT  sing N N 69  
GLN N   CA   sing N N 70  
GLN N   H    sing N N 71  
GLN N   H2   sing N N 72  
GLN CA  C    sing N N 73  
GLN CA  CB   sing N N 74  
GLN CA  HA   sing N N 75  
GLN C   O    doub N N 76  
GLN C   OXT  sing N N 77  
GLN CB  CG   sing N N 78  
GLN CB  HB2  sing N N 79  
GLN CB  HB3  sing N N 80  
GLN CG  CD   sing N N 81  
GLN CG  HG2  sing N N 82  
GLN CG  HG3  sing N N 83  
GLN CD  OE1  doub N N 84  
GLN CD  NE2  sing N N 85  
GLN NE2 HE21 sing N N 86  
GLN NE2 HE22 sing N N 87  
GLN OXT HXT  sing N N 88  
GLU N   CA   sing N N 89  
GLU N   H    sing N N 90  
GLU N   H2   sing N N 91  
GLU CA  C    sing N N 92  
GLU CA  CB   sing N N 93  
GLU CA  HA   sing N N 94  
GLU C   O    doub N N 95  
GLU C   OXT  sing N N 96  
GLU CB  CG   sing N N 97  
GLU CB  HB2  sing N N 98  
GLU CB  HB3  sing N N 99  
GLU CG  CD   sing N N 100 
GLU CG  HG2  sing N N 101 
GLU CG  HG3  sing N N 102 
GLU CD  OE1  doub N N 103 
GLU CD  OE2  sing N N 104 
GLU OE2 HE2  sing N N 105 
GLU OXT HXT  sing N N 106 
GLY N   CA   sing N N 107 
GLY N   H    sing N N 108 
GLY N   H2   sing N N 109 
GLY CA  C    sing N N 110 
GLY CA  HA2  sing N N 111 
GLY CA  HA3  sing N N 112 
GLY C   O    doub N N 113 
GLY C   OXT  sing N N 114 
GLY OXT HXT  sing N N 115 
HOH O   H1   sing N N 116 
HOH O   H2   sing N N 117 
ILE N   CA   sing N N 118 
ILE N   H    sing N N 119 
ILE N   H2   sing N N 120 
ILE CA  C    sing N N 121 
ILE CA  CB   sing N N 122 
ILE CA  HA   sing N N 123 
ILE C   O    doub N N 124 
ILE C   OXT  sing N N 125 
ILE CB  CG1  sing N N 126 
ILE CB  CG2  sing N N 127 
ILE CB  HB   sing N N 128 
ILE CG1 CD1  sing N N 129 
ILE CG1 HG12 sing N N 130 
ILE CG1 HG13 sing N N 131 
ILE CG2 HG21 sing N N 132 
ILE CG2 HG22 sing N N 133 
ILE CG2 HG23 sing N N 134 
ILE CD1 HD11 sing N N 135 
ILE CD1 HD12 sing N N 136 
ILE CD1 HD13 sing N N 137 
ILE OXT HXT  sing N N 138 
LEU N   CA   sing N N 139 
LEU N   H    sing N N 140 
LEU N   H2   sing N N 141 
LEU CA  C    sing N N 142 
LEU CA  CB   sing N N 143 
LEU CA  HA   sing N N 144 
LEU C   O    doub N N 145 
LEU C   OXT  sing N N 146 
LEU CB  CG   sing N N 147 
LEU CB  HB2  sing N N 148 
LEU CB  HB3  sing N N 149 
LEU CG  CD1  sing N N 150 
LEU CG  CD2  sing N N 151 
LEU CG  HG   sing N N 152 
LEU CD1 HD11 sing N N 153 
LEU CD1 HD12 sing N N 154 
LEU CD1 HD13 sing N N 155 
LEU CD2 HD21 sing N N 156 
LEU CD2 HD22 sing N N 157 
LEU CD2 HD23 sing N N 158 
LEU OXT HXT  sing N N 159 
LYS N   CA   sing N N 160 
LYS N   H    sing N N 161 
LYS N   H2   sing N N 162 
LYS CA  C    sing N N 163 
LYS CA  CB   sing N N 164 
LYS CA  HA   sing N N 165 
LYS C   O    doub N N 166 
LYS C   OXT  sing N N 167 
LYS CB  CG   sing N N 168 
LYS CB  HB2  sing N N 169 
LYS CB  HB3  sing N N 170 
LYS CG  CD   sing N N 171 
LYS CG  HG2  sing N N 172 
LYS CG  HG3  sing N N 173 
LYS CD  CE   sing N N 174 
LYS CD  HD2  sing N N 175 
LYS CD  HD3  sing N N 176 
LYS CE  NZ   sing N N 177 
LYS CE  HE2  sing N N 178 
LYS CE  HE3  sing N N 179 
LYS NZ  HZ1  sing N N 180 
LYS NZ  HZ2  sing N N 181 
LYS NZ  HZ3  sing N N 182 
LYS OXT HXT  sing N N 183 
MET N   CA   sing N N 184 
MET N   H    sing N N 185 
MET N   H2   sing N N 186 
MET CA  C    sing N N 187 
MET CA  CB   sing N N 188 
MET CA  HA   sing N N 189 
MET C   O    doub N N 190 
MET C   OXT  sing N N 191 
MET CB  CG   sing N N 192 
MET CB  HB2  sing N N 193 
MET CB  HB3  sing N N 194 
MET CG  SD   sing N N 195 
MET CG  HG2  sing N N 196 
MET CG  HG3  sing N N 197 
MET SD  CE   sing N N 198 
MET CE  HE1  sing N N 199 
MET CE  HE2  sing N N 200 
MET CE  HE3  sing N N 201 
MET OXT HXT  sing N N 202 
PHE N   CA   sing N N 203 
PHE N   H    sing N N 204 
PHE N   H2   sing N N 205 
PHE CA  C    sing N N 206 
PHE CA  CB   sing N N 207 
PHE CA  HA   sing N N 208 
PHE C   O    doub N N 209 
PHE C   OXT  sing N N 210 
PHE CB  CG   sing N N 211 
PHE CB  HB2  sing N N 212 
PHE CB  HB3  sing N N 213 
PHE CG  CD1  doub Y N 214 
PHE CG  CD2  sing Y N 215 
PHE CD1 CE1  sing Y N 216 
PHE CD1 HD1  sing N N 217 
PHE CD2 CE2  doub Y N 218 
PHE CD2 HD2  sing N N 219 
PHE CE1 CZ   doub Y N 220 
PHE CE1 HE1  sing N N 221 
PHE CE2 CZ   sing Y N 222 
PHE CE2 HE2  sing N N 223 
PHE CZ  HZ   sing N N 224 
PHE OXT HXT  sing N N 225 
PRO N   CA   sing N N 226 
PRO N   CD   sing N N 227 
PRO N   H    sing N N 228 
PRO CA  C    sing N N 229 
PRO CA  CB   sing N N 230 
PRO CA  HA   sing N N 231 
PRO C   O    doub N N 232 
PRO C   OXT  sing N N 233 
PRO CB  CG   sing N N 234 
PRO CB  HB2  sing N N 235 
PRO CB  HB3  sing N N 236 
PRO CG  CD   sing N N 237 
PRO CG  HG2  sing N N 238 
PRO CG  HG3  sing N N 239 
PRO CD  HD2  sing N N 240 
PRO CD  HD3  sing N N 241 
PRO OXT HXT  sing N N 242 
SER N   CA   sing N N 243 
SER N   H    sing N N 244 
SER N   H2   sing N N 245 
SER CA  C    sing N N 246 
SER CA  CB   sing N N 247 
SER CA  HA   sing N N 248 
SER C   O    doub N N 249 
SER C   OXT  sing N N 250 
SER CB  OG   sing N N 251 
SER CB  HB2  sing N N 252 
SER CB  HB3  sing N N 253 
SER OG  HG   sing N N 254 
SER OXT HXT  sing N N 255 
THR N   CA   sing N N 256 
THR N   H    sing N N 257 
THR N   H2   sing N N 258 
THR CA  C    sing N N 259 
THR CA  CB   sing N N 260 
THR CA  HA   sing N N 261 
THR C   O    doub N N 262 
THR C   OXT  sing N N 263 
THR CB  OG1  sing N N 264 
THR CB  CG2  sing N N 265 
THR CB  HB   sing N N 266 
THR OG1 HG1  sing N N 267 
THR CG2 HG21 sing N N 268 
THR CG2 HG22 sing N N 269 
THR CG2 HG23 sing N N 270 
THR OXT HXT  sing N N 271 
TYR N   CA   sing N N 272 
TYR N   H    sing N N 273 
TYR N   H2   sing N N 274 
TYR CA  C    sing N N 275 
TYR CA  CB   sing N N 276 
TYR CA  HA   sing N N 277 
TYR C   O    doub N N 278 
TYR C   OXT  sing N N 279 
TYR CB  CG   sing N N 280 
TYR CB  HB2  sing N N 281 
TYR CB  HB3  sing N N 282 
TYR CG  CD1  doub Y N 283 
TYR CG  CD2  sing Y N 284 
TYR CD1 CE1  sing Y N 285 
TYR CD1 HD1  sing N N 286 
TYR CD2 CE2  doub Y N 287 
TYR CD2 HD2  sing N N 288 
TYR CE1 CZ   doub Y N 289 
TYR CE1 HE1  sing N N 290 
TYR CE2 CZ   sing Y N 291 
TYR CE2 HE2  sing N N 292 
TYR CZ  OH   sing N N 293 
TYR OH  HH   sing N N 294 
TYR OXT HXT  sing N N 295 
VAL N   CA   sing N N 296 
VAL N   H    sing N N 297 
VAL N   H2   sing N N 298 
VAL CA  C    sing N N 299 
VAL CA  CB   sing N N 300 
VAL CA  HA   sing N N 301 
VAL C   O    doub N N 302 
VAL C   OXT  sing N N 303 
VAL CB  CG1  sing N N 304 
VAL CB  CG2  sing N N 305 
VAL CB  HB   sing N N 306 
VAL CG1 HG11 sing N N 307 
VAL CG1 HG12 sing N N 308 
VAL CG1 HG13 sing N N 309 
VAL CG2 HG21 sing N N 310 
VAL CG2 HG22 sing N N 311 
VAL CG2 HG23 sing N N 312 
VAL OXT HXT  sing N N 313 
# 
_atom_sites.entry_id                    1WDG 
_atom_sites.fract_transf_matrix[1][1]   -0.01708708 
_atom_sites.fract_transf_matrix[1][2]   0.00990195 
_atom_sites.fract_transf_matrix[1][3]   0.01052431 
_atom_sites.fract_transf_matrix[2][1]   -0.01327422 
_atom_sites.fract_transf_matrix[2][2]   -0.01194958 
_atom_sites.fract_transf_matrix[2][3]   0.01348249 
_atom_sites.fract_transf_matrix[3][1]   0.00301598 
_atom_sites.fract_transf_matrix[3][2]   0.00105480 
_atom_sites.fract_transf_matrix[3][3]   0.00390426 
_atom_sites.fract_transf_vector[1]      1.185355 
_atom_sites.fract_transf_vector[2]      -0.113751 
_atom_sites.fract_transf_vector[3]      -0.272965 
# 
loop_
_atom_type.symbol 
C 
N 
O 
S 
# 
loop_
_atom_site.group_PDB 
_atom_site.id 
_atom_site.type_symbol 
_atom_site.label_atom_id 
_atom_site.label_alt_id 
_atom_site.label_comp_id 
_atom_site.label_asym_id 
_atom_site.label_entity_id 
_atom_site.label_seq_id 
_atom_site.pdbx_PDB_ins_code 
_atom_site.Cartn_x 
_atom_site.Cartn_y 
_atom_site.Cartn_z 
_atom_site.occupancy 
_atom_site.B_iso_or_equiv 
_atom_site.pdbx_formal_charge 
_atom_site.auth_seq_id 
_atom_site.auth_comp_id 
_atom_site.auth_asym_id 
_atom_site.auth_atom_id 
_atom_site.pdbx_PDB_model_num 
ATOM   1    N N   . ASN A 1 1  ? -28.640 -28.280 -33.878 1.00 60.52  ? 969  ASN A N   1 
ATOM   2    C CA  . ASN A 1 1  ? -27.237 -28.161 -34.383 1.00 58.27  ? 969  ASN A CA  1 
ATOM   3    C C   . ASN A 1 1  ? -26.703 -26.806 -33.940 1.00 56.16  ? 969  ASN A C   1 
ATOM   4    O O   . ASN A 1 1  ? -25.487 -26.624 -33.685 1.00 54.53  ? 969  ASN A O   1 
ATOM   5    C CB  . ASN A 1 1  ? -27.234 -28.302 -35.902 1.00 60.81  ? 969  ASN A CB  1 
ATOM   6    C CG  . ASN A 1 1  ? -26.959 -29.729 -36.335 1.00 62.92  ? 969  ASN A CG  1 
ATOM   7    O OD1 . ASN A 1 1  ? -26.136 -30.441 -35.701 1.00 60.48  ? 969  ASN A OD1 1 
ATOM   8    N ND2 . ASN A 1 1  ? -27.608 -30.167 -37.441 1.00 64.18  ? 969  ASN A ND2 1 
ATOM   9    N N   . GLN A 1 2  ? -27.588 -25.824 -33.840 1.00 50.34  ? 970  GLN A N   1 
ATOM   10   C CA  . GLN A 1 2  ? -27.120 -24.565 -33.309 1.00 49.97  ? 970  GLN A CA  1 
ATOM   11   C C   . GLN A 1 2  ? -27.456 -24.592 -31.847 1.00 46.67  ? 970  GLN A C   1 
ATOM   12   O O   . GLN A 1 2  ? -26.879 -23.818 -31.077 1.00 48.23  ? 970  GLN A O   1 
ATOM   13   C CB  . GLN A 1 2  ? -27.856 -23.380 -33.860 1.00 48.71  ? 970  GLN A CB  1 
ATOM   14   C CG  . GLN A 1 2  ? -27.896 -23.298 -35.310 1.00 50.09  ? 970  GLN A CG  1 
ATOM   15   C CD  . GLN A 1 2  ? -29.015 -22.387 -35.668 1.00 56.26  ? 970  GLN A CD  1 
ATOM   16   O OE1 . GLN A 1 2  ? -30.014 -22.272 -34.890 1.00 51.25  ? 970  GLN A OE1 1 
ATOM   17   N NE2 . GLN A 1 2  ? -28.909 -21.728 -36.825 1.00 54.58  ? 970  GLN A NE2 1 
ATOM   18   N N   . LYS A 1 3  ? -28.373 -25.469 -31.447 1.00 42.95  ? 971  LYS A N   1 
ATOM   19   C CA  . LYS A 1 3  ? -28.808 -25.564 -30.026 1.00 47.87  ? 971  LYS A CA  1 
ATOM   20   C C   . LYS A 1 3  ? -27.722 -26.197 -29.169 1.00 48.31  ? 971  LYS A C   1 
ATOM   21   O O   . LYS A 1 3  ? -27.398 -25.729 -28.043 1.00 43.24  ? 971  LYS A O   1 
ATOM   22   C CB  . LYS A 1 3  ? -30.051 -26.468 -29.914 1.00 52.60  ? 971  LYS A CB  1 
ATOM   23   C CG  . LYS A 1 3  ? -31.382 -25.867 -30.473 1.00 59.24  ? 971  LYS A CG  1 
ATOM   24   C CD  . LYS A 1 3  ? -31.416 -25.851 -32.056 1.00 61.30  ? 971  LYS A CD  1 
ATOM   25   C CE  . LYS A 1 3  ? -32.772 -25.330 -32.588 1.00 59.35  ? 971  LYS A CE  1 
ATOM   26   N NZ  . LYS A 1 3  ? -33.162 -26.072 -33.917 1.00 59.39  ? 971  LYS A NZ  1 
ATOM   27   N N   . MET A 1 4  ? -27.195 -27.298 -29.696 1.00 46.94  ? 972  MET A N   1 
ATOM   28   C CA  . MET A 1 4  ? -26.156 -28.069 -29.048 1.00 50.38  ? 972  MET A CA  1 
ATOM   29   C C   . MET A 1 4  ? -24.900 -27.221 -28.817 1.00 47.16  ? 972  MET A C   1 
ATOM   30   O O   . MET A 1 4  ? -24.290 -27.295 -27.757 1.00 42.53  ? 972  MET A O   1 
ATOM   31   C CB  . MET A 1 4  ? -25.834 -29.272 -29.921 1.00 54.54  ? 972  MET A CB  1 
ATOM   32   C CG  . MET A 1 4  ? -25.089 -30.384 -29.245 1.00 58.77  ? 972  MET A CG  1 
ATOM   33   S SD  . MET A 1 4  ? -24.014 -31.124 -30.461 1.00 61.85  ? 972  MET A SD  1 
ATOM   34   C CE  . MET A 1 4  ? -22.538 -30.278 -30.087 1.00 61.19  ? 972  MET A CE  1 
ATOM   35   N N   . ILE A 1 5  ? -24.520 -26.421 -29.809 1.00 47.25  ? 973  ILE A N   1 
ATOM   36   C CA  . ILE A 1 5  ? -23.343 -25.562 -29.686 1.00 48.34  ? 973  ILE A CA  1 
ATOM   37   C C   . ILE A 1 5  ? -23.625 -24.530 -28.602 1.00 45.67  ? 973  ILE A C   1 
ATOM   38   O O   . ILE A 1 5  ? -22.894 -24.422 -27.614 1.00 42.74  ? 973  ILE A O   1 
ATOM   39   C CB  . ILE A 1 5  ? -23.047 -24.815 -31.002 1.00 42.60  ? 973  ILE A CB  1 
ATOM   40   C CG1 . ILE A 1 5  ? -23.012 -25.800 -32.161 1.00 47.40  ? 973  ILE A CG1 1 
ATOM   41   C CG2 . ILE A 1 5  ? -21.692 -24.105 -30.915 1.00 49.89  ? 973  ILE A CG2 1 
ATOM   42   C CD1 . ILE A 1 5  ? -22.618 -25.149 -33.487 1.00 46.71  ? 973  ILE A CD1 1 
ATOM   43   N N   . ALA A 1 6  ? -24.710 -23.786 -28.804 1.00 43.36  ? 974  ALA A N   1 
ATOM   44   C CA  . ALA A 1 6  ? -25.150 -22.761 -27.869 1.00 44.34  ? 974  ALA A CA  1 
ATOM   45   C C   . ALA A 1 6  ? -25.219 -23.314 -26.452 1.00 43.93  ? 974  ALA A C   1 
ATOM   46   O O   . ALA A 1 6  ? -24.851 -22.625 -25.494 1.00 37.85  ? 974  ALA A O   1 
ATOM   47   C CB  . ALA A 1 6  ? -26.523 -22.232 -28.284 1.00 43.68  ? 974  ALA A CB  1 
ATOM   48   N N   . SER A 1 7  ? -25.687 -24.559 -26.327 1.00 40.49  ? 975  SER A N   1 
ATOM   49   C CA  . SER A 1 7  ? -25.826 -25.217 -25.024 1.00 37.20  ? 975  SER A CA  1 
ATOM   50   C C   . SER A 1 7  ? -24.485 -25.518 -24.372 1.00 37.14  ? 975  SER A C   1 
ATOM   51   O O   . SER A 1 7  ? -24.315 -25.375 -23.163 1.00 38.82  ? 975  SER A O   1 
ATOM   52   C CB  . SER A 1 7  ? -26.623 -26.515 -25.190 1.00 45.64  ? 975  SER A CB  1 
ATOM   53   O OG  . SER A 1 7  ? -26.640 -27.255 -23.987 1.00 51.73  ? 975  SER A OG  1 
ATOM   54   N N   . ALA A 1 8  ? -23.535 -25.954 -25.182 1.00 35.17  ? 976  ALA A N   1 
ATOM   55   C CA  . ALA A 1 8  ? -22.184 -26.283 -24.717 1.00 34.76  ? 976  ALA A CA  1 
ATOM   56   C C   . ALA A 1 8  ? -21.414 -24.997 -24.364 1.00 36.46  ? 976  ALA A C   1 
ATOM   57   O O   . ALA A 1 8  ? -20.529 -25.005 -23.515 1.00 42.06  ? 976  ALA A O   1 
ATOM   58   C CB  . ALA A 1 8  ? -21.454 -27.051 -25.812 1.00 30.78  ? 976  ALA A CB  1 
ATOM   59   N N   . PHE A 1 9  ? -21.774 -23.896 -25.025 1.00 39.18  ? 977  PHE A N   1 
ATOM   60   C CA  . PHE A 1 9  ? -21.155 -22.586 -24.799 1.00 35.61  ? 977  PHE A CA  1 
ATOM   61   C C   . PHE A 1 9  ? -21.659 -22.061 -23.460 1.00 38.97  ? 977  PHE A C   1 
ATOM   62   O O   . PHE A 1 9  ? -20.878 -21.801 -22.551 1.00 43.85  ? 977  PHE A O   1 
ATOM   63   C CB  . PHE A 1 9  ? -21.542 -21.653 -25.947 1.00 26.60  ? 977  PHE A CB  1 
ATOM   64   C CG  . PHE A 1 9  ? -21.073 -20.224 -25.792 1.00 36.38  ? 977  PHE A CG  1 
ATOM   65   C CD1 . PHE A 1 9  ? -19.740 -19.881 -25.973 1.00 28.55  ? 977  PHE A CD1 1 
ATOM   66   C CD2 . PHE A 1 9  ? -21.995 -19.206 -25.531 1.00 29.61  ? 977  PHE A CD2 1 
ATOM   67   C CE1 . PHE A 1 9  ? -19.333 -18.564 -25.911 1.00 35.53  ? 977  PHE A CE1 1 
ATOM   68   C CE2 . PHE A 1 9  ? -21.598 -17.876 -25.464 1.00 33.29  ? 977  PHE A CE2 1 
ATOM   69   C CZ  . PHE A 1 9  ? -20.258 -17.551 -25.659 1.00 38.16  ? 977  PHE A CZ  1 
ATOM   70   N N   . ASN A 1 10 ? -22.974 -21.935 -23.324 1.00 37.21  ? 978  ASN A N   1 
ATOM   71   C CA  . ASN A 1 10 ? -23.542 -21.442 -22.082 1.00 34.94  ? 978  ASN A CA  1 
ATOM   72   C C   . ASN A 1 10 ? -22.910 -22.166 -20.884 1.00 34.75  ? 978  ASN A C   1 
ATOM   73   O O   . ASN A 1 10 ? -22.418 -21.520 -19.961 1.00 32.92  ? 978  ASN A O   1 
ATOM   74   C CB  . ASN A 1 10 ? -25.059 -21.608 -22.104 1.00 36.09  ? 978  ASN A CB  1 
ATOM   75   C CG  . ASN A 1 10 ? -25.751 -20.587 -23.014 1.00 41.70  ? 978  ASN A CG  1 
ATOM   76   O OD1 . ASN A 1 10 ? -25.108 -19.706 -23.598 1.00 39.94  ? 978  ASN A OD1 1 
ATOM   77   N ND2 . ASN A 1 10 ? -27.070 -20.703 -23.132 1.00 41.86  ? 978  ASN A ND2 1 
ATOM   78   N N   . ASN A 1 11 ? -22.907 -23.499 -20.918 1.00 33.79  ? 979  ASN A N   1 
ATOM   79   C CA  . ASN A 1 11 ? -22.299 -24.320 -19.867 1.00 37.50  ? 979  ASN A CA  1 
ATOM   80   C C   . ASN A 1 11 ? -20.883 -23.816 -19.623 1.00 37.50  ? 979  ASN A C   1 
ATOM   81   O O   . ASN A 1 11 ? -20.465 -23.620 -18.475 1.00 41.25  ? 979  ASN A O   1 
ATOM   82   C CB  . ASN A 1 11 ? -22.265 -25.786 -20.308 1.00 35.94  ? 979  ASN A CB  1 
ATOM   83   C CG  . ASN A 1 11 ? -21.664 -26.714 -19.256 1.00 45.33  ? 979  ASN A CG  1 
ATOM   84   O OD1 . ASN A 1 11 ? -20.516 -27.176 -19.388 1.00 49.36  ? 979  ASN A OD1 1 
ATOM   85   N ND2 . ASN A 1 11 ? -22.435 -26.994 -18.203 1.00 40.80  ? 979  ASN A ND2 1 
ATOM   86   N N   . ALA A 1 12 ? -20.157 -23.580 -20.713 1.00 34.03  ? 980  ALA A N   1 
ATOM   87   C CA  . ALA A 1 12 ? -18.787 -23.068 -20.645 1.00 33.56  ? 980  ALA A CA  1 
ATOM   88   C C   . ALA A 1 12 ? -18.706 -21.705 -19.982 1.00 33.24  ? 980  ALA A C   1 
ATOM   89   O O   . ALA A 1 12 ? -17.789 -21.445 -19.185 1.00 25.38  ? 980  ALA A O   1 
ATOM   90   C CB  . ALA A 1 12 ? -18.192 -22.978 -22.048 1.00 27.38  ? 980  ALA A CB  1 
ATOM   91   N N   . LEU A 1 13 ? -19.633 -20.806 -20.331 1.00 25.13  ? 981  LEU A N   1 
ATOM   92   C CA  . LEU A 1 13 ? -19.613 -19.474 -19.727 1.00 27.23  ? 981  LEU A CA  1 
ATOM   93   C C   . LEU A 1 13 ? -19.798 -19.599 -18.223 1.00 30.21  ? 981  LEU A C   1 
ATOM   94   O O   . LEU A 1 13 ? -19.226 -18.837 -17.469 1.00 24.73  ? 981  LEU A O   1 
ATOM   95   C CB  . LEU A 1 13 ? -20.748 -18.597 -20.260 1.00 32.99  ? 981  LEU A CB  1 
ATOM   96   C CG  . LEU A 1 13 ? -20.823 -18.173 -21.728 1.00 33.03  ? 981  LEU A CG  1 
ATOM   97   C CD1 . LEU A 1 13 ? -22.121 -17.325 -21.919 1.00 31.18  ? 981  LEU A CD1 1 
ATOM   98   C CD2 . LEU A 1 13 ? -19.557 -17.382 -22.095 1.00 32.09  ? 981  LEU A CD2 1 
ATOM   99   N N   . GLY A 1 14 ? -20.631 -20.552 -17.791 1.00 26.56  ? 982  GLY A N   1 
ATOM   100  C CA  . GLY A 1 14 ? -20.867 -20.711 -16.364 1.00 27.58  ? 982  GLY A CA  1 
ATOM   101  C C   . GLY A 1 14 ? -19.596 -21.106 -15.622 1.00 28.21  ? 982  GLY A C   1 
ATOM   102  O O   . GLY A 1 14 ? -19.312 -20.608 -14.529 1.00 26.64  ? 982  GLY A O   1 
ATOM   103  N N   . ALA A 1 15 ? -18.840 -22.019 -16.215 1.00 28.21  ? 983  ALA A N   1 
ATOM   104  C CA  . ALA A 1 15 ? -17.601 -22.480 -15.601 1.00 30.55  ? 983  ALA A CA  1 
ATOM   105  C C   . ALA A 1 15 ? -16.490 -21.396 -15.650 1.00 34.65  ? 983  ALA A C   1 
ATOM   106  O O   . ALA A 1 15 ? -15.693 -21.289 -14.715 1.00 32.18  ? 983  ALA A O   1 
ATOM   107  C CB  . ALA A 1 15 ? -17.139 -23.703 -16.292 1.00 24.40  ? 983  ALA A CB  1 
ATOM   108  N N   . ILE A 1 16 ? -16.438 -20.608 -16.730 1.00 28.24  ? 984  ILE A N   1 
ATOM   109  C CA  . ILE A 1 16 ? -15.395 -19.575 -16.835 1.00 28.03  ? 984  ILE A CA  1 
ATOM   110  C C   . ILE A 1 16 ? -15.578 -18.545 -15.748 1.00 29.21  ? 984  ILE A C   1 
ATOM   111  O O   . ILE A 1 16 ? -14.623 -18.253 -15.034 1.00 31.19  ? 984  ILE A O   1 
ATOM   112  C CB  . ILE A 1 16 ? -15.377 -18.919 -18.216 1.00 25.99  ? 984  ILE A CB  1 
ATOM   113  C CG1 . ILE A 1 16 ? -14.900 -19.948 -19.237 1.00 24.59  ? 984  ILE A CG1 1 
ATOM   114  C CG2 . ILE A 1 16 ? -14.428 -17.691 -18.212 1.00 23.36  ? 984  ILE A CG2 1 
ATOM   115  C CD1 . ILE A 1 16 ? -15.049 -19.549 -20.698 1.00 29.26  ? 984  ILE A CD1 1 
ATOM   116  N N   . GLN A 1 17 ? -16.802 -18.028 -15.601 1.00 32.10  ? 985  GLN A N   1 
ATOM   117  C CA  . GLN A 1 17 ? -17.126 -17.061 -14.545 1.00 30.85  ? 985  GLN A CA  1 
ATOM   118  C C   . GLN A 1 17 ? -16.785 -17.688 -13.212 1.00 31.27  ? 985  GLN A C   1 
ATOM   119  O O   . GLN A 1 17 ? -16.188 -17.040 -12.371 1.00 31.15  ? 985  GLN A O   1 
ATOM   120  C CB  . GLN A 1 17 ? -18.623 -16.693 -14.540 1.00 41.36  ? 985  GLN A CB  1 
ATOM   121  C CG  . GLN A 1 17 ? -19.196 -16.281 -15.892 1.00 36.45  ? 985  GLN A CG  1 
ATOM   122  C CD  . GLN A 1 17 ? -20.655 -15.838 -15.804 1.00 39.94  ? 985  GLN A CD  1 
ATOM   123  O OE1 . GLN A 1 17 ? -20.949 -14.662 -15.573 1.00 41.10  ? 985  GLN A OE1 1 
ATOM   124  N NE2 . GLN A 1 17 ? -21.568 -16.777 -15.985 1.00 35.77  ? 985  GLN A NE2 1 
ATOM   125  N N   . ASP A 1 18 ? -17.208 -18.939 -13.011 1.00 26.78  ? 986  ASP A N   1 
ATOM   126  C CA  . ASP A 1 18 ? -16.877 -19.678 -11.776 1.00 32.33  ? 986  ASP A CA  1 
ATOM   127  C C   . ASP A 1 18 ? -15.356 -19.640 -11.548 1.00 23.93  ? 986  ASP A C   1 
ATOM   128  O O   . ASP A 1 18 ? -14.882 -19.451 -10.416 1.00 29.74  ? 986  ASP A O   1 
ATOM   129  C CB  . ASP A 1 18 ? -17.308 -21.171 -11.868 1.00 26.86  ? 986  ASP A CB  1 
ATOM   130  C CG  . ASP A 1 18 ? -18.761 -21.396 -11.471 1.00 32.79  ? 986  ASP A CG  1 
ATOM   131  O OD1 . ASP A 1 18 ? -19.460 -20.406 -11.145 1.00 30.33  ? 986  ASP A OD1 1 
ATOM   132  O OD2 . ASP A 1 18 ? -19.210 -22.570 -11.476 1.00 30.66  ? 986  ASP A OD2 1 
ATOM   133  N N   . GLY A 1 19 ? -14.598 -19.814 -12.632 1.00 28.35  ? 987  GLY A N   1 
ATOM   134  C CA  . GLY A 1 19 ? -13.141 -19.779 -12.523 1.00 25.54  ? 987  GLY A CA  1 
ATOM   135  C C   . GLY A 1 19 ? -12.602 -18.381 -12.211 1.00 27.47  ? 987  GLY A C   1 
ATOM   136  O O   . GLY A 1 19 ? -11.719 -18.235 -11.379 1.00 27.69  ? 987  GLY A O   1 
ATOM   137  N N   . PHE A 1 20 ? -13.120 -17.346 -12.873 1.00 26.38  ? 988  PHE A N   1 
ATOM   138  C CA  . PHE A 1 20 ? -12.657 -15.980 -12.611 1.00 25.32  ? 988  PHE A CA  1 
ATOM   139  C C   . PHE A 1 20 ? -13.127 -15.480 -11.231 1.00 28.91  ? 988  PHE A C   1 
ATOM   140  O O   . PHE A 1 20 ? -12.491 -14.631 -10.629 1.00 26.73  ? 988  PHE A O   1 
ATOM   141  C CB  . PHE A 1 20 ? -13.108 -15.038 -13.735 1.00 28.94  ? 988  PHE A CB  1 
ATOM   142  C CG  . PHE A 1 20 ? -12.227 -15.108 -14.967 1.00 25.97  ? 988  PHE A CG  1 
ATOM   143  C CD1 . PHE A 1 20 ? -12.777 -15.249 -16.219 1.00 31.82  ? 988  PHE A CD1 1 
ATOM   144  C CD2 . PHE A 1 20 ? -10.839 -15.061 -14.848 1.00 33.21  ? 988  PHE A CD2 1 
ATOM   145  C CE1 . PHE A 1 20 ? -11.966 -15.355 -17.342 1.00 31.01  ? 988  PHE A CE1 1 
ATOM   146  C CE2 . PHE A 1 20 ? -10.023 -15.162 -15.966 1.00 25.75  ? 988  PHE A CE2 1 
ATOM   147  C CZ  . PHE A 1 20 ? -10.586 -15.309 -17.210 1.00 29.02  ? 988  PHE A CZ  1 
ATOM   148  N N   . ASP A 1 21 ? -14.226 -16.021 -10.715 1.00 27.86  ? 989  ASP A N   1 
ATOM   149  C CA  . ASP A 1 21 ? -14.688 -15.618 -9.396  1.00 28.18  ? 989  ASP A CA  1 
ATOM   150  C C   . ASP A 1 21 ? -13.735 -16.176 -8.347  1.00 27.51  ? 989  ASP A C   1 
ATOM   151  O O   . ASP A 1 21 ? -13.436 -15.526 -7.342  1.00 30.39  ? 989  ASP A O   1 
ATOM   152  C CB  . ASP A 1 21 ? -16.090 -16.143 -9.129  1.00 33.38  ? 989  ASP A CB  1 
ATOM   153  C CG  . ASP A 1 21 ? -16.348 -16.318 -7.671  1.00 49.51  ? 989  ASP A CG  1 
ATOM   154  O OD1 . ASP A 1 21 ? -16.347 -15.300 -6.939  1.00 55.21  ? 989  ASP A OD1 1 
ATOM   155  O OD2 . ASP A 1 21 ? -16.523 -17.482 -7.248  1.00 57.95  ? 989  ASP A OD2 1 
ATOM   156  N N   . ALA A 1 22 ? -13.280 -17.399 -8.581  1.00 28.26  ? 990  ALA A N   1 
ATOM   157  C CA  . ALA A 1 22 ? -12.328 -18.055 -7.699  1.00 28.67  ? 990  ALA A CA  1 
ATOM   158  C C   . ALA A 1 22 ? -11.022 -17.287 -7.724  1.00 23.10  ? 990  ALA A C   1 
ATOM   159  O O   . ALA A 1 22 ? -10.433 -17.032 -6.683  1.00 24.25  ? 990  ALA A O   1 
ATOM   160  C CB  . ALA A 1 22 ? -12.087 -19.464 -8.171  1.00 22.21  ? 990  ALA A CB  1 
ATOM   161  N N   . THR A 1 23 ? -10.538 -16.966 -8.934  1.00 22.40  ? 991  THR A N   1 
ATOM   162  C CA  . THR A 1 23 ? -9.292  -16.213 -9.076  1.00 22.70  ? 991  THR A CA  1 
ATOM   163  C C   . THR A 1 23 ? -9.362  -14.900 -8.295  1.00 25.14  ? 991  THR A C   1 
ATOM   164  O O   . THR A 1 23 ? -8.440  -14.549 -7.575  1.00 27.66  ? 991  THR A O   1 
ATOM   165  C CB  . THR A 1 23 ? -8.990  -15.856 -10.559 1.00 25.93  ? 991  THR A CB  1 
ATOM   166  O OG1 . THR A 1 23 ? -8.761  -17.051 -11.307 1.00 24.96  ? 991  THR A OG1 1 
ATOM   167  C CG2 . THR A 1 23 ? -7.746  -14.978 -10.642 1.00 20.00  ? 991  THR A CG2 1 
ATOM   168  N N   . ASN A 1 24 ? -10.462 -14.170 -8.433  1.00 24.08  ? 992  ASN A N   1 
ATOM   169  C CA  . ASN A 1 24 ? -10.594 -12.917 -7.722  1.00 28.02  ? 992  ASN A CA  1 
ATOM   170  C C   . ASN A 1 24 ? -10.654 -13.144 -6.208  1.00 25.39  ? 992  ASN A C   1 
ATOM   171  O O   . ASN A 1 24 ? -10.034 -12.407 -5.470  1.00 21.60  ? 992  ASN A O   1 
ATOM   172  C CB  . ASN A 1 24 ? -11.861 -12.167 -8.175  1.00 35.81  ? 992  ASN A CB  1 
ATOM   173  C CG  . ASN A 1 24 ? -11.551 -10.797 -8.794  1.00 41.90  ? 992  ASN A CG  1 
ATOM   174  O OD1 . ASN A 1 24 ? -12.456 -10.037 -9.156  1.00 42.56  ? 992  ASN A OD1 1 
ATOM   175  N ND2 . ASN A 1 24 ? -10.276 -10.484 -8.917  1.00 41.63  ? 992  ASN A ND2 1 
ATOM   176  N N   . SER A 1 25 ? -11.397 -14.143 -5.716  1.00 19.03  ? 993  SER A N   1 
ATOM   177  C CA  . SER A 1 25 ? -11.406 -14.292 -4.245  1.00 22.07  ? 993  SER A CA  1 
ATOM   178  C C   . SER A 1 25 ? -9.960  -14.670 -3.820  1.00 25.34  ? 993  SER A C   1 
ATOM   179  O O   . SER A 1 25 ? -9.504  -14.276 -2.753  1.00 24.08  ? 993  SER A O   1 
ATOM   180  C CB  . SER A 1 25 ? -12.388 -15.387 -3.797  1.00 21.09  ? 993  SER A CB  1 
ATOM   181  O OG  . SER A 1 25 ? -12.167 -16.544 -4.579  1.00 34.83  ? 993  SER A OG  1 
ATOM   182  N N   . ALA A 1 26 ? -9.231  -15.409 -4.670  1.00 25.10  ? 994  ALA A N   1 
ATOM   183  C CA  . ALA A 1 26 ? -7.860  -15.783 -4.288  1.00 25.13  ? 994  ALA A CA  1 
ATOM   184  C C   . ALA A 1 26 ? -6.996  -14.524 -4.228  1.00 27.19  ? 994  ALA A C   1 
ATOM   185  O O   . ALA A 1 26 ? -6.219  -14.329 -3.290  1.00 22.22  ? 994  ALA A O   1 
ATOM   186  C CB  . ALA A 1 26 ? -7.281  -16.800 -5.254  1.00 27.40  ? 994  ALA A CB  1 
ATOM   187  N N   . LEU A 1 27 ? -7.176  -13.619 -5.181  1.00 26.10  ? 995  LEU A N   1 
ATOM   188  C CA  . LEU A 1 27 ? -6.373  -12.389 -5.127  1.00 21.91  ? 995  LEU A CA  1 
ATOM   189  C C   . LEU A 1 27 ? -6.681  -11.632 -3.817  1.00 24.09  ? 995  LEU A C   1 
ATOM   190  O O   . LEU A 1 27 ? -5.783  -11.117 -3.138  1.00 30.58  ? 995  LEU A O   1 
ATOM   191  C CB  . LEU A 1 27 ? -6.666  -11.536 -6.354  1.00 26.11  ? 995  LEU A CB  1 
ATOM   192  C CG  . LEU A 1 27 ? -6.296  -12.167 -7.703  1.00 27.94  ? 995  LEU A CG  1 
ATOM   193  C CD1 . LEU A 1 27 ? -6.530  -11.116 -8.842  1.00 26.36  ? 995  LEU A CD1 1 
ATOM   194  C CD2 . LEU A 1 27 ? -4.821  -12.671 -7.662  1.00 23.77  ? 995  LEU A CD2 1 
ATOM   195  N N   . GLY A 1 28 ? -7.959  -11.592 -3.454  1.00 33.40  ? 996  GLY A N   1 
ATOM   196  C CA  . GLY A 1 28 ? -8.368  -10.932 -2.222  1.00 28.01  ? 996  GLY A CA  1 
ATOM   197  C C   . GLY A 1 28 ? -7.612  -11.443 -1.010  1.00 27.50  ? 996  GLY A C   1 
ATOM   198  O O   . GLY A 1 28 ? -7.035  -10.663 -0.237  1.00 26.16  ? 996  GLY A O   1 
ATOM   199  N N   . LYS A 1 29 ? -7.610  -12.759 -0.850  1.00 28.78  ? 997  LYS A N   1 
ATOM   200  C CA  . LYS A 1 29 ? -6.926  -13.413 0.260   1.00 25.08  ? 997  LYS A CA  1 
ATOM   201  C C   . LYS A 1 29 ? -5.425  -13.145 0.226   1.00 23.90  ? 997  LYS A C   1 
ATOM   202  O O   . LYS A 1 29 ? -4.825  -12.838 1.256   1.00 20.84  ? 997  LYS A O   1 
ATOM   203  C CB  . LYS A 1 29 ? -7.171  -14.935 0.230   1.00 33.11  ? 997  LYS A CB  1 
ATOM   204  C CG  . LYS A 1 29 ? -8.599  -15.455 0.628   1.00 31.68  ? 997  LYS A CG  1 
ATOM   205  C CD  . LYS A 1 29 ? -8.523  -17.012 0.749   1.00 33.04  ? 997  LYS A CD  1 
ATOM   206  C CE  . LYS A 1 29 ? -9.847  -17.791 0.903   1.00 29.66  ? 997  LYS A CE  1 
ATOM   207  N NZ  . LYS A 1 29 ? -10.741 -17.282 1.975   1.00 38.51  ? 997  LYS A NZ  1 
ATOM   208  N N   . ILE A 1 30 ? -4.799  -13.273 -0.946  1.00 23.58  ? 998  ILE A N   1 
ATOM   209  C CA  . ILE A 1 30 ? -3.364  -13.018 -1.043  1.00 22.11  ? 998  ILE A CA  1 
ATOM   210  C C   . ILE A 1 30 ? -2.984  -11.562 -0.692  1.00 19.80  ? 998  ILE A C   1 
ATOM   211  O O   . ILE A 1 30 ? -2.027  -11.312 0.042   1.00 27.53  ? 998  ILE A O   1 
ATOM   212  C CB  . ILE A 1 30 ? -2.798  -13.371 -2.497  1.00 27.43  ? 998  ILE A CB  1 
ATOM   213  C CG1 . ILE A 1 30 ? -3.043  -14.866 -2.827  1.00 21.67  ? 998  ILE A CG1 1 
ATOM   214  C CG2 . ILE A 1 30 ? -1.311  -13.027 -2.571  1.00 23.60  ? 998  ILE A CG2 1 
ATOM   215  C CD1 . ILE A 1 30 ? -3.131  -15.167 -4.387  1.00 23.72  ? 998  ILE A CD1 1 
ATOM   216  N N   . GLN A 1 31 ? -3.730  -10.589 -1.197  1.00 27.31  ? 999  GLN A N   1 
ATOM   217  C CA  . GLN A 1 31 ? -3.404  -9.204  -0.893  1.00 22.93  ? 999  GLN A CA  1 
ATOM   218  C C   . GLN A 1 31 ? -3.473  -8.933  0.619   1.00 22.38  ? 999  GLN A C   1 
ATOM   219  O O   . GLN A 1 31 ? -2.625  -8.269  1.183   1.00 22.22  ? 999  GLN A O   1 
ATOM   220  C CB  . GLN A 1 31 ? -4.375  -8.257  -1.599  1.00 28.52  ? 999  GLN A CB  1 
ATOM   221  C CG  . GLN A 1 31 ? -4.113  -6.799  -1.228  1.00 31.10  ? 999  GLN A CG  1 
ATOM   222  C CD  . GLN A 1 31 ? -5.004  -5.847  -1.992  1.00 33.81  ? 999  GLN A CD  1 
ATOM   223  O OE1 . GLN A 1 31 ? -4.781  -5.573  -3.175  1.00 37.83  ? 999  GLN A OE1 1 
ATOM   224  N NE2 . GLN A 1 31 ? -6.033  -5.353  -1.323  1.00 40.39  ? 999  GLN A NE2 1 
ATOM   225  N N   . SER A 1 32 ? -4.517  -9.439  1.254   1.00 22.48  ? 1000 SER A N   1 
ATOM   226  C CA  . SER A 1 32 ? -4.703  -9.258  2.684   1.00 26.17  ? 1000 SER A CA  1 
ATOM   227  C C   . SER A 1 32 ? -3.582  -9.924  3.499   1.00 29.68  ? 1000 SER A C   1 
ATOM   228  O O   . SER A 1 32 ? -2.917  -9.275  4.293   1.00 29.34  ? 1000 SER A O   1 
ATOM   229  C CB  . SER A 1 32 ? -6.049  -9.845  3.099   1.00 23.58  ? 1000 SER A CB  1 
ATOM   230  O OG  . SER A 1 32 ? -6.154  -9.859  4.513   1.00 31.49  ? 1000 SER A OG  1 
ATOM   231  N N   . VAL A 1 33 ? -3.396  -11.229 3.322   1.00 27.17  ? 1001 VAL A N   1 
ATOM   232  C CA  . VAL A 1 33 ? -2.338  -11.932 4.064   1.00 30.34  ? 1001 VAL A CA  1 
ATOM   233  C C   . VAL A 1 33 ? -0.950  -11.321 3.801   1.00 29.61  ? 1001 VAL A C   1 
ATOM   234  O O   . VAL A 1 33 ? -0.223  -11.014 4.738   1.00 28.24  ? 1001 VAL A O   1 
ATOM   235  C CB  . VAL A 1 33 ? -2.292  -13.432 3.703   1.00 28.54  ? 1001 VAL A CB  1 
ATOM   236  C CG1 . VAL A 1 33 ? -0.982  -14.098 4.271   1.00 28.25  ? 1001 VAL A CG1 1 
ATOM   237  C CG2 . VAL A 1 33 ? -3.551  -14.117 4.247   1.00 31.02  ? 1001 VAL A CG2 1 
ATOM   238  N N   . VAL A 1 34 ? -0.571  -11.173 2.534   1.00 27.42  ? 1002 VAL A N   1 
ATOM   239  C CA  . VAL A 1 34 ? 0.742   -10.589 2.208   1.00 21.07  ? 1002 VAL A CA  1 
ATOM   240  C C   . VAL A 1 34 ? 0.930   -9.222  2.870   1.00 23.97  ? 1002 VAL A C   1 
ATOM   241  O O   . VAL A 1 34 ? 1.983   -8.941  3.442   1.00 18.23  ? 1002 VAL A O   1 
ATOM   242  C CB  . VAL A 1 34 ? 0.922   -10.440 0.633   1.00 20.67  ? 1002 VAL A CB  1 
ATOM   243  C CG1 . VAL A 1 34 ? 2.115   -9.614  0.307   1.00 18.43  ? 1002 VAL A CG1 1 
ATOM   244  C CG2 . VAL A 1 34 ? 1.013   -11.818 -0.010  1.00 17.82  ? 1002 VAL A CG2 1 
ATOM   245  N N   . ASN A 1 35 ? -0.091  -8.362  2.780   1.00 24.54  ? 1003 ASN A N   1 
ATOM   246  C CA  . ASN A 1 35 ? -0.001  -7.045  3.402   1.00 21.89  ? 1003 ASN A CA  1 
ATOM   247  C C   . ASN A 1 35 ? 0.003   -7.162  4.909   1.00 26.23  ? 1003 ASN A C   1 
ATOM   248  O O   . ASN A 1 35 ? 0.742   -6.466  5.564   1.00 29.21  ? 1003 ASN A O   1 
ATOM   249  C CB  . ASN A 1 35 ? -1.165  -6.140  2.935   1.00 27.03  ? 1003 ASN A CB  1 
ATOM   250  C CG  . ASN A 1 35 ? -1.024  -5.791  1.489   1.00 27.32  ? 1003 ASN A CG  1 
ATOM   251  O OD1 . ASN A 1 35 ? 0.026   -6.073  0.915   1.00 22.83  ? 1003 ASN A OD1 1 
ATOM   252  N ND2 . ASN A 1 35 ? -2.041  -5.179  0.886   1.00 19.82  ? 1003 ASN A ND2 1 
ATOM   253  N N   . ALA A 1 36 ? -0.824  -8.036  5.468   1.00 22.24  ? 1004 ALA A N   1 
ATOM   254  C CA  . ALA A 1 36 ? -0.833  -8.211  6.922   1.00 30.92  ? 1004 ALA A CA  1 
ATOM   255  C C   . ALA A 1 36 ? 0.560   -8.694  7.401   1.00 28.14  ? 1004 ALA A C   1 
ATOM   256  O O   . ALA A 1 36 ? 1.064   -8.241  8.434   1.00 30.69  ? 1004 ALA A O   1 
ATOM   257  C CB  . ALA A 1 36 ? -1.921  -9.231  7.317   1.00 32.04  ? 1004 ALA A CB  1 
ATOM   258  N N   . ASN A 1 37 ? 1.200   -9.602  6.659   1.00 22.86  ? 1005 ASN A N   1 
ATOM   259  C CA  . ASN A 1 37 ? 2.517   -10.063 7.087   1.00 29.03  ? 1005 ASN A CA  1 
ATOM   260  C C   . ASN A 1 37 ? 3.569   -8.977  6.829   1.00 29.52  ? 1005 ASN A C   1 
ATOM   261  O O   . ASN A 1 37 ? 4.585   -8.935  7.512   1.00 26.36  ? 1005 ASN A O   1 
ATOM   262  C CB  . ASN A 1 37 ? 2.921   -11.380 6.395   1.00 24.49  ? 1005 ASN A CB  1 
ATOM   263  C CG  . ASN A 1 37 ? 2.008   -12.547 6.798   1.00 34.77  ? 1005 ASN A CG  1 
ATOM   264  O OD1 . ASN A 1 37 ? 1.361   -12.507 7.859   1.00 29.32  ? 1005 ASN A OD1 1 
ATOM   265  N ND2 . ASN A 1 37 ? 1.953   -13.584 5.964   1.00 22.80  ? 1005 ASN A ND2 1 
ATOM   266  N N   . ALA A 1 38 ? 3.318   -8.112  5.850   1.00 27.11  ? 1006 ALA A N   1 
ATOM   267  C CA  . ALA A 1 38 ? 4.262   -7.034  5.558   1.00 29.10  ? 1006 ALA A CA  1 
ATOM   268  C C   . ALA A 1 38 ? 4.251   -6.033  6.726   1.00 30.17  ? 1006 ALA A C   1 
ATOM   269  O O   . ALA A 1 38 ? 5.297   -5.550  7.142   1.00 36.55  ? 1006 ALA A O   1 
ATOM   270  C CB  . ALA A 1 38 ? 3.893   -6.345  4.248   1.00 25.68  ? 1006 ALA A CB  1 
ATOM   271  N N   . GLU A 1 39 ? 3.067   -5.718  7.248   1.00 31.07  ? 1007 GLU A N   1 
ATOM   272  C CA  . GLU A 1 39 ? 2.968   -4.804  8.389   1.00 35.52  ? 1007 GLU A CA  1 
ATOM   273  C C   . GLU A 1 39 ? 3.664   -5.439  9.615   1.00 32.38  ? 1007 GLU A C   1 
ATOM   274  O O   . GLU A 1 39 ? 4.447   -4.793  10.310  1.00 28.23  ? 1007 GLU A O   1 
ATOM   275  C CB  . GLU A 1 39 ? 1.490   -4.500  8.694   1.00 34.02  ? 1007 GLU A CB  1 
ATOM   276  C CG  . GLU A 1 39 ? 0.827   -3.642  7.627   1.00 32.19  ? 1007 GLU A CG  1 
ATOM   277  C CD  . GLU A 1 39 ? 1.472   -2.244  7.479   1.00 43.67  ? 1007 GLU A CD  1 
ATOM   278  O OE1 . GLU A 1 39 ? 1.315   -1.635  6.405   1.00 34.34  ? 1007 GLU A OE1 1 
ATOM   279  O OE2 . GLU A 1 39 ? 2.122   -1.747  8.427   1.00 43.93  ? 1007 GLU A OE2 1 
ATOM   280  N N   . ALA A 1 40 ? 3.381   -6.708  9.876   1.00 31.64  ? 1008 ALA A N   1 
ATOM   281  C CA  . ALA A 1 40 ? 4.043   -7.429  10.974  1.00 31.20  ? 1008 ALA A CA  1 
ATOM   282  C C   . ALA A 1 40 ? 5.571   -7.238  10.905  1.00 28.85  ? 1008 ALA A C   1 
ATOM   283  O O   . ALA A 1 40 ? 6.232   -6.997  11.918  1.00 31.06  ? 1008 ALA A O   1 
ATOM   284  C CB  . ALA A 1 40 ? 3.716   -8.912  10.882  1.00 29.71  ? 1008 ALA A CB  1 
ATOM   285  N N   . LEU A 1 41 ? 6.126   -7.379  9.700   1.00 29.04  ? 1009 LEU A N   1 
ATOM   286  C CA  . LEU A 1 41 ? 7.568   -7.208  9.496   1.00 30.28  ? 1009 LEU A CA  1 
ATOM   287  C C   . LEU A 1 41 ? 8.024   -5.739  9.642   1.00 31.78  ? 1009 LEU A C   1 
ATOM   288  O O   . LEU A 1 41 ? 9.047   -5.474  10.278  1.00 26.80  ? 1009 LEU A O   1 
ATOM   289  C CB  . LEU A 1 41 ? 7.984   -7.733  8.112   1.00 30.60  ? 1009 LEU A CB  1 
ATOM   290  C CG  . LEU A 1 41 ? 9.454   -7.530  7.731   1.00 35.28  ? 1009 LEU A CG  1 
ATOM   291  C CD1 . LEU A 1 41 ? 10.359  -8.240  8.737   1.00 29.17  ? 1009 LEU A CD1 1 
ATOM   292  C CD2 . LEU A 1 41 ? 9.711   -8.041  6.316   1.00 30.94  ? 1009 LEU A CD2 1 
ATOM   293  N N   . ASN A 1 42 ? 7.273   -4.787  9.080   1.00 28.47  ? 1010 ASN A N   1 
ATOM   294  C CA  . ASN A 1 42 ? 7.685   -3.385  9.175   1.00 37.96  ? 1010 ASN A CA  1 
ATOM   295  C C   . ASN A 1 42 ? 7.554   -2.900  10.625  1.00 40.23  ? 1010 ASN A C   1 
ATOM   296  O O   . ASN A 1 42 ? 8.277   -1.994  11.065  1.00 41.25  ? 1010 ASN A O   1 
ATOM   297  C CB  . ASN A 1 42 ? 6.857   -2.517  8.207   1.00 38.21  ? 1010 ASN A CB  1 
ATOM   298  C CG  . ASN A 1 42 ? 7.264   -1.050  8.228   1.00 44.76  ? 1010 ASN A CG  1 
ATOM   299  O OD1 . ASN A 1 42 ? 6.580   -0.213  8.820   1.00 47.10  ? 1010 ASN A OD1 1 
ATOM   300  N ND2 . ASN A 1 42 ? 8.377   -0.732  7.580   1.00 40.68  ? 1010 ASN A ND2 1 
ATOM   301  N N   . ASN A 1 43 ? 6.633   -3.515  11.366  1.00 43.31  ? 1011 ASN A N   1 
ATOM   302  C CA  . ASN A 1 43 ? 6.434   -3.175  12.771  1.00 45.35  ? 1011 ASN A CA  1 
ATOM   303  C C   . ASN A 1 43 ? 7.668   -3.638  13.562  1.00 45.38  ? 1011 ASN A C   1 
ATOM   304  O O   . ASN A 1 43 ? 8.162   -2.925  14.446  1.00 42.93  ? 1011 ASN A O   1 
ATOM   305  C CB  . ASN A 1 43 ? 5.191   -3.890  13.340  1.00 47.27  ? 1011 ASN A CB  1 
ATOM   306  C CG  . ASN A 1 43 ? 3.878   -3.298  12.852  1.00 54.05  ? 1011 ASN A CG  1 
ATOM   307  O OD1 . ASN A 1 43 ? 3.705   -3.017  11.673  1.00 58.66  ? 1011 ASN A OD1 1 
ATOM   308  N ND2 . ASN A 1 43 ? 2.931   -3.128  13.772  1.00 60.61  ? 1011 ASN A ND2 1 
ATOM   309  N N   . LEU A 1 44 ? 8.159   -4.836  13.234  1.00 42.98  ? 1012 LEU A N   1 
ATOM   310  C CA  . LEU A 1 44 ? 9.312   -5.418  13.914  1.00 41.33  ? 1012 LEU A CA  1 
ATOM   311  C C   . LEU A 1 44 ? 10.572  -4.625  13.691  1.00 41.37  ? 1012 LEU A C   1 
ATOM   312  O O   . LEU A 1 44 ? 11.351  -4.452  14.608  1.00 44.26  ? 1012 LEU A O   1 
ATOM   313  C CB  . LEU A 1 44 ? 9.559   -6.860  13.459  1.00 43.62  ? 1012 LEU A CB  1 
ATOM   314  C CG  . LEU A 1 44 ? 10.895  -7.460  13.947  1.00 40.71  ? 1012 LEU A CG  1 
ATOM   315  C CD1 . LEU A 1 44 ? 11.006  -7.380  15.484  1.00 41.18  ? 1012 LEU A CD1 1 
ATOM   316  C CD2 . LEU A 1 44 ? 11.000  -8.891  13.521  1.00 35.28  ? 1012 LEU A CD2 1 
ATOM   317  N N   . LEU A 1 45 ? 10.774  -4.169  12.458  1.00 37.23  ? 1013 LEU A N   1 
ATOM   318  C CA  . LEU A 1 45 ? 11.939  -3.395  12.115  1.00 39.29  ? 1013 LEU A CA  1 
ATOM   319  C C   . LEU A 1 45 ? 11.917  -2.090  12.898  1.00 42.93  ? 1013 LEU A C   1 
ATOM   320  O O   . LEU A 1 45 ? 12.971  -1.558  13.248  1.00 43.22  ? 1013 LEU A O   1 
ATOM   321  C CB  . LEU A 1 45 ? 11.953  -3.120  10.613  1.00 37.83  ? 1013 LEU A CB  1 
ATOM   322  C CG  . LEU A 1 45 ? 12.321  -4.307  9.732   1.00 38.16  ? 1013 LEU A CG  1 
ATOM   323  C CD1 . LEU A 1 45 ? 11.927  -4.048  8.303   1.00 35.79  ? 1013 LEU A CD1 1 
ATOM   324  C CD2 . LEU A 1 45 ? 13.809  -4.548  9.852   1.00 42.08  ? 1013 LEU A CD2 1 
ATOM   325  N N   . ASN A 1 46 ? 10.707  -1.603  13.174  1.00 46.18  ? 1014 ASN A N   1 
ATOM   326  C CA  . ASN A 1 46 ? 10.487  -0.369  13.928  1.00 47.55  ? 1014 ASN A CA  1 
ATOM   327  C C   . ASN A 1 46 ? 10.832  -0.538  15.401  1.00 45.20  ? 1014 ASN A C   1 
ATOM   328  O O   . ASN A 1 46 ? 11.581  0.258   15.957  1.00 44.07  ? 1014 ASN A O   1 
ATOM   329  C CB  . ASN A 1 46 ? 9.024   0.087   13.821  1.00 48.27  ? 1014 ASN A CB  1 
ATOM   330  C CG  . ASN A 1 46 ? 8.684   0.636   12.458  1.00 49.07  ? 1014 ASN A CG  1 
ATOM   331  O OD1 . ASN A 1 46 ? 9.567   0.913   11.651  1.00 49.95  ? 1014 ASN A OD1 1 
ATOM   332  N ND2 . ASN A 1 46 ? 7.395   0.813   12.198  1.00 52.56  ? 1014 ASN A ND2 1 
ATOM   333  N N   . GLN A 1 47 ? 10.276  -1.565  16.040  1.00 42.10  ? 1015 GLN A N   1 
ATOM   334  C CA  . GLN A 1 47 ? 10.568  -1.801  17.448  1.00 47.04  ? 1015 GLN A CA  1 
ATOM   335  C C   . GLN A 1 47 ? 12.066  -2.056  17.663  1.00 50.91  ? 1015 GLN A C   1 
ATOM   336  O O   . GLN A 1 47 ? 12.653  -1.576  18.632  1.00 49.71  ? 1015 GLN A O   1 
ATOM   337  C CB  . GLN A 1 47 ? 9.779   -2.997  17.968  1.00 50.82  ? 1015 GLN A CB  1 
ATOM   338  C CG  . GLN A 1 47 ? 8.275   -2.787  18.059  1.00 52.46  ? 1015 GLN A CG  1 
ATOM   339  C CD  . GLN A 1 47 ? 7.596   -3.910  18.809  1.00 58.26  ? 1015 GLN A CD  1 
ATOM   340  O OE1 . GLN A 1 47 ? 8.003   -4.247  19.915  1.00 65.80  ? 1015 GLN A OE1 1 
ATOM   341  N NE2 . GLN A 1 47 ? 6.564   -4.497  18.219  1.00 61.03  ? 1015 GLN A NE2 1 
ATOM   342  N N   . LEU A 1 48 ? 12.679  -2.805  16.749  1.00 50.44  ? 1016 LEU A N   1 
ATOM   343  C CA  . LEU A 1 48 ? 14.100  -3.124  16.843  1.00 54.74  ? 1016 LEU A CA  1 
ATOM   344  C C   . LEU A 1 48 ? 14.935  -1.857  16.748  1.00 59.25  ? 1016 LEU A C   1 
ATOM   345  O O   . LEU A 1 48 ? 16.098  -1.845  17.133  1.00 61.86  ? 1016 LEU A O   1 
ATOM   346  C CB  . LEU A 1 48 ? 14.520  -4.109  15.737  1.00 45.51  ? 1016 LEU A CB  1 
ATOM   347  C CG  . LEU A 1 48 ? 13.841  -5.484  15.677  1.00 43.56  ? 1016 LEU A CG  1 
ATOM   348  C CD1 . LEU A 1 48 ? 14.552  -6.374  14.668  1.00 36.07  ? 1016 LEU A CD1 1 
ATOM   349  C CD2 . LEU A 1 48 ? 13.885  -6.140  17.040  1.00 47.17  ? 1016 LEU A CD2 1 
ATOM   350  N N   . SER A 1 49 ? 14.332  -0.789  16.240  1.00 63.84  ? 1017 SER A N   1 
ATOM   351  C CA  . SER A 1 49 ? 15.042  0.479   16.109  1.00 67.68  ? 1017 SER A CA  1 
ATOM   352  C C   . SER A 1 49 ? 14.640  1.480   17.202  1.00 69.36  ? 1017 SER A C   1 
ATOM   353  O O   . SER A 1 49 ? 15.505  2.108   17.811  1.00 73.59  ? 1017 SER A O   1 
ATOM   354  C CB  . SER A 1 49 ? 14.778  1.091   14.732  1.00 67.72  ? 1017 SER A CB  1 
ATOM   355  O OG  . SER A 1 49 ? 13.419  1.464   14.593  1.00 67.71  ? 1017 SER A OG  1 
ATOM   356  N N   . LEU A 1 50 ? 13.333  1.607   17.441  1.00 69.08  ? 1018 LEU A N   1 
ATOM   357  C CA  . LEU A 1 50 ? 12.757  2.519   18.438  1.00 66.84  ? 1018 LEU A CA  1 
ATOM   358  C C   . LEU A 1 50 ? 13.771  3.392   19.171  1.00 69.98  ? 1018 LEU A C   1 
ATOM   359  O O   . LEU A 1 50 ? 13.445  4.485   19.650  1.00 72.38  ? 1018 LEU A O   1 
ATOM   360  C CB  . LEU A 1 50 ? 11.939  1.727   19.461  1.00 66.98  ? 1018 LEU A CB  1 
ATOM   361  C CG  . LEU A 1 50 ? 11.360  2.513   20.647  1.00 66.13  ? 1018 LEU A CG  1 
ATOM   362  C CD1 . LEU A 1 50 ? 10.481  3.662   20.156  1.00 68.15  ? 1018 LEU A CD1 1 
ATOM   363  C CD2 . LEU A 1 50 ? 10.562  1.568   21.526  1.00 66.92  ? 1018 LEU A CD2 1 
ATOM   364  N N   . LEU A 1 64 ? 16.396  -2.927  2.931   1.00 48.54  ? 1224 LEU A N   1 
ATOM   365  C CA  . LEU A 1 64 ? 15.700  -3.411  4.115   1.00 47.42  ? 1224 LEU A CA  1 
ATOM   366  C C   . LEU A 1 64 ? 14.314  -2.769  4.314   1.00 48.35  ? 1224 LEU A C   1 
ATOM   367  O O   . LEU A 1 64 ? 13.952  -2.389  5.427   1.00 55.22  ? 1224 LEU A O   1 
ATOM   368  C CB  . LEU A 1 64 ? 16.564  -3.170  5.351   1.00 44.37  ? 1224 LEU A CB  1 
ATOM   369  C CG  . LEU A 1 64 ? 16.281  -4.030  6.584   1.00 45.14  ? 1224 LEU A CG  1 
ATOM   370  C CD1 . LEU A 1 64 ? 16.665  -5.489  6.297   1.00 38.98  ? 1224 LEU A CD1 1 
ATOM   371  C CD2 . LEU A 1 64 ? 17.083  -3.514  7.758   1.00 49.32  ? 1224 LEU A CD2 1 
ATOM   372  N N   . ASN A 1 65 ? 13.542  -2.655  3.236   1.00 49.92  ? 1225 ASN A N   1 
ATOM   373  C CA  . ASN A 1 65 ? 12.195  -2.086  3.295   1.00 48.37  ? 1225 ASN A CA  1 
ATOM   374  C C   . ASN A 1 65 ? 11.100  -3.108  2.946   1.00 46.50  ? 1225 ASN A C   1 
ATOM   375  O O   . ASN A 1 65 ? 11.374  -4.168  2.371   1.00 43.34  ? 1225 ASN A O   1 
ATOM   376  C CB  . ASN A 1 65 ? 12.072  -0.891  2.352   1.00 54.29  ? 1225 ASN A CB  1 
ATOM   377  C CG  . ASN A 1 65 ? 12.633  0.379   2.955   1.00 61.02  ? 1225 ASN A CG  1 
ATOM   378  O OD1 . ASN A 1 65 ? 13.857  0.529   3.081   1.00 61.82  ? 1225 ASN A OD1 1 
ATOM   379  N ND2 . ASN A 1 65 ? 11.738  1.303   3.350   1.00 56.88  ? 1225 ASN A ND2 1 
ATOM   380  N N   . VAL A 1 66 ? 9.861   -2.766  3.290   1.00 39.28  ? 1226 VAL A N   1 
ATOM   381  C CA  . VAL A 1 66 ? 8.715   -3.625  3.046   1.00 36.36  ? 1226 VAL A CA  1 
ATOM   382  C C   . VAL A 1 66 ? 7.780   -2.967  2.046   1.00 36.57  ? 1226 VAL A C   1 
ATOM   383  O O   . VAL A 1 66 ? 7.618   -1.745  2.047   1.00 30.31  ? 1226 VAL A O   1 
ATOM   384  C CB  . VAL A 1 66 ? 7.900   -3.855  4.345   1.00 34.18  ? 1226 VAL A CB  1 
ATOM   385  C CG1 . VAL A 1 66 ? 6.799   -4.845  4.078   1.00 38.33  ? 1226 VAL A CG1 1 
ATOM   386  C CG2 . VAL A 1 66 ? 8.810   -4.326  5.482   1.00 43.17  ? 1226 VAL A CG2 1 
ATOM   387  N N   . THR A 1 67 ? 7.150   -3.781  1.211   1.00 29.65  ? 1227 THR A N   1 
ATOM   388  C CA  . THR A 1 67 ? 6.200   -3.281  0.225   1.00 34.74  ? 1227 THR A CA  1 
ATOM   389  C C   . THR A 1 67 ? 4.843   -3.940  0.453   1.00 32.85  ? 1227 THR A C   1 
ATOM   390  O O   . THR A 1 67 ? 4.758   -5.066  0.932   1.00 31.99  ? 1227 THR A O   1 
ATOM   391  C CB  . THR A 1 67 ? 6.618   -3.624  -1.217  1.00 37.88  ? 1227 THR A CB  1 
ATOM   392  O OG1 . THR A 1 67 ? 7.987   -3.269  -1.428  1.00 46.01  ? 1227 THR A OG1 1 
ATOM   393  C CG2 . THR A 1 67 ? 5.750   -2.862  -2.203  1.00 44.32  ? 1227 THR A CG2 1 
ATOM   394  N N   . LEU A 1 68 ? 3.787   -3.221  0.091   1.00 30.35  ? 1228 LEU A N   1 
ATOM   395  C CA  . LEU A 1 68 ? 2.437   -3.713  0.216   1.00 32.18  ? 1228 LEU A CA  1 
ATOM   396  C C   . LEU A 1 68 ? 1.930   -3.992  -1.186  1.00 30.30  ? 1228 LEU A C   1 
ATOM   397  O O   . LEU A 1 68 ? 2.415   -3.424  -2.172  1.00 25.07  ? 1228 LEU A O   1 
ATOM   398  C CB  . LEU A 1 68 ? 1.531   -2.662  0.891   1.00 38.00  ? 1228 LEU A CB  1 
ATOM   399  C CG  . LEU A 1 68 ? 1.761   -2.226  2.342   1.00 43.04  ? 1228 LEU A CG  1 
ATOM   400  C CD1 . LEU A 1 68 ? 0.657   -1.216  2.761   1.00 38.13  ? 1228 LEU A CD1 1 
ATOM   401  C CD2 . LEU A 1 68 ? 1.726   -3.434  3.271   1.00 32.57  ? 1228 LEU A CD2 1 
ATOM   402  N N   . LEU A 1 69 ? 0.952   -4.887  -1.274  1.00 29.34  ? 1229 LEU A N   1 
ATOM   403  C CA  . LEU A 1 69 ? 0.338   -5.244  -2.547  1.00 27.25  ? 1229 LEU A CA  1 
ATOM   404  C C   . LEU A 1 69 ? -0.911  -4.398  -2.828  1.00 28.66  ? 1229 LEU A C   1 
ATOM   405  O O   . LEU A 1 69 ? -1.631  -4.019  -1.911  1.00 30.57  ? 1229 LEU A O   1 
ATOM   406  C CB  . LEU A 1 69 ? -0.113  -6.714  -2.509  1.00 32.15  ? 1229 LEU A CB  1 
ATOM   407  C CG  . LEU A 1 69 ? 0.653   -7.850  -3.164  1.00 30.39  ? 1229 LEU A CG  1 
ATOM   408  C CD1 . LEU A 1 69 ? -0.076  -9.160  -2.819  1.00 22.11  ? 1229 LEU A CD1 1 
ATOM   409  C CD2 . LEU A 1 69 ? 0.744   -7.621  -4.716  1.00 22.71  ? 1229 LEU A CD2 1 
ATOM   410  N N   . ASP A 1 70 ? -1.170  -4.121  -4.102  1.00 26.34  ? 1230 ASP A N   1 
ATOM   411  C CA  . ASP A 1 70 ? -2.393  -3.418  -4.492  1.00 31.33  ? 1230 ASP A CA  1 
ATOM   412  C C   . ASP A 1 70 ? -2.930  -4.093  -5.772  1.00 24.49  ? 1230 ASP A C   1 
ATOM   413  O O   . ASP A 1 70 ? -2.418  -3.909  -6.867  1.00 30.77  ? 1230 ASP A O   1 
ATOM   414  C CB  . ASP A 1 70 ? -2.143  -1.923  -4.718  1.00 34.21  ? 1230 ASP A CB  1 
ATOM   415  C CG  . ASP A 1 70 ? -3.439  -1.154  -4.984  1.00 38.40  ? 1230 ASP A CG  1 
ATOM   416  O OD1 . ASP A 1 70 ? -4.517  -1.785  -5.015  1.00 41.03  ? 1230 ASP A OD1 1 
ATOM   417  O OD2 . ASP A 1 70 ? -3.385  0.079   -5.173  1.00 39.55  ? 1230 ASP A OD2 1 
ATOM   418  N N   . LEU A 1 71 ? -3.947  -4.916  -5.607  1.00 28.37  ? 1231 LEU A N   1 
ATOM   419  C CA  . LEU A 1 71 ? -4.540  -5.646  -6.725  1.00 27.48  ? 1231 LEU A CA  1 
ATOM   420  C C   . LEU A 1 71 ? -5.956  -5.142  -7.088  1.00 29.72  ? 1231 LEU A C   1 
ATOM   421  O O   . LEU A 1 71 ? -6.758  -5.883  -7.686  1.00 34.85  ? 1231 LEU A O   1 
ATOM   422  C CB  . LEU A 1 71 ? -4.595  -7.130  -6.352  1.00 22.32  ? 1231 LEU A CB  1 
ATOM   423  C CG  . LEU A 1 71 ? -3.249  -7.727  -5.914  1.00 28.72  ? 1231 LEU A CG  1 
ATOM   424  C CD1 . LEU A 1 71 ? -3.432  -9.145  -5.464  1.00 25.22  ? 1231 LEU A CD1 1 
ATOM   425  C CD2 . LEU A 1 71 ? -2.268  -7.679  -7.073  1.00 28.48  ? 1231 LEU A CD2 1 
ATOM   426  N N   . THR A 1 72 ? -6.279  -3.909  -6.696  1.00 26.57  ? 1232 THR A N   1 
ATOM   427  C CA  . THR A 1 72 ? -7.614  -3.354  -6.984  1.00 30.32  ? 1232 THR A CA  1 
ATOM   428  C C   . THR A 1 72 ? -7.891  -3.296  -8.472  1.00 22.39  ? 1232 THR A C   1 
ATOM   429  O O   . THR A 1 72 ? -8.938  -3.729  -8.936  1.00 30.45  ? 1232 THR A O   1 
ATOM   430  C CB  . THR A 1 72 ? -7.760  -1.939  -6.388  1.00 33.75  ? 1232 THR A CB  1 
ATOM   431  O OG1 . THR A 1 72 ? -7.541  -2.007  -4.972  1.00 35.63  ? 1232 THR A OG1 1 
ATOM   432  C CG2 . THR A 1 72 ? -9.183  -1.369  -6.662  1.00 26.98  ? 1232 THR A CG2 1 
ATOM   433  N N   . TYR A 1 73 ? -6.948  -2.753  -9.234  1.00 28.60  ? 1233 TYR A N   1 
ATOM   434  C CA  . TYR A 1 73 ? -7.110  -2.674  -10.684 1.00 27.94  ? 1233 TYR A CA  1 
ATOM   435  C C   . TYR A 1 73 ? -7.467  -4.062  -11.246 1.00 30.89  ? 1233 TYR A C   1 
ATOM   436  O O   . TYR A 1 73 ? -8.507  -4.240  -11.879 1.00 27.99  ? 1233 TYR A O   1 
ATOM   437  C CB  . TYR A 1 73 ? -5.823  -2.151  -11.307 1.00 28.21  ? 1233 TYR A CB  1 
ATOM   438  C CG  . TYR A 1 73 ? -5.840  -2.062  -12.813 1.00 31.01  ? 1233 TYR A CG  1 
ATOM   439  C CD1 . TYR A 1 73 ? -6.595  -1.088  -13.487 1.00 38.26  ? 1233 TYR A CD1 1 
ATOM   440  C CD2 . TYR A 1 73 ? -5.078  -2.940  -13.567 1.00 34.41  ? 1233 TYR A CD2 1 
ATOM   441  C CE1 . TYR A 1 73 ? -6.581  -1.002  -14.888 1.00 37.65  ? 1233 TYR A CE1 1 
ATOM   442  C CE2 . TYR A 1 73 ? -5.049  -2.875  -14.950 1.00 40.41  ? 1233 TYR A CE2 1 
ATOM   443  C CZ  . TYR A 1 73 ? -5.795  -1.915  -15.611 1.00 46.27  ? 1233 TYR A CZ  1 
ATOM   444  O OH  . TYR A 1 73 ? -5.730  -1.913  -16.990 1.00 50.33  ? 1233 TYR A OH  1 
ATOM   445  N N   . GLU A 1 74 ? -6.602  -5.049  -10.995 1.00 26.14  ? 1234 GLU A N   1 
ATOM   446  C CA  . GLU A 1 74 ? -6.835  -6.409  -11.457 1.00 20.16  ? 1234 GLU A CA  1 
ATOM   447  C C   . GLU A 1 74 ? -8.140  -7.043  -10.975 1.00 25.92  ? 1234 GLU A C   1 
ATOM   448  O O   . GLU A 1 74 ? -8.849  -7.691  -11.746 1.00 26.73  ? 1234 GLU A O   1 
ATOM   449  C CB  . GLU A 1 74 ? -5.688  -7.340  -11.006 1.00 25.16  ? 1234 GLU A CB  1 
ATOM   450  C CG  . GLU A 1 74 ? -4.328  -7.106  -11.664 1.00 29.31  ? 1234 GLU A CG  1 
ATOM   451  C CD  . GLU A 1 74 ? -3.605  -5.843  -11.191 1.00 29.91  ? 1234 GLU A CD  1 
ATOM   452  O OE1 . GLU A 1 74 ? -3.897  -5.304  -10.094 1.00 32.75  ? 1234 GLU A OE1 1 
ATOM   453  O OE2 . GLU A 1 74 ? -2.714  -5.403  -11.930 1.00 20.92  ? 1234 GLU A OE2 1 
ATOM   454  N N   . MET A 1 75 ? -8.439  -6.915  -9.692  1.00 23.03  ? 1235 MET A N   1 
ATOM   455  C CA  . MET A 1 75 ? -9.660  -7.535  -9.224  1.00 26.01  ? 1235 MET A CA  1 
ATOM   456  C C   . MET A 1 75 ? -10.800 -6.825  -9.917  1.00 30.01  ? 1235 MET A C   1 
ATOM   457  O O   . MET A 1 75 ? -11.800 -7.438  -10.273 1.00 31.19  ? 1235 MET A O   1 
ATOM   458  C CB  . MET A 1 75 ? -9.755  -7.442  -7.716  1.00 25.04  ? 1235 MET A CB  1 
ATOM   459  C CG  . MET A 1 75 ? -8.668  -8.294  -7.010  1.00 23.55  ? 1235 MET A CG  1 
ATOM   460  S SD  . MET A 1 75 ? -8.793  -8.277  -5.191  1.00 32.77  ? 1235 MET A SD  1 
ATOM   461  C CE  . MET A 1 75 ? -7.812  -6.774  -4.740  1.00 37.56  ? 1235 MET A CE  1 
ATOM   462  N N   . ASN A 1 76 ? -10.639 -5.537  -10.162 1.00 25.79  ? 1236 ASN A N   1 
ATOM   463  C CA  . ASN A 1 76 ? -11.708 -4.828  -10.872 1.00 33.34  ? 1236 ASN A CA  1 
ATOM   464  C C   . ASN A 1 76 ? -11.863 -5.271  -12.331 1.00 34.41  ? 1236 ASN A C   1 
ATOM   465  O O   . ASN A 1 76 ? -13.001 -5.375  -12.837 1.00 29.44  ? 1236 ASN A O   1 
ATOM   466  C CB  . ASN A 1 76 ? -11.492 -3.321  -10.822 1.00 34.47  ? 1236 ASN A CB  1 
ATOM   467  C CG  . ASN A 1 76 ? -12.437 -2.645  -9.855  1.00 47.65  ? 1236 ASN A CG  1 
ATOM   468  O OD1 . ASN A 1 76 ? -12.074 -2.357  -8.716  1.00 50.08  ? 1236 ASN A OD1 1 
ATOM   469  N ND2 . ASN A 1 76 ? -13.677 -2.406  -10.302 1.00 46.43  ? 1236 ASN A ND2 1 
ATOM   470  N N   . ARG A 1 77 ? -10.742 -5.519  -13.024 1.00 31.15  ? 1237 ARG A N   1 
ATOM   471  C CA  . ARG A 1 77 ? -10.850 -5.972  -14.407 1.00 27.06  ? 1237 ARG A CA  1 
ATOM   472  C C   . ARG A 1 77 ? -11.503 -7.365  -14.433 1.00 30.70  ? 1237 ARG A C   1 
ATOM   473  O O   . ARG A 1 77 ? -12.374 -7.651  -15.250 1.00 29.59  ? 1237 ARG A O   1 
ATOM   474  C CB  . ARG A 1 77 ? -9.478  -6.078  -15.081 1.00 28.04  ? 1237 ARG A CB  1 
ATOM   475  C CG  . ARG A 1 77 ? -8.593  -4.844  -14.996 1.00 41.13  ? 1237 ARG A CG  1 
ATOM   476  C CD  . ARG A 1 77 ? -8.086  -4.446  -16.375 1.00 43.99  ? 1237 ARG A CD  1 
ATOM   477  N NE  . ARG A 1 77 ? -7.664  -5.604  -17.155 1.00 50.29  ? 1237 ARG A NE  1 
ATOM   478  C CZ  . ARG A 1 77 ? -7.731  -5.662  -18.481 1.00 55.41  ? 1237 ARG A CZ  1 
ATOM   479  N NH1 . ARG A 1 77 ? -8.197  -4.626  -19.170 1.00 59.08  ? 1237 ARG A NH1 1 
ATOM   480  N NH2 . ARG A 1 77 ? -7.359  -6.760  -19.118 1.00 58.84  ? 1237 ARG A NH2 1 
ATOM   481  N N   . ILE A 1 78 ? -11.074 -8.247  -13.543 1.00 35.32  ? 1238 ILE A N   1 
ATOM   482  C CA  . ILE A 1 78 ? -11.652 -9.587  -13.532 1.00 35.59  ? 1238 ILE A CA  1 
ATOM   483  C C   . ILE A 1 78 ? -13.143 -9.478  -13.231 1.00 33.15  ? 1238 ILE A C   1 
ATOM   484  O O   . ILE A 1 78 ? -13.962 -10.215 -13.795 1.00 29.30  ? 1238 ILE A O   1 
ATOM   485  C CB  . ILE A 1 78 ? -10.932 -10.506 -12.502 1.00 33.39  ? 1238 ILE A CB  1 
ATOM   486  C CG1 . ILE A 1 78 ? -9.473  -10.672 -12.938 1.00 33.05  ? 1238 ILE A CG1 1 
ATOM   487  C CG2 . ILE A 1 78 ? -11.625 -11.881 -12.425 1.00 35.23  ? 1238 ILE A CG2 1 
ATOM   488  C CD1 . ILE A 1 78 ? -8.597  -11.551 -12.045 1.00 28.58  ? 1238 ILE A CD1 1 
ATOM   489  N N   . GLN A 1 79 ? -13.515 -8.522  -12.385 1.00 32.65  ? 1239 GLN A N   1 
ATOM   490  C CA  . GLN A 1 79 ? -14.930 -8.395  -12.070 1.00 38.72  ? 1239 GLN A CA  1 
ATOM   491  C C   . GLN A 1 79 ? -15.685 -7.927  -13.306 1.00 34.58  ? 1239 GLN A C   1 
ATOM   492  O O   . GLN A 1 79 ? -16.786 -8.400  -13.576 1.00 35.74  ? 1239 GLN A O   1 
ATOM   493  C CB  . GLN A 1 79 ? -15.160 -7.450  -10.889 1.00 37.51  ? 1239 GLN A CB  1 
ATOM   494  C CG  . GLN A 1 79 ? -16.599 -7.448  -10.409 1.00 43.82  ? 1239 GLN A CG  1 
ATOM   495  C CD  . GLN A 1 79 ? -17.231 -8.839  -10.417 1.00 50.44  ? 1239 GLN A CD  1 
ATOM   496  O OE1 . GLN A 1 79 ? -16.833 -9.724  -9.654  1.00 54.43  ? 1239 GLN A OE1 1 
ATOM   497  N NE2 . GLN A 1 79 ? -18.222 -9.036  -11.294 1.00 46.87  ? 1239 GLN A NE2 1 
ATOM   498  N N   . ASP A 1 80 ? -15.075 -7.033  -14.076 1.00 34.01  ? 1240 ASP A N   1 
ATOM   499  C CA  . ASP A 1 80 ? -15.709 -6.538  -15.298 1.00 37.84  ? 1240 ASP A CA  1 
ATOM   500  C C   . ASP A 1 80 ? -15.862 -7.675  -16.306 1.00 36.61  ? 1240 ASP A C   1 
ATOM   501  O O   . ASP A 1 80 ? -16.885 -7.801  -16.972 1.00 41.57  ? 1240 ASP A O   1 
ATOM   502  C CB  . ASP A 1 80 ? -14.865 -5.439  -15.975 1.00 40.36  ? 1240 ASP A CB  1 
ATOM   503  C CG  . ASP A 1 80 ? -14.846 -4.121  -15.199 1.00 37.97  ? 1240 ASP A CG  1 
ATOM   504  O OD1 . ASP A 1 80 ? -15.674 -3.935  -14.289 1.00 40.27  ? 1240 ASP A OD1 1 
ATOM   505  O OD2 . ASP A 1 80 ? -13.987 -3.268  -15.523 1.00 35.38  ? 1240 ASP A OD2 1 
ATOM   506  N N   . ALA A 1 81 ? -14.821 -8.485  -16.437 1.00 34.05  ? 1241 ALA A N   1 
ATOM   507  C CA  . ALA A 1 81 ? -14.856 -9.599  -17.379 1.00 30.59  ? 1241 ALA A CA  1 
ATOM   508  C C   . ALA A 1 81 ? -15.988 -10.564 -17.015 1.00 32.04  ? 1241 ALA A C   1 
ATOM   509  O O   . ALA A 1 81 ? -16.713 -11.038 -17.882 1.00 31.02  ? 1241 ALA A O   1 
ATOM   510  C CB  . ALA A 1 81 ? -13.510 -10.327 -17.376 1.00 30.69  ? 1241 ALA A CB  1 
ATOM   511  N N   . ILE A 1 82 ? -16.145 -10.849 -15.736 1.00 27.25  ? 1242 ILE A N   1 
ATOM   512  C CA  . ILE A 1 82 ? -17.206 -11.762 -15.324 1.00 30.40  ? 1242 ILE A CA  1 
ATOM   513  C C   . ILE A 1 82 ? -18.583 -11.234 -15.743 1.00 37.24  ? 1242 ILE A C   1 
ATOM   514  O O   . ILE A 1 82 ? -19.479 -12.007 -16.123 1.00 36.78  ? 1242 ILE A O   1 
ATOM   515  C CB  . ILE A 1 82 ? -17.210 -11.957 -13.815 1.00 31.86  ? 1242 ILE A CB  1 
ATOM   516  C CG1 . ILE A 1 82 ? -15.918 -12.667 -13.394 1.00 29.24  ? 1242 ILE A CG1 1 
ATOM   517  C CG2 . ILE A 1 82 ? -18.508 -12.693 -13.401 1.00 30.97  ? 1242 ILE A CG2 1 
ATOM   518  C CD1 . ILE A 1 82 ? -15.735 -12.769 -11.894 1.00 30.97  ? 1242 ILE A CD1 1 
ATOM   519  N N   . LYS A 1 83 ? -18.750 -9.921  -15.673 1.00 34.60  ? 1243 LYS A N   1 
ATOM   520  C CA  . LYS A 1 83 ? -20.028 -9.346  -16.042 1.00 38.75  ? 1243 LYS A CA  1 
ATOM   521  C C   . LYS A 1 83 ? -20.184 -9.294  -17.551 1.00 39.63  ? 1243 LYS A C   1 
ATOM   522  O O   . LYS A 1 83 ? -21.302 -9.361  -18.059 1.00 45.26  ? 1243 LYS A O   1 
ATOM   523  C CB  . LYS A 1 83 ? -20.184 -7.955  -15.441 1.00 43.70  ? 1243 LYS A CB  1 
ATOM   524  C CG  . LYS A 1 83 ? -20.069 -7.923  -13.905 1.00 53.61  ? 1243 LYS A CG  1 
ATOM   525  C CD  . LYS A 1 83 ? -20.568 -9.206  -13.230 1.00 58.41  ? 1243 LYS A CD  1 
ATOM   526  C CE  . LYS A 1 83 ? -22.048 -9.457  -13.475 1.00 59.07  ? 1243 LYS A CE  1 
ATOM   527  N NZ  . LYS A 1 83 ? -22.475 -10.733 -12.835 1.00 63.14  ? 1243 LYS A NZ  1 
ATOM   528  N N   . LYS A 1 84 ? -19.067 -9.199  -18.271 1.00 42.35  ? 1244 LYS A N   1 
ATOM   529  C CA  . LYS A 1 84 ? -19.134 -9.151  -19.720 1.00 37.68  ? 1244 LYS A CA  1 
ATOM   530  C C   . LYS A 1 84 ? -19.591 -10.526 -20.175 1.00 42.94  ? 1244 LYS A C   1 
ATOM   531  O O   . LYS A 1 84 ? -20.489 -10.639 -21.007 1.00 39.51  ? 1244 LYS A O   1 
ATOM   532  C CB  . LYS A 1 84 ? -17.764 -8.788  -20.306 1.00 40.45  ? 1244 LYS A CB  1 
ATOM   533  C CG  . LYS A 1 84 ? -17.756 -8.440  -21.792 1.00 45.77  ? 1244 LYS A CG  1 
ATOM   534  C CD  . LYS A 1 84 ? -16.490 -7.663  -22.143 1.00 51.75  ? 1244 LYS A CD  1 
ATOM   535  C CE  . LYS A 1 84 ? -16.358 -7.388  -23.637 1.00 57.10  ? 1244 LYS A CE  1 
ATOM   536  N NZ  . LYS A 1 84 ? -15.971 -8.600  -24.415 1.00 60.24  ? 1244 LYS A NZ  1 
ATOM   537  N N   . LEU A 1 85 ? -18.979 -11.568 -19.616 1.00 37.03  ? 1245 LEU A N   1 
ATOM   538  C CA  . LEU A 1 85 ? -19.346 -12.935 -19.950 1.00 41.33  ? 1245 LEU A CA  1 
ATOM   539  C C   . LEU A 1 85 ? -20.864 -13.174 -19.743 1.00 42.28  ? 1245 LEU A C   1 
ATOM   540  O O   . LEU A 1 85 ? -21.519 -13.841 -20.558 1.00 37.32  ? 1245 LEU A O   1 
ATOM   541  C CB  . LEU A 1 85 ? -18.535 -13.915 -19.093 1.00 34.01  ? 1245 LEU A CB  1 
ATOM   542  C CG  . LEU A 1 85 ? -17.031 -13.999 -19.371 1.00 36.14  ? 1245 LEU A CG  1 
ATOM   543  C CD1 . LEU A 1 85 ? -16.373 -14.904 -18.333 1.00 28.95  ? 1245 LEU A CD1 1 
ATOM   544  C CD2 . LEU A 1 85 ? -16.784 -14.523 -20.788 1.00 36.93  ? 1245 LEU A CD2 1 
ATOM   545  N N   . ASN A 1 86 ? -21.418 -12.640 -18.658 1.00 39.08  ? 1246 ASN A N   1 
ATOM   546  C CA  . ASN A 1 86 ? -22.851 -12.797 -18.408 1.00 49.33  ? 1246 ASN A CA  1 
ATOM   547  C C   . ASN A 1 86 ? -23.671 -12.361 -19.629 1.00 45.92  ? 1246 ASN A C   1 
ATOM   548  O O   . ASN A 1 86 ? -24.725 -12.916 -19.913 1.00 51.95  ? 1246 ASN A O   1 
ATOM   549  C CB  . ASN A 1 86 ? -23.281 -11.969 -17.194 1.00 50.74  ? 1246 ASN A CB  1 
ATOM   550  C CG  . ASN A 1 86 ? -23.857 -12.821 -16.087 1.00 53.37  ? 1246 ASN A CG  1 
ATOM   551  O OD1 . ASN A 1 86 ? -24.436 -12.305 -15.138 1.00 61.56  ? 1246 ASN A OD1 1 
ATOM   552  N ND2 . ASN A 1 86 ? -23.696 -14.131 -16.199 1.00 58.11  ? 1246 ASN A ND2 1 
ATOM   553  N N   . GLU A 1 87 ? -23.174 -11.371 -20.351 1.00 45.95  ? 1247 GLU A N   1 
ATOM   554  C CA  . GLU A 1 87 ? -23.847 -10.860 -21.538 1.00 50.17  ? 1247 GLU A CA  1 
ATOM   555  C C   . GLU A 1 87 ? -23.829 -11.820 -22.735 1.00 49.49  ? 1247 GLU A C   1 
ATOM   556  O O   . GLU A 1 87 ? -24.712 -11.769 -23.591 1.00 52.31  ? 1247 GLU A O   1 
ATOM   557  C CB  . GLU A 1 87 ? -23.206 -9.536  -21.961 1.00 53.80  ? 1247 GLU A CB  1 
ATOM   558  C CG  . GLU A 1 87 ? -23.127 -8.509  -20.855 1.00 58.73  ? 1247 GLU A CG  1 
ATOM   559  C CD  . GLU A 1 87 ? -22.417 -7.251  -21.295 1.00 59.36  ? 1247 GLU A CD  1 
ATOM   560  O OE1 . GLU A 1 87 ? -21.308 -7.363  -21.854 1.00 63.53  ? 1247 GLU A OE1 1 
ATOM   561  O OE2 . GLU A 1 87 ? -22.961 -6.150  -21.083 1.00 64.94  ? 1247 GLU A OE2 1 
ATOM   562  N N   . SER A 1 88 ? -22.816 -12.679 -22.801 1.00 42.10  ? 1248 SER A N   1 
ATOM   563  C CA  . SER A 1 88 ? -22.688 -13.618 -23.909 1.00 42.14  ? 1248 SER A CA  1 
ATOM   564  C C   . SER A 1 88 ? -23.642 -14.799 -23.837 1.00 35.59  ? 1248 SER A C   1 
ATOM   565  O O   . SER A 1 88 ? -23.756 -15.537 -24.817 1.00 40.10  ? 1248 SER A O   1 
ATOM   566  C CB  . SER A 1 88 ? -21.258 -14.169 -23.998 1.00 42.74  ? 1248 SER A CB  1 
ATOM   567  O OG  . SER A 1 88 ? -20.303 -13.139 -24.149 1.00 43.67  ? 1248 SER A OG  1 
ATOM   568  N N   . TYR A 1 89 ? -24.301 -15.009 -22.695 1.00 36.22  ? 1249 TYR A N   1 
ATOM   569  C CA  . TYR A 1 89 ? -25.223 -16.145 -22.596 1.00 35.40  ? 1249 TYR A CA  1 
ATOM   570  C C   . TYR A 1 89 ? -26.176 -16.116 -23.780 1.00 40.16  ? 1249 TYR A C   1 
ATOM   571  O O   . TYR A 1 89 ? -26.630 -15.038 -24.205 1.00 44.77  ? 1249 TYR A O   1 
ATOM   572  C CB  . TYR A 1 89 ? -26.020 -16.130 -21.280 1.00 37.25  ? 1249 TYR A CB  1 
ATOM   573  C CG  . TYR A 1 89 ? -25.271 -16.773 -20.113 1.00 35.29  ? 1249 TYR A CG  1 
ATOM   574  C CD1 . TYR A 1 89 ? -24.512 -16.005 -19.241 1.00 39.55  ? 1249 TYR A CD1 1 
ATOM   575  C CD2 . TYR A 1 89 ? -25.273 -18.159 -19.933 1.00 33.59  ? 1249 TYR A CD2 1 
ATOM   576  C CE1 . TYR A 1 89 ? -23.762 -16.593 -18.212 1.00 37.26  ? 1249 TYR A CE1 1 
ATOM   577  C CE2 . TYR A 1 89 ? -24.519 -18.771 -18.904 1.00 34.56  ? 1249 TYR A CE2 1 
ATOM   578  C CZ  . TYR A 1 89 ? -23.769 -17.971 -18.049 1.00 40.53  ? 1249 TYR A CZ  1 
ATOM   579  O OH  . TYR A 1 89 ? -23.026 -18.536 -17.022 1.00 40.09  ? 1249 TYR A OH  1 
ATOM   580  N N   . ILE A 1 90 ? -26.468 -17.290 -24.331 1.00 33.98  ? 1250 ILE A N   1 
ATOM   581  C CA  . ILE A 1 90 ? -27.354 -17.357 -25.486 1.00 42.92  ? 1250 ILE A CA  1 
ATOM   582  C C   . ILE A 1 90 ? -28.720 -17.930 -25.152 1.00 42.59  ? 1250 ILE A C   1 
ATOM   583  O O   . ILE A 1 90 ? -28.826 -19.096 -24.802 1.00 42.76  ? 1250 ILE A O   1 
ATOM   584  C CB  . ILE A 1 90 ? -26.728 -18.214 -26.625 1.00 39.64  ? 1250 ILE A CB  1 
ATOM   585  C CG1 . ILE A 1 90 ? -25.416 -17.586 -27.089 1.00 41.17  ? 1250 ILE A CG1 1 
ATOM   586  C CG2 . ILE A 1 90 ? -27.716 -18.334 -27.790 1.00 45.08  ? 1250 ILE A CG2 1 
ATOM   587  C CD1 . ILE A 1 90 ? -25.534 -16.129 -27.441 1.00 40.77  ? 1250 ILE A CD1 1 
ATOM   588  N N   . ASN A 1 91 ? -29.762 -17.111 -25.262 1.00 48.26  ? 1251 ASN A N   1 
ATOM   589  C CA  . ASN A 1 91 ? -31.126 -17.579 -24.997 1.00 47.16  ? 1251 ASN A CA  1 
ATOM   590  C C   . ASN A 1 91 ? -31.500 -18.527 -26.125 1.00 46.71  ? 1251 ASN A C   1 
ATOM   591  O O   . ASN A 1 91 ? -31.555 -18.128 -27.285 1.00 45.91  ? 1251 ASN A O   1 
ATOM   592  C CB  . ASN A 1 91 ? -32.111 -16.410 -24.957 1.00 49.29  ? 1251 ASN A CB  1 
ATOM   593  C CG  . ASN A 1 91 ? -33.550 -16.878 -24.901 1.00 53.29  ? 1251 ASN A CG  1 
ATOM   594  O OD1 . ASN A 1 91 ? -34.312 -16.704 -25.858 1.00 57.44  ? 1251 ASN A OD1 1 
ATOM   595  N ND2 . ASN A 1 91 ? -33.930 -17.496 -23.780 1.00 50.37  ? 1251 ASN A ND2 1 
ATOM   596  N N   . LEU A 1 92 ? -31.763 -19.782 -25.801 1.00 48.73  ? 1252 LEU A N   1 
ATOM   597  C CA  . LEU A 1 92 ? -32.082 -20.751 -26.842 1.00 52.15  ? 1252 LEU A CA  1 
ATOM   598  C C   . LEU A 1 92 ? -33.352 -20.476 -27.656 1.00 52.07  ? 1252 LEU A C   1 
ATOM   599  O O   . LEU A 1 92 ? -33.452 -20.870 -28.820 1.00 49.38  ? 1252 LEU A O   1 
ATOM   600  C CB  . LEU A 1 92 ? -32.108 -22.146 -26.227 1.00 50.90  ? 1252 LEU A CB  1 
ATOM   601  C CG  . LEU A 1 92 ? -30.811 -22.433 -25.454 1.00 48.64  ? 1252 LEU A CG  1 
ATOM   602  C CD1 . LEU A 1 92 ? -30.709 -23.921 -25.149 1.00 47.71  ? 1252 LEU A CD1 1 
ATOM   603  C CD2 . LEU A 1 92 ? -29.604 -21.994 -26.264 1.00 46.99  ? 1252 LEU A CD2 1 
ATOM   604  N N   . LYS A 1 93 ? -34.307 -19.782 -27.054 1.00 55.97  ? 1253 LYS A N   1 
ATOM   605  C CA  . LYS A 1 93 ? -35.540 -19.450 -27.746 1.00 55.34  ? 1253 LYS A CA  1 
ATOM   606  C C   . LYS A 1 93 ? -35.277 -18.354 -28.796 1.00 54.15  ? 1253 LYS A C   1 
ATOM   607  O O   . LYS A 1 93 ? -35.900 -18.327 -29.857 1.00 53.00  ? 1253 LYS A O   1 
ATOM   608  C CB  . LYS A 1 93 ? -36.587 -18.994 -26.731 1.00 56.60  ? 1253 LYS A CB  1 
ATOM   609  C CG  . LYS A 1 93 ? -37.996 -19.024 -27.268 1.00 61.48  ? 1253 LYS A CG  1 
ATOM   610  C CD  . LYS A 1 93 ? -39.006 -18.750 -26.170 1.00 64.26  ? 1253 LYS A CD  1 
ATOM   611  C CE  . LYS A 1 93 ? -40.417 -19.082 -26.618 1.00 62.71  ? 1253 LYS A CE  1 
ATOM   612  N NZ  . LYS A 1 93 ? -41.418 -18.807 -25.544 1.00 66.95  ? 1253 LYS A NZ  1 
ATOM   613  N N   . GLU A 1 94 ? -34.358 -17.443 -28.488 1.00 48.66  ? 1254 GLU A N   1 
ATOM   614  C CA  . GLU A 1 94 ? -33.970 -16.355 -29.420 1.00 49.07  ? 1254 GLU A CA  1 
ATOM   615  C C   . GLU A 1 94 ? -33.374 -16.954 -30.704 1.00 52.66  ? 1254 GLU A C   1 
ATOM   616  O O   . GLU A 1 94 ? -33.915 -16.732 -31.842 1.00 52.73  ? 1254 GLU A O   1 
ATOM   617  C CB  . GLU A 1 94 ? -32.869 -15.546 -28.753 1.00 50.19  ? 1254 GLU A CB  1 
ATOM   618  C CG  . GLU A 1 94 ? -32.933 -14.029 -28.752 1.00 48.44  ? 1254 GLU A CG  1 
ATOM   619  C CD  . GLU A 1 94 ? -31.897 -13.629 -27.778 1.00 48.50  ? 1254 GLU A CD  1 
ATOM   620  O OE1 . GLU A 1 94 ? -31.491 -14.625 -27.093 1.00 52.57  ? 1254 GLU A OE1 1 
ATOM   621  O OE2 . GLU A 1 94 ? -31.456 -12.442 -27.667 1.00 43.30  ? 1254 GLU A OE2 1 
ATOM   622  O OXT . GLU A 1 94 ? -32.332 -17.648 -30.591 1.00 53.73  ? 1254 GLU A OXT 1 
ATOM   623  N N   . GLN B 1 2  ? -5.379  14.244  -16.668 1.00 31.28  ? 970  GLN B N   1 
ATOM   624  C CA  . GLN B 1 2  ? -5.698  12.877  -16.078 1.00 39.53  ? 970  GLN B CA  1 
ATOM   625  C C   . GLN B 1 2  ? -4.401  12.129  -15.841 1.00 30.27  ? 970  GLN B C   1 
ATOM   626  O O   . GLN B 1 2  ? -4.025  11.857  -14.704 1.00 26.98  ? 970  GLN B O   1 
ATOM   627  C CB  . GLN B 1 2  ? -6.579  12.050  -16.998 1.00 43.53  ? 970  GLN B CB  1 
ATOM   628  C CG  . GLN B 1 2  ? -6.599  10.564  -16.582 1.00 53.29  ? 970  GLN B CG  1 
ATOM   629  C CD  . GLN B 1 2  ? -7.694  9.752   -17.250 1.00 63.07  ? 970  GLN B CD  1 
ATOM   630  O OE1 . GLN B 1 2  ? -8.815  9.657   -16.741 1.00 67.41  ? 970  GLN B OE1 1 
ATOM   631  N NE2 . GLN B 1 2  ? -7.377  9.166   -18.399 1.00 62.73  ? 970  GLN B NE2 1 
ATOM   632  N N   . LYS B 1 3  ? -3.715  11.805  -16.935 1.00 30.62  ? 971  LYS B N   1 
ATOM   633  C CA  . LYS B 1 3  ? -2.414  11.178  -16.822 1.00 34.30  ? 971  LYS B CA  1 
ATOM   634  C C   . LYS B 1 3  ? -1.545  12.388  -16.434 1.00 33.48  ? 971  LYS B C   1 
ATOM   635  O O   . LYS B 1 3  ? -0.569  12.262  -15.712 1.00 23.88  ? 971  LYS B O   1 
ATOM   636  C CB  . LYS B 1 3  ? -1.942  10.626  -18.170 1.00 40.21  ? 971  LYS B CB  1 
ATOM   637  C CG  . LYS B 1 3  ? -3.053  10.328  -19.166 1.00 55.10  ? 971  LYS B CG  1 
ATOM   638  C CD  . LYS B 1 3  ? -2.477  10.168  -20.573 1.00 60.63  ? 971  LYS B CD  1 
ATOM   639  C CE  . LYS B 1 3  ? -3.549  10.287  -21.645 1.00 62.77  ? 971  LYS B CE  1 
ATOM   640  N NZ  . LYS B 1 3  ? -2.952  10.271  -23.016 1.00 65.78  ? 971  LYS B NZ  1 
ATOM   641  N N   . MET B 1 4  ? -1.913  13.569  -16.916 1.00 27.93  ? 972  MET B N   1 
ATOM   642  C CA  . MET B 1 4  ? -1.142  14.768  -16.567 1.00 31.44  ? 972  MET B CA  1 
ATOM   643  C C   . MET B 1 4  ? -1.428  15.055  -15.067 1.00 31.50  ? 972  MET B C   1 
ATOM   644  O O   . MET B 1 4  ? -0.504  15.271  -14.286 1.00 33.04  ? 972  MET B O   1 
ATOM   645  C CB  . MET B 1 4  ? -1.570  15.929  -17.470 1.00 33.24  ? 972  MET B CB  1 
ATOM   646  C CG  . MET B 1 4  ? -0.874  17.268  -17.227 1.00 32.36  ? 972  MET B CG  1 
ATOM   647  S SD  . MET B 1 4  ? -1.761  18.288  -16.007 1.00 39.13  ? 972  MET B SD  1 
ATOM   648  C CE  . MET B 1 4  ? -2.964  19.125  -17.117 1.00 35.86  ? 972  MET B CE  1 
ATOM   649  N N   . ILE B 1 5  ? -2.697  15.005  -14.656 1.00 33.36  ? 973  ILE B N   1 
ATOM   650  C CA  . ILE B 1 5  ? -3.039  15.246  -13.236 1.00 28.12  ? 973  ILE B CA  1 
ATOM   651  C C   . ILE B 1 5  ? -2.336  14.252  -12.301 1.00 25.57  ? 973  ILE B C   1 
ATOM   652  O O   . ILE B 1 5  ? -1.649  14.660  -11.378 1.00 24.68  ? 973  ILE B O   1 
ATOM   653  C CB  . ILE B 1 5  ? -4.546  15.203  -13.000 1.00 23.26  ? 973  ILE B CB  1 
ATOM   654  C CG1 . ILE B 1 5  ? -5.201  16.444  -13.652 1.00 33.70  ? 973  ILE B CG1 1 
ATOM   655  C CG2 . ILE B 1 5  ? -4.831  15.259  -11.485 1.00 22.69  ? 973  ILE B CG2 1 
ATOM   656  C CD1 . ILE B 1 5  ? -6.722  16.386  -13.724 1.00 32.28  ? 973  ILE B CD1 1 
ATOM   657  N N   . ALA B 1 6  ? -2.496  12.955  -12.541 1.00 25.65  ? 974  ALA B N   1 
ATOM   658  C CA  . ALA B 1 6  ? -1.802  11.950  -11.722 1.00 23.22  ? 974  ALA B CA  1 
ATOM   659  C C   . ALA B 1 6  ? -0.256  12.188  -11.720 1.00 20.94  ? 974  ALA B C   1 
ATOM   660  O O   . ALA B 1 6  ? 0.376   12.153  -10.666 1.00 24.60  ? 974  ALA B O   1 
ATOM   661  C CB  . ALA B 1 6  ? -2.139  10.543  -12.238 1.00 24.86  ? 974  ALA B CB  1 
ATOM   662  N N   . SER B 1 7  ? 0.356   12.422  -12.891 1.00 24.01  ? 975  SER B N   1 
ATOM   663  C CA  . SER B 1 7  ? 1.807   12.675  -12.941 1.00 26.00  ? 975  SER B CA  1 
ATOM   664  C C   . SER B 1 7  ? 2.235   13.858  -12.058 1.00 28.45  ? 975  SER B C   1 
ATOM   665  O O   . SER B 1 7  ? 3.244   13.794  -11.339 1.00 22.92  ? 975  SER B O   1 
ATOM   666  C CB  . SER B 1 7  ? 2.277   12.963  -14.381 1.00 28.88  ? 975  SER B CB  1 
ATOM   667  O OG  . SER B 1 7  ? 2.013   11.856  -15.218 1.00 38.40  ? 975  SER B OG  1 
ATOM   668  N N   . ALA B 1 8  ? 1.482   14.944  -12.125 1.00 23.15  ? 976  ALA B N   1 
ATOM   669  C CA  . ALA B 1 8  ? 1.805   16.111  -11.300 1.00 29.15  ? 976  ALA B CA  1 
ATOM   670  C C   . ALA B 1 8  ? 1.588   15.777  -9.788  1.00 31.92  ? 976  ALA B C   1 
ATOM   671  O O   . ALA B 1 8  ? 2.274   16.317  -8.915  1.00 27.44  ? 976  ALA B O   1 
ATOM   672  C CB  . ALA B 1 8  ? 0.924   17.311  -11.731 1.00 24.35  ? 976  ALA B CB  1 
ATOM   673  N N   . PHE B 1 9  ? 0.631   14.896  -9.492  1.00 29.48  ? 977  PHE B N   1 
ATOM   674  C CA  . PHE B 1 9  ? 0.344   14.474  -8.094  1.00 22.71  ? 977  PHE B CA  1 
ATOM   675  C C   . PHE B 1 9  ? 1.502   13.557  -7.629  1.00 24.81  ? 977  PHE B C   1 
ATOM   676  O O   . PHE B 1 9  ? 1.993   13.668  -6.508  1.00 23.88  ? 977  PHE B O   1 
ATOM   677  C CB  . PHE B 1 9  ? -0.983  13.705  -8.042  1.00 25.79  ? 977  PHE B CB  1 
ATOM   678  C CG  . PHE B 1 9  ? -1.279  13.082  -6.707  1.00 27.00  ? 977  PHE B CG  1 
ATOM   679  C CD1 . PHE B 1 9  ? -1.548  13.862  -5.599  1.00 24.81  ? 977  PHE B CD1 1 
ATOM   680  C CD2 . PHE B 1 9  ? -1.290  11.690  -6.566  1.00 28.34  ? 977  PHE B CD2 1 
ATOM   681  C CE1 . PHE B 1 9  ? -1.825  13.253  -4.341  1.00 25.55  ? 977  PHE B CE1 1 
ATOM   682  C CE2 . PHE B 1 9  ? -1.567  11.081  -5.332  1.00 30.40  ? 977  PHE B CE2 1 
ATOM   683  C CZ  . PHE B 1 9  ? -1.830  11.860  -4.218  1.00 23.50  ? 977  PHE B CZ  1 
ATOM   684  N N   . ASN B 1 10 ? 1.961   12.676  -8.514  1.00 26.97  ? 978  ASN B N   1 
ATOM   685  C CA  . ASN B 1 10 ? 3.080   11.767  -8.169  1.00 24.76  ? 978  ASN B CA  1 
ATOM   686  C C   . ASN B 1 10 ? 4.376   12.573  -7.892  1.00 27.79  ? 978  ASN B C   1 
ATOM   687  O O   . ASN B 1 10 ? 5.121   12.318  -6.920  1.00 29.37  ? 978  ASN B O   1 
ATOM   688  C CB  . ASN B 1 10 ? 3.275   10.733  -9.293  1.00 18.07  ? 978  ASN B CB  1 
ATOM   689  C CG  . ASN B 1 10 ? 2.261   9.599   -9.218  1.00 27.40  ? 978  ASN B CG  1 
ATOM   690  O OD1 . ASN B 1 10 ? 1.599   9.452   -8.205  1.00 22.91  ? 978  ASN B OD1 1 
ATOM   691  N ND2 . ASN B 1 10 ? 2.136   8.800   -10.291 1.00 21.84  ? 978  ASN B ND2 1 
ATOM   692  N N   . ASN B 1 11 ? 4.630   13.583  -8.713  1.00 31.79  ? 979  ASN B N   1 
ATOM   693  C CA  . ASN B 1 11 ? 5.810   14.414  -8.494  1.00 27.93  ? 979  ASN B CA  1 
ATOM   694  C C   . ASN B 1 11 ? 5.719   15.041  -7.109  1.00 21.21  ? 979  ASN B C   1 
ATOM   695  O O   . ASN B 1 11 ? 6.681   15.012  -6.326  1.00 24.00  ? 979  ASN B O   1 
ATOM   696  C CB  . ASN B 1 11 ? 5.883   15.516  -9.547  1.00 29.53  ? 979  ASN B CB  1 
ATOM   697  C CG  . ASN B 1 11 ? 6.288   14.990  -10.915 1.00 47.53  ? 979  ASN B CG  1 
ATOM   698  O OD1 . ASN B 1 11 ? 6.018   15.621  -11.945 1.00 52.87  ? 979  ASN B OD1 1 
ATOM   699  N ND2 . ASN B 1 11 ? 6.957   13.826  -10.934 1.00 49.68  ? 979  ASN B ND2 1 
ATOM   700  N N   . ALA B 1 12 ? 4.556   15.624  -6.815  1.00 24.85  ? 980  ALA B N   1 
ATOM   701  C CA  . ALA B 1 12 ? 4.335   16.265  -5.516  1.00 23.07  ? 980  ALA B CA  1 
ATOM   702  C C   . ALA B 1 12 ? 4.662   15.322  -4.400  1.00 25.72  ? 980  ALA B C   1 
ATOM   703  O O   . ALA B 1 12 ? 5.443   15.683  -3.518  1.00 26.12  ? 980  ALA B O   1 
ATOM   704  C CB  . ALA B 1 12 ? 2.925   16.719  -5.385  1.00 21.19  ? 980  ALA B CB  1 
ATOM   705  N N   . LEU B 1 13 ? 4.070   14.113  -4.444  1.00 22.76  ? 981  LEU B N   1 
ATOM   706  C CA  . LEU B 1 13 ? 4.319   13.106  -3.426  1.00 23.89  ? 981  LEU B CA  1 
ATOM   707  C C   . LEU B 1 13 ? 5.795   12.906  -3.196  1.00 24.49  ? 981  LEU B C   1 
ATOM   708  O O   . LEU B 1 13 ? 6.240   12.900  -2.064  1.00 23.95  ? 981  LEU B O   1 
ATOM   709  C CB  . LEU B 1 13 ? 3.718   11.727  -3.810  1.00 25.48  ? 981  LEU B CB  1 
ATOM   710  C CG  . LEU B 1 13 ? 2.210   11.586  -3.823  1.00 22.16  ? 981  LEU B CG  1 
ATOM   711  C CD1 . LEU B 1 13 ? 1.783   10.180  -4.267  1.00 30.37  ? 981  LEU B CD1 1 
ATOM   712  C CD2 . LEU B 1 13 ? 1.739   11.858  -2.435  1.00 31.82  ? 981  LEU B CD2 1 
ATOM   713  N N   . GLY B 1 14 ? 6.554   12.722  -4.273  1.00 27.74  ? 982  GLY B N   1 
ATOM   714  C CA  . GLY B 1 14 ? 7.982   12.477  -4.110  1.00 28.77  ? 982  GLY B CA  1 
ATOM   715  C C   . GLY B 1 14 ? 8.641   13.622  -3.351  1.00 33.51  ? 982  GLY B C   1 
ATOM   716  O O   . GLY B 1 14 ? 9.550   13.406  -2.537  1.00 30.50  ? 982  GLY B O   1 
ATOM   717  N N   . ALA B 1 15 ? 8.171   14.844  -3.607  1.00 25.69  ? 983  ALA B N   1 
ATOM   718  C CA  . ALA B 1 15 ? 8.735   16.014  -2.941  1.00 26.52  ? 983  ALA B CA  1 
ATOM   719  C C   . ALA B 1 15 ? 8.203   16.126  -1.495  1.00 27.31  ? 983  ALA B C   1 
ATOM   720  O O   . ALA B 1 15 ? 8.866   16.689  -0.637  1.00 28.72  ? 983  ALA B O   1 
ATOM   721  C CB  . ALA B 1 15 ? 8.384   17.280  -3.720  1.00 27.05  ? 983  ALA B CB  1 
ATOM   722  N N   . ILE B 1 16 ? 7.004   15.618  -1.223  1.00 23.82  ? 984  ILE B N   1 
ATOM   723  C CA  . ILE B 1 16 ? 6.504   15.744  0.162   1.00 24.12  ? 984  ILE B CA  1 
ATOM   724  C C   . ILE B 1 16 ? 7.285   14.811  1.085   1.00 26.86  ? 984  ILE B C   1 
ATOM   725  O O   . ILE B 1 16 ? 7.586   15.166  2.227   1.00 31.37  ? 984  ILE B O   1 
ATOM   726  C CB  . ILE B 1 16 ? 5.008   15.468  0.252   1.00 25.30  ? 984  ILE B CB  1 
ATOM   727  C CG1 . ILE B 1 16 ? 4.249   16.534  -0.539  1.00 28.47  ? 984  ILE B CG1 1 
ATOM   728  C CG2 . ILE B 1 16 ? 4.546   15.559  1.715   1.00 28.43  ? 984  ILE B CG2 1 
ATOM   729  C CD1 . ILE B 1 16 ? 2.886   16.085  -1.012  1.00 28.02  ? 984  ILE B CD1 1 
ATOM   730  N N   . GLN B 1 17 ? 7.634   13.625  0.586   1.00 28.11  ? 985  GLN B N   1 
ATOM   731  C CA  . GLN B 1 17 ? 8.429   12.671  1.367   1.00 24.46  ? 985  GLN B CA  1 
ATOM   732  C C   . GLN B 1 17 ? 9.843   13.210  1.580   1.00 30.04  ? 985  GLN B C   1 
ATOM   733  O O   . GLN B 1 17 ? 10.403  13.079  2.665   1.00 38.99  ? 985  GLN B O   1 
ATOM   734  C CB  . GLN B 1 17 ? 8.498   11.330  0.655   1.00 24.37  ? 985  GLN B CB  1 
ATOM   735  C CG  . GLN B 1 17 ? 7.140   10.797  0.278   1.00 23.68  ? 985  GLN B CG  1 
ATOM   736  C CD  . GLN B 1 17 ? 7.209   9.415   -0.301  1.00 32.54  ? 985  GLN B CD  1 
ATOM   737  O OE1 . GLN B 1 17 ? 7.265   8.423   0.428   1.00 39.34  ? 985  GLN B OE1 1 
ATOM   738  N NE2 . GLN B 1 17 ? 7.213   9.335   -1.623  1.00 35.51  ? 985  GLN B NE2 1 
ATOM   739  N N   . ASP B 1 18 ? 10.444  13.809  0.558   1.00 22.67  ? 986  ASP B N   1 
ATOM   740  C CA  . ASP B 1 18 ? 11.791  14.358  0.772   1.00 30.45  ? 986  ASP B CA  1 
ATOM   741  C C   . ASP B 1 18 ? 11.743  15.356  1.941   1.00 32.24  ? 986  ASP B C   1 
ATOM   742  O O   . ASP B 1 18 ? 12.568  15.306  2.844   1.00 31.03  ? 986  ASP B O   1 
ATOM   743  C CB  . ASP B 1 18 ? 12.316  15.085  -0.483  1.00 27.72  ? 986  ASP B CB  1 
ATOM   744  C CG  . ASP B 1 18 ? 12.608  14.146  -1.632  1.00 30.86  ? 986  ASP B CG  1 
ATOM   745  O OD1 . ASP B 1 18 ? 12.654  12.914  -1.402  1.00 42.36  ? 986  ASP B OD1 1 
ATOM   746  O OD2 . ASP B 1 18 ? 12.824  14.640  -2.771  1.00 35.72  ? 986  ASP B OD2 1 
ATOM   747  N N   . GLY B 1 19 ? 10.754  16.255  1.913   1.00 33.08  ? 987  GLY B N   1 
ATOM   748  C CA  . GLY B 1 19 ? 10.611  17.249  2.963   1.00 28.33  ? 987  GLY B CA  1 
ATOM   749  C C   . GLY B 1 19 ? 10.431  16.679  4.357   1.00 31.23  ? 987  GLY B C   1 
ATOM   750  O O   . GLY B 1 19 ? 11.056  17.179  5.300   1.00 31.23  ? 987  GLY B O   1 
ATOM   751  N N   . PHE B 1 20 ? 9.565   15.665  4.502   1.00 23.56  ? 988  PHE B N   1 
ATOM   752  C CA  . PHE B 1 20 ? 9.328   15.036  5.806   1.00 33.64  ? 988  PHE B CA  1 
ATOM   753  C C   . PHE B 1 20 ? 10.552  14.224  6.191   1.00 35.09  ? 988  PHE B C   1 
ATOM   754  O O   . PHE B 1 20 ? 10.891  14.082  7.366   1.00 30.21  ? 988  PHE B O   1 
ATOM   755  C CB  . PHE B 1 20 ? 8.072   14.131  5.765   1.00 28.27  ? 988  PHE B CB  1 
ATOM   756  C CG  . PHE B 1 20 ? 6.766   14.897  5.876   1.00 27.34  ? 988  PHE B CG  1 
ATOM   757  C CD1 . PHE B 1 20 ? 5.685   14.583  5.071   1.00 33.67  ? 988  PHE B CD1 1 
ATOM   758  C CD2 . PHE B 1 20 ? 6.636   15.939  6.780   1.00 30.50  ? 988  PHE B CD2 1 
ATOM   759  C CE1 . PHE B 1 20 ? 4.485   15.308  5.156   1.00 33.28  ? 988  PHE B CE1 1 
ATOM   760  C CE2 . PHE B 1 20 ? 5.448   16.669  6.876   1.00 34.39  ? 988  PHE B CE2 1 
ATOM   761  C CZ  . PHE B 1 20 ? 4.378   16.357  6.065   1.00 36.81  ? 988  PHE B CZ  1 
ATOM   762  N N   . ASP B 1 21 ? 11.219  13.693  5.183   1.00 33.08  ? 989  ASP B N   1 
ATOM   763  C CA  . ASP B 1 21 ? 12.419  12.909  5.403   1.00 36.59  ? 989  ASP B CA  1 
ATOM   764  C C   . ASP B 1 21 ? 13.414  13.821  6.097   1.00 34.24  ? 989  ASP B C   1 
ATOM   765  O O   . ASP B 1 21 ? 13.988  13.488  7.148   1.00 32.91  ? 989  ASP B O   1 
ATOM   766  C CB  . ASP B 1 21 ? 12.993  12.487  4.065   1.00 42.99  ? 989  ASP B CB  1 
ATOM   767  C CG  . ASP B 1 21 ? 13.642  11.156  4.124   1.00 48.60  ? 989  ASP B CG  1 
ATOM   768  O OD1 . ASP B 1 21 ? 14.218  10.841  5.184   1.00 46.92  ? 989  ASP B OD1 1 
ATOM   769  O OD2 . ASP B 1 21 ? 13.578  10.432  3.109   1.00 58.65  ? 989  ASP B OD2 1 
ATOM   770  N N   . ALA B 1 22 ? 13.596  14.987  5.479   1.00 34.82  ? 990  ALA B N   1 
ATOM   771  C CA  . ALA B 1 22 ? 14.500  16.011  5.965   1.00 34.66  ? 990  ALA B CA  1 
ATOM   772  C C   . ALA B 1 22 ? 14.069  16.489  7.339   1.00 38.59  ? 990  ALA B C   1 
ATOM   773  O O   . ALA B 1 22 ? 14.916  16.694  8.215   1.00 39.09  ? 990  ALA B O   1 
ATOM   774  C CB  . ALA B 1 22 ? 14.549  17.179  4.980   1.00 37.48  ? 990  ALA B CB  1 
ATOM   775  N N   . THR B 1 23 ? 12.765  16.688  7.528   1.00 34.61  ? 991  THR B N   1 
ATOM   776  C CA  . THR B 1 23 ? 12.260  17.122  8.833   1.00 33.50  ? 991  THR B CA  1 
ATOM   777  C C   . THR B 1 23 ? 12.667  16.074  9.884   1.00 37.60  ? 991  THR B C   1 
ATOM   778  O O   . THR B 1 23 ? 13.194  16.413  10.947  1.00 43.00  ? 991  THR B O   1 
ATOM   779  C CB  . THR B 1 23 ? 10.724  17.273  8.834   1.00 34.93  ? 991  THR B CB  1 
ATOM   780  O OG1 . THR B 1 23 ? 10.333  18.280  7.893   1.00 29.30  ? 991  THR B OG1 1 
ATOM   781  C CG2 . THR B 1 23 ? 10.222  17.672  10.220  1.00 37.50  ? 991  THR B CG2 1 
ATOM   782  N N   . ASN B 1 24 ? 12.435  14.799  9.582   1.00 35.55  ? 992  ASN B N   1 
ATOM   783  C CA  . ASN B 1 24 ? 12.778  13.730  10.512  1.00 35.21  ? 992  ASN B CA  1 
ATOM   784  C C   . ASN B 1 24 ? 14.273  13.679  10.811  1.00 35.16  ? 992  ASN B C   1 
ATOM   785  O O   . ASN B 1 24 ? 14.666  13.476  11.957  1.00 35.05  ? 992  ASN B O   1 
ATOM   786  C CB  . ASN B 1 24 ? 12.287  12.373  9.997   1.00 30.62  ? 992  ASN B CB  1 
ATOM   787  C CG  . ASN B 1 24 ? 11.276  11.744  10.938  1.00 41.18  ? 992  ASN B CG  1 
ATOM   788  O OD1 . ASN B 1 24 ? 10.851  12.370  11.912  1.00 38.58  ? 992  ASN B OD1 1 
ATOM   789  N ND2 . ASN B 1 24 ? 10.884  10.512  10.655  1.00 45.65  ? 992  ASN B ND2 1 
ATOM   790  N N   . SER B 1 25 ? 15.107  13.881  9.797   1.00 30.65  ? 993  SER B N   1 
ATOM   791  C CA  . SER B 1 25 ? 16.547  13.898  10.021  1.00 40.95  ? 993  SER B CA  1 
ATOM   792  C C   . SER B 1 25 ? 16.896  15.084  10.915  1.00 42.13  ? 993  SER B C   1 
ATOM   793  O O   . SER B 1 25 ? 17.805  15.014  11.747  1.00 43.15  ? 993  SER B O   1 
ATOM   794  C CB  . SER B 1 25 ? 17.301  14.021  8.693   1.00 35.56  ? 993  SER B CB  1 
ATOM   795  O OG  . SER B 1 25 ? 18.636  14.442  8.922   1.00 43.06  ? 993  SER B OG  1 
ATOM   796  N N   . ALA B 1 26 ? 16.170  16.181  10.733  1.00 40.11  ? 994  ALA B N   1 
ATOM   797  C CA  . ALA B 1 26 ? 16.387  17.382  11.518  1.00 39.24  ? 994  ALA B CA  1 
ATOM   798  C C   . ALA B 1 26 ? 16.028  17.204  13.001  1.00 40.23  ? 994  ALA B C   1 
ATOM   799  O O   . ALA B 1 26 ? 16.751  17.674  13.880  1.00 37.20  ? 994  ALA B O   1 
ATOM   800  C CB  . ALA B 1 26 ? 15.595  18.523  10.925  1.00 42.91  ? 994  ALA B CB  1 
ATOM   801  N N   . LEU B 1 27 ? 14.929  16.516  13.273  1.00 36.52  ? 995  LEU B N   1 
ATOM   802  C CA  . LEU B 1 27 ? 14.488  16.298  14.653  1.00 38.39  ? 995  LEU B CA  1 
ATOM   803  C C   . LEU B 1 27 ? 15.479  15.400  15.420  1.00 40.86  ? 995  LEU B C   1 
ATOM   804  O O   . LEU B 1 27 ? 15.639  15.512  16.653  1.00 37.22  ? 995  LEU B O   1 
ATOM   805  C CB  . LEU B 1 27 ? 13.085  15.689  14.657  1.00 30.87  ? 995  LEU B CB  1 
ATOM   806  C CG  . LEU B 1 27 ? 11.948  16.604  14.114  1.00 32.99  ? 995  LEU B CG  1 
ATOM   807  C CD1 . LEU B 1 27 ? 10.604  15.896  14.227  1.00 36.93  ? 995  LEU B CD1 1 
ATOM   808  C CD2 . LEU B 1 27 ? 11.904  17.927  14.895  1.00 34.54  ? 995  LEU B CD2 1 
ATOM   809  N N   . GLY B 1 28 ? 16.147  14.522  14.677  1.00 39.51  ? 996  GLY B N   1 
ATOM   810  C CA  . GLY B 1 28 ? 17.124  13.629  15.273  1.00 41.65  ? 996  GLY B CA  1 
ATOM   811  C C   . GLY B 1 28 ? 18.355  14.381  15.744  1.00 40.64  ? 996  GLY B C   1 
ATOM   812  O O   . GLY B 1 28 ? 18.776  14.223  16.890  1.00 38.75  ? 996  GLY B O   1 
ATOM   813  N N   . LYS B 1 29 ? 18.929  15.209  14.875  1.00 42.29  ? 997  LYS B N   1 
ATOM   814  C CA  . LYS B 1 29 ? 20.123  15.962  15.239  1.00 41.39  ? 997  LYS B CA  1 
ATOM   815  C C   . LYS B 1 29 ? 19.843  16.847  16.440  1.00 42.27  ? 997  LYS B C   1 
ATOM   816  O O   . LYS B 1 29 ? 20.633  16.901  17.369  1.00 33.51  ? 997  LYS B O   1 
ATOM   817  C CB  . LYS B 1 29 ? 20.597  16.860  14.093  1.00 41.53  ? 997  LYS B CB  1 
ATOM   818  C CG  . LYS B 1 29 ? 21.121  16.141  12.858  1.00 44.31  ? 997  LYS B CG  1 
ATOM   819  C CD  . LYS B 1 29 ? 21.822  17.158  11.973  1.00 45.39  ? 997  LYS B CD  1 
ATOM   820  C CE  . LYS B 1 29 ? 22.260  16.568  10.658  1.00 43.75  ? 997  LYS B CE  1 
ATOM   821  N NZ  . LYS B 1 29 ? 22.888  17.620  9.820   1.00 43.76  ? 997  LYS B NZ  1 
ATOM   822  N N   . ILE B 1 30 ? 18.702  17.529  16.409  1.00 39.83  ? 998  ILE B N   1 
ATOM   823  C CA  . ILE B 1 30 ? 18.316  18.438  17.465  1.00 37.51  ? 998  ILE B CA  1 
ATOM   824  C C   . ILE B 1 30 ? 18.234  17.768  18.844  1.00 39.88  ? 998  ILE B C   1 
ATOM   825  O O   . ILE B 1 30 ? 18.805  18.263  19.816  1.00 37.57  ? 998  ILE B O   1 
ATOM   826  C CB  . ILE B 1 30 ? 16.971  19.121  17.086  1.00 40.88  ? 998  ILE B CB  1 
ATOM   827  C CG1 . ILE B 1 30 ? 17.117  19.753  15.694  1.00 45.62  ? 998  ILE B CG1 1 
ATOM   828  C CG2 . ILE B 1 30 ? 16.623  20.214  18.099  1.00 43.24  ? 998  ILE B CG2 1 
ATOM   829  C CD1 . ILE B 1 30 ? 15.840  20.298  15.050  1.00 36.49  ? 998  ILE B CD1 1 
ATOM   830  N N   . GLN B 1 31 ? 17.538  16.636  18.921  1.00 41.83  ? 999  GLN B N   1 
ATOM   831  C CA  . GLN B 1 31 ? 17.393  15.901  20.170  1.00 45.68  ? 999  GLN B CA  1 
ATOM   832  C C   . GLN B 1 31 ? 18.753  15.388  20.671  1.00 44.87  ? 999  GLN B C   1 
ATOM   833  O O   . GLN B 1 31 ? 19.012  15.333  21.875  1.00 46.62  ? 999  GLN B O   1 
ATOM   834  C CB  . GLN B 1 31 ? 16.455  14.702  19.984  1.00 45.88  ? 999  GLN B CB  1 
ATOM   835  C CG  . GLN B 1 31 ? 16.440  13.797  21.211  1.00 48.71  ? 999  GLN B CG  1 
ATOM   836  C CD  . GLN B 1 31 ? 15.724  12.489  20.984  1.00 47.14  ? 999  GLN B CD  1 
ATOM   837  O OE1 . GLN B 1 31 ? 14.497  12.413  21.051  1.00 48.10  ? 999  GLN B OE1 1 
ATOM   838  N NE2 . GLN B 1 31 ? 16.490  11.446  20.698  1.00 50.76  ? 999  GLN B NE2 1 
ATOM   839  N N   . SER B 1 32 ? 19.599  14.990  19.732  1.00 42.32  ? 1000 SER B N   1 
ATOM   840  C CA  . SER B 1 32 ? 20.928  14.487  20.049  1.00 46.98  ? 1000 SER B CA  1 
ATOM   841  C C   . SER B 1 32 ? 21.740  15.633  20.666  1.00 47.01  ? 1000 SER B C   1 
ATOM   842  O O   . SER B 1 32 ? 22.475  15.447  21.636  1.00 42.70  ? 1000 SER B O   1 
ATOM   843  C CB  . SER B 1 32 ? 21.593  13.998  18.760  1.00 47.29  ? 1000 SER B CB  1 
ATOM   844  O OG  . SER B 1 32 ? 22.856  13.413  19.007  1.00 54.48  ? 1000 SER B OG  1 
ATOM   845  N N   . VAL B 1 33 ? 21.585  16.830  20.108  1.00 44.18  ? 1001 VAL B N   1 
ATOM   846  C CA  . VAL B 1 33 ? 22.332  17.979  20.599  1.00 45.43  ? 1001 VAL B CA  1 
ATOM   847  C C   . VAL B 1 33 ? 21.719  18.567  21.860  1.00 47.49  ? 1001 VAL B C   1 
ATOM   848  O O   . VAL B 1 33 ? 22.393  18.700  22.885  1.00 48.98  ? 1001 VAL B O   1 
ATOM   849  C CB  . VAL B 1 33 ? 22.436  19.090  19.535  1.00 42.96  ? 1001 VAL B CB  1 
ATOM   850  C CG1 . VAL B 1 33 ? 23.244  20.267  20.088  1.00 42.67  ? 1001 VAL B CG1 1 
ATOM   851  C CG2 . VAL B 1 33 ? 23.100  18.544  18.281  1.00 46.91  ? 1001 VAL B CG2 1 
ATOM   852  N N   . VAL B 1 34 ? 20.444  18.922  21.800  1.00 41.64  ? 1002 VAL B N   1 
ATOM   853  C CA  . VAL B 1 34 ? 19.846  19.500  22.977  1.00 44.91  ? 1002 VAL B CA  1 
ATOM   854  C C   . VAL B 1 34 ? 20.122  18.600  24.174  1.00 43.63  ? 1002 VAL B C   1 
ATOM   855  O O   . VAL B 1 34 ? 20.401  19.091  25.273  1.00 46.56  ? 1002 VAL B O   1 
ATOM   856  C CB  . VAL B 1 34 ? 18.341  19.710  22.795  1.00 43.26  ? 1002 VAL B CB  1 
ATOM   857  C CG1 . VAL B 1 34 ? 17.727  20.298  24.073  1.00 47.89  ? 1002 VAL B CG1 1 
ATOM   858  C CG2 . VAL B 1 34 ? 18.116  20.659  21.646  1.00 38.28  ? 1002 VAL B CG2 1 
ATOM   859  N N   . ASN B 1 35 ? 20.090  17.288  23.946  1.00 40.87  ? 1003 ASN B N   1 
ATOM   860  C CA  . ASN B 1 35 ? 20.327  16.323  25.017  1.00 46.04  ? 1003 ASN B CA  1 
ATOM   861  C C   . ASN B 1 35 ? 21.793  16.147  25.370  1.00 46.02  ? 1003 ASN B C   1 
ATOM   862  O O   . ASN B 1 35 ? 22.123  15.844  26.513  1.00 51.83  ? 1003 ASN B O   1 
ATOM   863  C CB  . ASN B 1 35 ? 19.715  14.968  24.665  1.00 41.53  ? 1003 ASN B CB  1 
ATOM   864  C CG  . ASN B 1 35 ? 18.216  14.957  24.834  1.00 42.61  ? 1003 ASN B CG  1 
ATOM   865  O OD1 . ASN B 1 35 ? 17.549  13.969  24.519  1.00 49.41  ? 1003 ASN B OD1 1 
ATOM   866  N ND2 . ASN B 1 35 ? 17.674  16.058  25.334  1.00 40.17  ? 1003 ASN B ND2 1 
ATOM   867  N N   . ALA B 1 36 ? 22.679  16.319  24.398  1.00 44.25  ? 1004 ALA B N   1 
ATOM   868  C CA  . ALA B 1 36 ? 24.103  16.198  24.690  1.00 45.62  ? 1004 ALA B CA  1 
ATOM   869  C C   . ALA B 1 36 ? 24.462  17.367  25.596  1.00 49.34  ? 1004 ALA B C   1 
ATOM   870  O O   . ALA B 1 36 ? 25.104  17.182  26.625  1.00 53.91  ? 1004 ALA B O   1 
ATOM   871  C CB  . ALA B 1 36 ? 24.923  16.263  23.410  1.00 41.50  ? 1004 ALA B CB  1 
ATOM   872  N N   . ASN B 1 37 ? 24.035  18.568  25.211  1.00 50.63  ? 1005 ASN B N   1 
ATOM   873  C CA  . ASN B 1 37 ? 24.305  19.777  25.989  1.00 49.88  ? 1005 ASN B CA  1 
ATOM   874  C C   . ASN B 1 37 ? 23.568  19.798  27.332  1.00 53.39  ? 1005 ASN B C   1 
ATOM   875  O O   . ASN B 1 37 ? 24.080  20.326  28.324  1.00 51.60  ? 1005 ASN B O   1 
ATOM   876  C CB  . ASN B 1 37 ? 23.928  21.014  25.181  1.00 47.40  ? 1005 ASN B CB  1 
ATOM   877  C CG  . ASN B 1 37 ? 24.707  21.108  23.891  1.00 49.53  ? 1005 ASN B CG  1 
ATOM   878  O OD1 . ASN B 1 37 ? 25.551  20.255  23.617  1.00 49.35  ? 1005 ASN B OD1 1 
ATOM   879  N ND2 . ASN B 1 37 ? 24.435  22.136  23.090  1.00 35.14  ? 1005 ASN B ND2 1 
ATOM   880  N N   . ALA B 1 38 ? 22.366  19.228  27.357  1.00 51.57  ? 1006 ALA B N   1 
ATOM   881  C CA  . ALA B 1 38 ? 21.591  19.187  28.586  1.00 50.85  ? 1006 ALA B CA  1 
ATOM   882  C C   . ALA B 1 38 ? 22.373  18.391  29.617  1.00 56.25  ? 1006 ALA B C   1 
ATOM   883  O O   . ALA B 1 38 ? 22.545  18.830  30.752  1.00 56.05  ? 1006 ALA B O   1 
ATOM   884  C CB  . ALA B 1 38 ? 20.257  18.531  28.343  1.00 48.83  ? 1006 ALA B CB  1 
ATOM   885  N N   . GLU B 1 39 ? 22.846  17.216  29.208  1.00 58.73  ? 1007 GLU B N   1 
ATOM   886  C CA  . GLU B 1 39 ? 23.613  16.353  30.096  1.00 62.56  ? 1007 GLU B CA  1 
ATOM   887  C C   . GLU B 1 39 ? 24.968  16.962  30.448  1.00 60.83  ? 1007 GLU B C   1 
ATOM   888  O O   . GLU B 1 39 ? 25.505  16.710  31.528  1.00 61.75  ? 1007 GLU B O   1 
ATOM   889  C CB  . GLU B 1 39 ? 23.781  14.960  29.471  1.00 64.19  ? 1007 GLU B CB  1 
ATOM   890  C CG  . GLU B 1 39 ? 22.539  14.072  29.633  1.00 68.21  ? 1007 GLU B CG  1 
ATOM   891  C CD  . GLU B 1 39 ? 22.685  12.720  28.950  1.00 71.89  ? 1007 GLU B CD  1 
ATOM   892  O OE1 . GLU B 1 39 ? 21.896  11.796  29.261  1.00 65.67  ? 1007 GLU B OE1 1 
ATOM   893  O OE2 . GLU B 1 39 ? 23.588  12.586  28.092  1.00 73.03  ? 1007 GLU B OE2 1 
ATOM   894  N N   . ALA B 1 40 ? 25.518  17.768  29.543  1.00 57.01  ? 1008 ALA B N   1 
ATOM   895  C CA  . ALA B 1 40 ? 26.789  18.418  29.816  1.00 55.20  ? 1008 ALA B CA  1 
ATOM   896  C C   . ALA B 1 40 ? 26.542  19.409  30.963  1.00 57.23  ? 1008 ALA B C   1 
ATOM   897  O O   . ALA B 1 40 ? 27.259  19.404  31.952  1.00 55.98  ? 1008 ALA B O   1 
ATOM   898  C CB  . ALA B 1 40 ? 27.292  19.141  28.581  1.00 47.41  ? 1008 ALA B CB  1 
ATOM   899  N N   . LEU B 1 41 ? 25.518  20.246  30.824  1.00 55.86  ? 1009 LEU B N   1 
ATOM   900  C CA  . LEU B 1 41 ? 25.163  21.217  31.858  1.00 56.47  ? 1009 LEU B CA  1 
ATOM   901  C C   . LEU B 1 41 ? 24.734  20.488  33.136  1.00 60.81  ? 1009 LEU B C   1 
ATOM   902  O O   . LEU B 1 41 ? 24.716  21.065  34.224  1.00 60.36  ? 1009 LEU B O   1 
ATOM   903  C CB  . LEU B 1 41 ? 24.020  22.126  31.373  1.00 50.32  ? 1009 LEU B CB  1 
ATOM   904  C CG  . LEU B 1 41 ? 23.453  23.131  32.384  1.00 46.74  ? 1009 LEU B CG  1 
ATOM   905  C CD1 . LEU B 1 41 ? 24.525  24.105  32.807  1.00 41.35  ? 1009 LEU B CD1 1 
ATOM   906  C CD2 . LEU B 1 41 ? 22.295  23.881  31.764  1.00 55.87  ? 1009 LEU B CD2 1 
ATOM   907  N N   . ASN B 1 42 ? 24.385  19.213  33.000  1.00 64.03  ? 1010 ASN B N   1 
ATOM   908  C CA  . ASN B 1 42 ? 23.972  18.416  34.148  1.00 64.23  ? 1010 ASN B CA  1 
ATOM   909  C C   . ASN B 1 42 ? 25.226  18.015  34.918  1.00 65.74  ? 1010 ASN B C   1 
ATOM   910  O O   . ASN B 1 42 ? 25.248  18.006  36.154  1.00 63.48  ? 1010 ASN B O   1 
ATOM   911  C CB  . ASN B 1 42 ? 23.233  17.165  33.682  1.00 62.20  ? 1010 ASN B CB  1 
ATOM   912  C CG  . ASN B 1 42 ? 22.807  16.282  34.831  1.00 65.27  ? 1010 ASN B CG  1 
ATOM   913  O OD1 . ASN B 1 42 ? 21.985  16.678  35.660  1.00 67.41  ? 1010 ASN B OD1 1 
ATOM   914  N ND2 . ASN B 1 42 ? 23.364  15.077  34.891  1.00 66.47  ? 1010 ASN B ND2 1 
ATOM   915  N N   . ASN B 1 43 ? 26.272  17.681  34.172  1.00 66.14  ? 1011 ASN B N   1 
ATOM   916  C CA  . ASN B 1 43 ? 27.539  17.288  34.766  1.00 66.46  ? 1011 ASN B CA  1 
ATOM   917  C C   . ASN B 1 43 ? 28.147  18.450  35.537  1.00 66.50  ? 1011 ASN B C   1 
ATOM   918  O O   . ASN B 1 43 ? 28.742  18.256  36.598  1.00 65.60  ? 1011 ASN B O   1 
ATOM   919  C CB  . ASN B 1 43 ? 28.511  16.826  33.679  1.00 68.01  ? 1011 ASN B CB  1 
ATOM   920  C CG  . ASN B 1 43 ? 28.295  15.384  33.290  1.00 69.08  ? 1011 ASN B CG  1 
ATOM   921  O OD1 . ASN B 1 43 ? 28.429  14.485  34.120  1.00 72.05  ? 1011 ASN B OD1 1 
ATOM   922  N ND2 . ASN B 1 43 ? 27.951  15.151  32.030  1.00 68.15  ? 1011 ASN B ND2 1 
ATOM   923  N N   . LEU B 1 44 ? 27.981  19.655  35.001  1.00 65.34  ? 1012 LEU B N   1 
ATOM   924  C CA  . LEU B 1 44 ? 28.525  20.855  35.621  1.00 67.00  ? 1012 LEU B CA  1 
ATOM   925  C C   . LEU B 1 44 ? 27.792  21.238  36.902  1.00 68.46  ? 1012 LEU B C   1 
ATOM   926  O O   . LEU B 1 44 ? 28.407  21.727  37.851  1.00 70.00  ? 1012 LEU B O   1 
ATOM   927  C CB  . LEU B 1 44 ? 28.469  22.024  34.642  1.00 63.58  ? 1012 LEU B CB  1 
ATOM   928  C CG  . LEU B 1 44 ? 29.262  23.266  35.054  1.00 64.48  ? 1012 LEU B CG  1 
ATOM   929  C CD1 . LEU B 1 44 ? 30.761  22.935  35.005  1.00 64.69  ? 1012 LEU B CD1 1 
ATOM   930  C CD2 . LEU B 1 44 ? 28.946  24.424  34.126  1.00 61.85  ? 1012 LEU B CD2 1 
ATOM   931  N N   . LEU B 1 45 ? 26.485  21.005  36.932  1.00 69.91  ? 1013 LEU B N   1 
ATOM   932  C CA  . LEU B 1 45 ? 25.673  21.349  38.098  1.00 75.13  ? 1013 LEU B CA  1 
ATOM   933  C C   . LEU B 1 45 ? 25.886  20.439  39.309  1.00 76.99  ? 1013 LEU B C   1 
ATOM   934  O O   . LEU B 1 45 ? 25.672  20.854  40.446  1.00 76.97  ? 1013 LEU B O   1 
ATOM   935  C CB  . LEU B 1 45 ? 24.180  21.362  37.724  1.00 73.45  ? 1013 LEU B CB  1 
ATOM   936  C CG  . LEU B 1 45 ? 23.671  22.542  36.884  1.00 72.60  ? 1013 LEU B CG  1 
ATOM   937  C CD1 . LEU B 1 45 ? 22.192  22.362  36.552  1.00 69.03  ? 1013 LEU B CD1 1 
ATOM   938  C CD2 . LEU B 1 45 ? 23.889  23.832  37.647  1.00 70.00  ? 1013 LEU B CD2 1 
ATOM   939  N N   . ASN B 1 46 ? 26.300  19.199  39.077  1.00 81.63  ? 1014 ASN B N   1 
ATOM   940  C CA  . ASN B 1 46 ? 26.510  18.286  40.193  1.00 85.02  ? 1014 ASN B CA  1 
ATOM   941  C C   . ASN B 1 46 ? 27.922  18.402  40.732  1.00 87.47  ? 1014 ASN B C   1 
ATOM   942  O O   . ASN B 1 46 ? 28.425  17.496  41.403  1.00 88.05  ? 1014 ASN B O   1 
ATOM   943  C CB  . ASN B 1 46 ? 26.211  16.849  39.777  1.00 86.53  ? 1014 ASN B CB  1 
ATOM   944  C CG  . ASN B 1 46 ? 24.753  16.645  39.413  1.00 89.20  ? 1014 ASN B CG  1 
ATOM   945  O OD1 . ASN B 1 46 ? 23.849  17.030  40.162  1.00 88.27  ? 1014 ASN B OD1 1 
ATOM   946  N ND2 . ASN B 1 46 ? 24.514  16.031  38.261  1.00 90.23  ? 1014 ASN B ND2 1 
ATOM   947  N N   . GLN B 1 47 ? 28.555  19.531  40.431  1.00 88.00  ? 1015 GLN B N   1 
ATOM   948  C CA  . GLN B 1 47 ? 29.902  19.813  40.904  1.00 87.52  ? 1015 GLN B CA  1 
ATOM   949  C C   . GLN B 1 47 ? 29.847  21.052  41.794  1.00 88.32  ? 1015 GLN B C   1 
ATOM   950  O O   . GLN B 1 47 ? 30.832  21.444  42.410  1.00 88.90  ? 1015 GLN B O   1 
ATOM   951  C CB  . GLN B 1 47 ? 30.849  19.962  39.713  1.00 86.65  ? 1015 GLN B CB  1 
ATOM   952  C CG  . GLN B 1 47 ? 31.201  18.585  39.136  1.00 87.63  ? 1015 GLN B CG  1 
ATOM   953  C CD  . GLN B 1 47 ? 31.921  18.625  37.801  1.00 87.18  ? 1015 GLN B CD  1 
ATOM   954  O OE1 . GLN B 1 47 ? 32.948  19.283  37.653  1.00 89.23  ? 1015 GLN B OE1 1 
ATOM   955  N NE2 . GLN B 1 47 ? 31.394  17.892  36.825  1.00 86.09  ? 1015 GLN B NE2 1 
ATOM   956  N N   . LEU B 1 48 ? 28.662  21.656  41.844  1.00 89.34  ? 1016 LEU B N   1 
ATOM   957  C CA  . LEU B 1 48 ? 28.374  22.793  42.713  1.00 90.27  ? 1016 LEU B CA  1 
ATOM   958  C C   . LEU B 1 48 ? 27.494  22.097  43.743  1.00 91.03  ? 1016 LEU B C   1 
ATOM   959  O O   . LEU B 1 48 ? 26.909  22.714  44.634  1.00 93.29  ? 1016 LEU B O   1 
ATOM   960  C CB  . LEU B 1 48 ? 27.560  23.872  41.985  1.00 90.88  ? 1016 LEU B CB  1 
ATOM   961  C CG  . LEU B 1 48 ? 26.580  24.733  42.805  1.00 91.91  ? 1016 LEU B CG  1 
ATOM   962  C CD1 . LEU B 1 48 ? 27.317  25.501  43.902  1.00 91.78  ? 1016 LEU B CD1 1 
ATOM   963  C CD2 . LEU B 1 48 ? 25.850  25.693  41.880  1.00 92.74  ? 1016 LEU B CD2 1 
ATOM   964  N N   . SER B 1 49 ? 27.400  20.785  43.581  1.00 90.00  ? 1017 SER B N   1 
ATOM   965  C CA  . SER B 1 49 ? 26.616  19.952  44.468  1.00 88.66  ? 1017 SER B CA  1 
ATOM   966  C C   . SER B 1 49 ? 27.523  19.452  45.583  1.00 87.63  ? 1017 SER B C   1 
ATOM   967  O O   . SER B 1 49 ? 28.711  19.757  45.601  1.00 85.34  ? 1017 SER B O   1 
ATOM   968  C CB  . SER B 1 49 ? 26.047  18.769  43.690  1.00 87.70  ? 1017 SER B CB  1 
ATOM   969  O OG  . SER B 1 49 ? 25.359  17.879  44.550  1.00 92.02  ? 1017 SER B OG  1 
ATOM   970  N N   . LEU B 1 69 ? 14.548  15.931  26.410  1.00 43.57  ? 1229 LEU B N   1 
ATOM   971  C CA  . LEU B 1 69 ? 13.955  15.921  25.073  1.00 49.35  ? 1229 LEU B CA  1 
ATOM   972  C C   . LEU B 1 69 ? 13.857  14.507  24.489  1.00 47.71  ? 1229 LEU B C   1 
ATOM   973  O O   . LEU B 1 69 ? 14.852  13.787  24.394  1.00 48.89  ? 1229 LEU B O   1 
ATOM   974  C CB  . LEU B 1 69 ? 14.766  16.825  24.127  1.00 43.64  ? 1229 LEU B CB  1 
ATOM   975  C CG  . LEU B 1 69 ? 14.153  17.206  22.774  1.00 45.54  ? 1229 LEU B CG  1 
ATOM   976  C CD1 . LEU B 1 69 ? 12.730  17.700  22.966  1.00 37.09  ? 1229 LEU B CD1 1 
ATOM   977  C CD2 . LEU B 1 69 ? 15.004  18.288  22.098  1.00 45.89  ? 1229 LEU B CD2 1 
ATOM   978  N N   . ASP B 1 70 ? 12.643  14.121  24.107  1.00 49.76  ? 1230 ASP B N   1 
ATOM   979  C CA  . ASP B 1 70 ? 12.367  12.809  23.525  1.00 43.90  ? 1230 ASP B CA  1 
ATOM   980  C C   . ASP B 1 70 ? 11.357  13.012  22.390  1.00 43.40  ? 1230 ASP B C   1 
ATOM   981  O O   . ASP B 1 70 ? 10.185  13.279  22.641  1.00 35.63  ? 1230 ASP B O   1 
ATOM   982  C CB  . ASP B 1 70 ? 11.780  11.875  24.583  1.00 49.76  ? 1230 ASP B CB  1 
ATOM   983  C CG  . ASP B 1 70 ? 11.253  10.578  23.991  1.00 56.03  ? 1230 ASP B CG  1 
ATOM   984  O OD1 . ASP B 1 70 ? 10.471  10.655  23.020  1.00 58.98  ? 1230 ASP B OD1 1 
ATOM   985  O OD2 . ASP B 1 70 ? 11.604  9.486   24.499  1.00 57.15  ? 1230 ASP B OD2 1 
ATOM   986  N N   . LEU B 1 71 ? 11.821  12.872  21.147  1.00 43.58  ? 1231 LEU B N   1 
ATOM   987  C CA  . LEU B 1 71 ? 10.990  13.068  19.968  1.00 39.78  ? 1231 LEU B CA  1 
ATOM   988  C C   . LEU B 1 71 ? 10.548  11.763  19.302  1.00 39.43  ? 1231 LEU B C   1 
ATOM   989  O O   . LEU B 1 71 ? 10.103  11.762  18.151  1.00 41.93  ? 1231 LEU B O   1 
ATOM   990  C CB  . LEU B 1 71 ? 11.742  13.962  18.966  1.00 37.42  ? 1231 LEU B CB  1 
ATOM   991  C CG  . LEU B 1 71 ? 11.806  15.437  19.390  1.00 39.56  ? 1231 LEU B CG  1 
ATOM   992  C CD1 . LEU B 1 71 ? 12.649  16.268  18.424  1.00 37.60  ? 1231 LEU B CD1 1 
ATOM   993  C CD2 . LEU B 1 71 ? 10.376  15.986  19.453  1.00 43.97  ? 1231 LEU B CD2 1 
ATOM   994  N N   . THR B 1 72 ? 10.663  10.660  20.041  1.00 36.67  ? 1232 THR B N   1 
ATOM   995  C CA  . THR B 1 72 ? 10.278  9.324   19.562  1.00 39.92  ? 1232 THR B CA  1 
ATOM   996  C C   . THR B 1 72 ? 8.940   9.279   18.840  1.00 37.65  ? 1232 THR B C   1 
ATOM   997  O O   . THR B 1 72 ? 8.850   8.842   17.684  1.00 38.32  ? 1232 THR B O   1 
ATOM   998  C CB  . THR B 1 72 ? 10.159  8.353   20.717  1.00 41.43  ? 1232 THR B CB  1 
ATOM   999  O OG1 . THR B 1 72 ? 9.310   8.938   21.719  1.00 49.50  ? 1232 THR B OG1 1 
ATOM   1000 C CG2 . THR B 1 72 ? 11.517  8.061   21.300  1.00 45.20  ? 1232 THR B CG2 1 
ATOM   1001 N N   . TYR B 1 73 ? 7.900   9.681   19.564  1.00 33.62  ? 1233 TYR B N   1 
ATOM   1002 C CA  . TYR B 1 73 ? 6.543   9.732   19.044  1.00 36.71  ? 1233 TYR B CA  1 
ATOM   1003 C C   . TYR B 1 73 ? 6.419   10.506  17.733  1.00 35.21  ? 1233 TYR B C   1 
ATOM   1004 O O   . TYR B 1 73 ? 5.905   9.988   16.745  1.00 42.01  ? 1233 TYR B O   1 
ATOM   1005 C CB  . TYR B 1 73 ? 5.620   10.391  20.051  1.00 32.33  ? 1233 TYR B CB  1 
ATOM   1006 C CG  . TYR B 1 73 ? 4.247   10.615  19.470  1.00 34.16  ? 1233 TYR B CG  1 
ATOM   1007 C CD1 . TYR B 1 73 ? 3.469   9.536   19.062  1.00 36.68  ? 1233 TYR B CD1 1 
ATOM   1008 C CD2 . TYR B 1 73 ? 3.756   11.901  19.257  1.00 29.77  ? 1233 TYR B CD2 1 
ATOM   1009 C CE1 . TYR B 1 73 ? 2.245   9.730   18.447  1.00 36.79  ? 1233 TYR B CE1 1 
ATOM   1010 C CE2 . TYR B 1 73 ? 2.529   12.106  18.647  1.00 33.07  ? 1233 TYR B CE2 1 
ATOM   1011 C CZ  . TYR B 1 73 ? 1.782   11.018  18.241  1.00 37.22  ? 1233 TYR B CZ  1 
ATOM   1012 O OH  . TYR B 1 73 ? 0.585   11.216  17.593  1.00 35.06  ? 1233 TYR B OH  1 
ATOM   1013 N N   . GLU B 1 74 ? 6.858   11.763  17.749  1.00 38.30  ? 1234 GLU B N   1 
ATOM   1014 C CA  . GLU B 1 74 ? 6.776   12.615  16.568  1.00 35.18  ? 1234 GLU B CA  1 
ATOM   1015 C C   . GLU B 1 74 ? 7.570   12.065  15.391  1.00 32.90  ? 1234 GLU B C   1 
ATOM   1016 O O   . GLU B 1 74 ? 7.062   11.991  14.272  1.00 34.14  ? 1234 GLU B O   1 
ATOM   1017 C CB  . GLU B 1 74 ? 7.255   14.034  16.892  1.00 33.44  ? 1234 GLU B CB  1 
ATOM   1018 C CG  . GLU B 1 74 ? 6.285   14.870  17.773  1.00 38.23  ? 1234 GLU B CG  1 
ATOM   1019 C CD  . GLU B 1 74 ? 6.254   14.411  19.236  1.00 45.00  ? 1234 GLU B CD  1 
ATOM   1020 O OE1 . GLU B 1 74 ? 7.240   13.787  19.674  1.00 44.89  ? 1234 GLU B OE1 1 
ATOM   1021 O OE2 . GLU B 1 74 ? 5.254   14.680  19.947  1.00 43.35  ? 1234 GLU B OE2 1 
ATOM   1022 N N   . MET B 1 75 ? 8.820   11.675  15.626  1.00 33.05  ? 1235 MET B N   1 
ATOM   1023 C CA  . MET B 1 75 ? 9.607   11.160  14.513  1.00 37.21  ? 1235 MET B CA  1 
ATOM   1024 C C   . MET B 1 75 ? 8.936   9.930   13.913  1.00 38.82  ? 1235 MET B C   1 
ATOM   1025 O O   . MET B 1 75 ? 8.868   9.787   12.688  1.00 37.62  ? 1235 MET B O   1 
ATOM   1026 C CB  . MET B 1 75 ? 11.027  10.811  14.955  1.00 45.10  ? 1235 MET B CB  1 
ATOM   1027 C CG  . MET B 1 75 ? 11.851  12.003  15.438  1.00 42.12  ? 1235 MET B CG  1 
ATOM   1028 S SD  . MET B 1 75 ? 13.609  11.587  15.590  1.00 46.28  ? 1235 MET B SD  1 
ATOM   1029 C CE  . MET B 1 75 ? 13.861  11.735  17.345  1.00 53.95  ? 1235 MET B CE  1 
ATOM   1030 N N   . ASN B 1 76 ? 8.424   9.043   14.759  1.00 38.58  ? 1236 ASN B N   1 
ATOM   1031 C CA  . ASN B 1 76 ? 7.783   7.850   14.231  1.00 34.10  ? 1236 ASN B CA  1 
ATOM   1032 C C   . ASN B 1 76 ? 6.516   8.164   13.449  1.00 38.34  ? 1236 ASN B C   1 
ATOM   1033 O O   . ASN B 1 76 ? 6.213   7.499   12.449  1.00 37.11  ? 1236 ASN B O   1 
ATOM   1034 C CB  . ASN B 1 76 ? 7.459   6.858   15.349  1.00 42.01  ? 1236 ASN B CB  1 
ATOM   1035 C CG  . ASN B 1 76 ? 8.677   6.070   15.808  1.00 37.98  ? 1236 ASN B CG  1 
ATOM   1036 O OD1 . ASN B 1 76 ? 9.474   5.612   14.994  1.00 46.57  ? 1236 ASN B OD1 1 
ATOM   1037 N ND2 . ASN B 1 76 ? 8.812   5.895   17.117  1.00 43.10  ? 1236 ASN B ND2 1 
ATOM   1038 N N   . ARG B 1 77 ? 5.775   9.178   13.894  1.00 37.45  ? 1237 ARG B N   1 
ATOM   1039 C CA  . ARG B 1 77 ? 4.529   9.547   13.222  1.00 35.70  ? 1237 ARG B CA  1 
ATOM   1040 C C   . ARG B 1 77 ? 4.869   10.063  11.813  1.00 37.57  ? 1237 ARG B C   1 
ATOM   1041 O O   . ARG B 1 77 ? 4.192   9.747   10.823  1.00 28.83  ? 1237 ARG B O   1 
ATOM   1042 C CB  . ARG B 1 77 ? 3.808   10.617  14.044  1.00 37.84  ? 1237 ARG B CB  1 
ATOM   1043 C CG  . ARG B 1 77 ? 2.331   10.791  13.702  1.00 50.51  ? 1237 ARG B CG  1 
ATOM   1044 C CD  . ARG B 1 77 ? 1.500   9.543   14.046  1.00 49.91  ? 1237 ARG B CD  1 
ATOM   1045 N NE  . ARG B 1 77 ? 0.118   9.696   13.583  1.00 52.46  ? 1237 ARG B NE  1 
ATOM   1046 C CZ  . ARG B 1 77 ? -0.878  10.177  14.320  1.00 51.89  ? 1237 ARG B CZ  1 
ATOM   1047 N NH1 . ARG B 1 77 ? -0.660  10.547  15.570  1.00 39.81  ? 1237 ARG B NH1 1 
ATOM   1048 N NH2 . ARG B 1 77 ? -2.092  10.307  13.800  1.00 54.62  ? 1237 ARG B NH2 1 
ATOM   1049 N N   . ILE B 1 78 ? 5.936   10.853  11.729  1.00 36.10  ? 1238 ILE B N   1 
ATOM   1050 C CA  . ILE B 1 78 ? 6.387   11.375  10.445  1.00 31.44  ? 1238 ILE B CA  1 
ATOM   1051 C C   . ILE B 1 78 ? 6.839   10.238  9.540   1.00 38.87  ? 1238 ILE B C   1 
ATOM   1052 O O   . ILE B 1 78 ? 6.583   10.259  8.338   1.00 36.21  ? 1238 ILE B O   1 
ATOM   1053 C CB  . ILE B 1 78 ? 7.552   12.371  10.635  1.00 29.46  ? 1238 ILE B CB  1 
ATOM   1054 C CG1 . ILE B 1 78 ? 7.064   13.587  11.430  1.00 27.11  ? 1238 ILE B CG1 1 
ATOM   1055 C CG2 . ILE B 1 78 ? 8.111   12.745  9.260   1.00 29.77  ? 1238 ILE B CG2 1 
ATOM   1056 C CD1 . ILE B 1 78 ? 8.152   14.609  11.835  1.00 24.63  ? 1238 ILE B CD1 1 
ATOM   1057 N N   . GLN B 1 79 ? 7.518   9.243   10.114  1.00 37.41  ? 1239 GLN B N   1 
ATOM   1058 C CA  . GLN B 1 79 ? 7.969   8.080   9.344   1.00 38.61  ? 1239 GLN B CA  1 
ATOM   1059 C C   . GLN B 1 79 ? 6.751   7.320   8.828   1.00 31.76  ? 1239 GLN B C   1 
ATOM   1060 O O   . GLN B 1 79 ? 6.779   6.799   7.723   1.00 34.86  ? 1239 GLN B O   1 
ATOM   1061 C CB  . GLN B 1 79 ? 8.817   7.128   10.200  1.00 38.55  ? 1239 GLN B CB  1 
ATOM   1062 C CG  . GLN B 1 79 ? 10.057  7.763   10.817  1.00 48.08  ? 1239 GLN B CG  1 
ATOM   1063 C CD  . GLN B 1 79 ? 10.787  6.841   11.797  1.00 57.91  ? 1239 GLN B CD  1 
ATOM   1064 O OE1 . GLN B 1 79 ? 11.841  7.206   12.341  1.00 60.84  ? 1239 GLN B OE1 1 
ATOM   1065 N NE2 . GLN B 1 79 ? 10.228  5.640   12.032  1.00 57.29  ? 1239 GLN B NE2 1 
ATOM   1066 N N   . ASP B 1 80 ? 5.694   7.252   9.635   1.00 33.29  ? 1240 ASP B N   1 
ATOM   1067 C CA  . ASP B 1 80 ? 4.438   6.578   9.236   1.00 31.50  ? 1240 ASP B CA  1 
ATOM   1068 C C   . ASP B 1 80 ? 3.716   7.323   8.109   1.00 32.99  ? 1240 ASP B C   1 
ATOM   1069 O O   . ASP B 1 80 ? 3.136   6.701   7.203   1.00 24.71  ? 1240 ASP B O   1 
ATOM   1070 C CB  . ASP B 1 80 ? 3.473   6.458   10.410  1.00 35.47  ? 1240 ASP B CB  1 
ATOM   1071 C CG  . ASP B 1 80 ? 3.940   5.461   11.450  1.00 36.42  ? 1240 ASP B CG  1 
ATOM   1072 O OD1 . ASP B 1 80 ? 4.624   4.495   11.062  1.00 45.75  ? 1240 ASP B OD1 1 
ATOM   1073 O OD2 . ASP B 1 80 ? 3.615   5.641   12.638  1.00 42.65  ? 1240 ASP B OD2 1 
ATOM   1074 N N   . ALA B 1 81 ? 3.722   8.655   8.181   1.00 29.73  ? 1241 ALA B N   1 
ATOM   1075 C CA  . ALA B 1 81 ? 3.081   9.464   7.150   1.00 28.52  ? 1241 ALA B CA  1 
ATOM   1076 C C   . ALA B 1 81 ? 3.847   9.274   5.820   1.00 29.90  ? 1241 ALA B C   1 
ATOM   1077 O O   . ALA B 1 81 ? 3.238   9.158   4.752   1.00 29.12  ? 1241 ALA B O   1 
ATOM   1078 C CB  . ALA B 1 81 ? 3.084   10.938  7.560   1.00 37.42  ? 1241 ALA B CB  1 
ATOM   1079 N N   . ILE B 1 82 ? 5.175   9.247   5.883   1.00 29.46  ? 1242 ILE B N   1 
ATOM   1080 C CA  . ILE B 1 82 ? 5.972   9.048   4.654   1.00 33.01  ? 1242 ILE B CA  1 
ATOM   1081 C C   . ILE B 1 82 ? 5.561   7.707   4.022   1.00 29.56  ? 1242 ILE B C   1 
ATOM   1082 O O   . ILE B 1 82 ? 5.375   7.599   2.808   1.00 33.05  ? 1242 ILE B O   1 
ATOM   1083 C CB  . ILE B 1 82 ? 7.485   9.028   4.957   1.00 27.75  ? 1242 ILE B CB  1 
ATOM   1084 C CG1 . ILE B 1 82 ? 7.979   10.449  5.317   1.00 25.80  ? 1242 ILE B CG1 1 
ATOM   1085 C CG2 . ILE B 1 82 ? 8.257   8.473   3.747   1.00 23.43  ? 1242 ILE B CG2 1 
ATOM   1086 C CD1 . ILE B 1 82 ? 9.436   10.479  5.812   1.00 28.30  ? 1242 ILE B CD1 1 
ATOM   1087 N N   . LYS B 1 83 ? 5.395   6.692   4.865   1.00 33.88  ? 1243 LYS B N   1 
ATOM   1088 C CA  . LYS B 1 83 ? 4.989   5.366   4.403   1.00 37.60  ? 1243 LYS B CA  1 
ATOM   1089 C C   . LYS B 1 83 ? 3.634   5.502   3.721   1.00 33.14  ? 1243 LYS B C   1 
ATOM   1090 O O   . LYS B 1 83 ? 3.433   5.047   2.602   1.00 38.65  ? 1243 LYS B O   1 
ATOM   1091 C CB  . LYS B 1 83 ? 4.873   4.416   5.603   1.00 36.75  ? 1243 LYS B CB  1 
ATOM   1092 C CG  . LYS B 1 83 ? 4.198   3.053   5.317   1.00 40.30  ? 1243 LYS B CG  1 
ATOM   1093 C CD  . LYS B 1 83 ? 4.161   2.222   6.624   1.00 42.22  ? 1243 LYS B CD  1 
ATOM   1094 C CE  . LYS B 1 83 ? 3.554   0.848   6.447   1.00 38.37  ? 1243 LYS B CE  1 
ATOM   1095 N NZ  . LYS B 1 83 ? 2.150   0.896   5.986   1.00 34.23  ? 1243 LYS B NZ  1 
ATOM   1096 N N   . LYS B 1 84 ? 2.695   6.144   4.403   1.00 34.22  ? 1244 LYS B N   1 
ATOM   1097 C CA  . LYS B 1 84 ? 1.371   6.304   3.824   1.00 35.25  ? 1244 LYS B CA  1 
ATOM   1098 C C   . LYS B 1 84 ? 1.406   7.012   2.461   1.00 35.50  ? 1244 LYS B C   1 
ATOM   1099 O O   . LYS B 1 84 ? 0.682   6.625   1.527   1.00 32.25  ? 1244 LYS B O   1 
ATOM   1100 C CB  . LYS B 1 84 ? 0.457   7.056   4.788   1.00 33.08  ? 1244 LYS B CB  1 
ATOM   1101 C CG  . LYS B 1 84 ? -1.004  6.977   4.382   1.00 45.47  ? 1244 LYS B CG  1 
ATOM   1102 C CD  . LYS B 1 84 ? -1.901  7.673   5.396   1.00 44.33  ? 1244 LYS B CD  1 
ATOM   1103 C CE  . LYS B 1 84 ? -3.357  7.389   5.093   1.00 46.17  ? 1244 LYS B CE  1 
ATOM   1104 N NZ  . LYS B 1 84 ? -4.251  8.159   5.997   1.00 39.71  ? 1244 LYS B NZ  1 
ATOM   1105 N N   . LEU B 1 85 ? 2.261   8.026   2.347   1.00 31.80  ? 1245 LEU B N   1 
ATOM   1106 C CA  . LEU B 1 85 ? 2.387   8.789   1.118   1.00 33.68  ? 1245 LEU B CA  1 
ATOM   1107 C C   . LEU B 1 85 ? 2.879   7.873   0.010   1.00 36.48  ? 1245 LEU B C   1 
ATOM   1108 O O   . LEU B 1 85 ? 2.331   7.857   -1.091  1.00 29.61  ? 1245 LEU B O   1 
ATOM   1109 C CB  . LEU B 1 85 ? 3.371   9.983   1.309   1.00 27.86  ? 1245 LEU B CB  1 
ATOM   1110 C CG  . LEU B 1 85 ? 2.840   11.233  2.044   1.00 23.69  ? 1245 LEU B CG  1 
ATOM   1111 C CD1 . LEU B 1 85 ? 3.956   12.183  2.464   1.00 28.48  ? 1245 LEU B CD1 1 
ATOM   1112 C CD2 . LEU B 1 85 ? 1.854   11.949  1.138   1.00 29.17  ? 1245 LEU B CD2 1 
ATOM   1113 N N   . ASN B 1 86 ? 3.933   7.118   0.306   1.00 37.85  ? 1246 ASN B N   1 
ATOM   1114 C CA  . ASN B 1 86 ? 4.499   6.190   -0.659  1.00 35.16  ? 1246 ASN B CA  1 
ATOM   1115 C C   . ASN B 1 86 ? 3.393   5.258   -1.155  1.00 38.62  ? 1246 ASN B C   1 
ATOM   1116 O O   . ASN B 1 86 ? 3.395   4.837   -2.296  1.00 31.39  ? 1246 ASN B O   1 
ATOM   1117 C CB  . ASN B 1 86 ? 5.603   5.358   0.007   1.00 44.27  ? 1246 ASN B CB  1 
ATOM   1118 C CG  . ASN B 1 86 ? 6.485   4.658   -0.999  1.00 44.95  ? 1246 ASN B CG  1 
ATOM   1119 O OD1 . ASN B 1 86 ? 6.094   4.454   -2.145  1.00 50.08  ? 1246 ASN B OD1 1 
ATOM   1120 N ND2 . ASN B 1 86 ? 7.681   4.279   -0.570  1.00 55.58  ? 1246 ASN B ND2 1 
ATOM   1121 N N   . GLU B 1 87 ? 2.442   4.943   -0.292  1.00 33.09  ? 1247 GLU B N   1 
ATOM   1122 C CA  . GLU B 1 87 ? 1.321   4.067   -0.670  1.00 35.27  ? 1247 GLU B CA  1 
ATOM   1123 C C   . GLU B 1 87 ? 0.226   4.811   -1.470  1.00 37.15  ? 1247 GLU B C   1 
ATOM   1124 O O   . GLU B 1 87 ? -0.756  4.195   -1.914  1.00 33.64  ? 1247 GLU B O   1 
ATOM   1125 C CB  . GLU B 1 87 ? 0.686   3.465   0.597   1.00 36.99  ? 1247 GLU B CB  1 
ATOM   1126 C CG  . GLU B 1 87 ? 1.523   2.386   1.266   1.00 34.78  ? 1247 GLU B CG  1 
ATOM   1127 C CD  . GLU B 1 87 ? 1.118   2.150   2.704   1.00 39.30  ? 1247 GLU B CD  1 
ATOM   1128 O OE1 . GLU B 1 87 ? -0.046  2.459   3.053   1.00 36.33  ? 1247 GLU B OE1 1 
ATOM   1129 O OE2 . GLU B 1 87 ? 1.967   1.645   3.475   1.00 27.94  ? 1247 GLU B OE2 1 
ATOM   1130 N N   . SER B 1 88 ? 0.391   6.123   -1.652  1.00 35.00  ? 1248 SER B N   1 
ATOM   1131 C CA  . SER B 1 88 ? -0.605  6.924   -2.388  1.00 36.05  ? 1248 SER B CA  1 
ATOM   1132 C C   . SER B 1 88 ? -0.334  7.167   -3.866  1.00 31.29  ? 1248 SER B C   1 
ATOM   1133 O O   . SER B 1 88 ? -1.183  7.731   -4.563  1.00 30.36  ? 1248 SER B O   1 
ATOM   1134 C CB  . SER B 1 88 ? -0.789  8.290   -1.718  1.00 39.37  ? 1248 SER B CB  1 
ATOM   1135 O OG  . SER B 1 88 ? -1.330  8.156   -0.407  1.00 38.87  ? 1248 SER B OG  1 
ATOM   1136 N N   . TYR B 1 89 ? 0.861   6.808   -4.330  1.00 27.29  ? 1249 TYR B N   1 
ATOM   1137 C CA  . TYR B 1 89 ? 1.226   7.005   -5.726  1.00 25.98  ? 1249 TYR B CA  1 
ATOM   1138 C C   . TYR B 1 89 ? 0.193   6.385   -6.660  1.00 29.93  ? 1249 TYR B C   1 
ATOM   1139 O O   . TYR B 1 89 ? -0.363  5.334   -6.367  1.00 30.68  ? 1249 TYR B O   1 
ATOM   1140 C CB  . TYR B 1 89 ? 2.626   6.385   -6.028  1.00 24.40  ? 1249 TYR B CB  1 
ATOM   1141 C CG  . TYR B 1 89 ? 3.824   7.235   -5.583  1.00 31.85  ? 1249 TYR B CG  1 
ATOM   1142 C CD1 . TYR B 1 89 ? 4.389   7.081   -4.320  1.00 28.42  ? 1249 TYR B CD1 1 
ATOM   1143 C CD2 . TYR B 1 89 ? 4.367   8.206   -6.425  1.00 29.17  ? 1249 TYR B CD2 1 
ATOM   1144 C CE1 . TYR B 1 89 ? 5.460   7.866   -3.906  1.00 33.76  ? 1249 TYR B CE1 1 
ATOM   1145 C CE2 . TYR B 1 89 ? 5.449   9.006   -6.021  1.00 31.21  ? 1249 TYR B CE2 1 
ATOM   1146 C CZ  . TYR B 1 89 ? 5.987   8.827   -4.765  1.00 35.25  ? 1249 TYR B CZ  1 
ATOM   1147 O OH  . TYR B 1 89 ? 7.032   9.614   -4.347  1.00 38.14  ? 1249 TYR B OH  1 
ATOM   1148 N N   . ILE B 1 90 ? -0.069  7.022   -7.798  1.00 29.46  ? 1250 ILE B N   1 
ATOM   1149 C CA  . ILE B 1 90 ? -1.018  6.448   -8.736  1.00 32.58  ? 1250 ILE B CA  1 
ATOM   1150 C C   . ILE B 1 90 ? -0.214  5.710   -9.800  1.00 34.90  ? 1250 ILE B C   1 
ATOM   1151 O O   . ILE B 1 90 ? 0.794   6.229   -10.304 1.00 31.90  ? 1250 ILE B O   1 
ATOM   1152 C CB  . ILE B 1 90 ? -1.866  7.527   -9.455  1.00 35.38  ? 1250 ILE B CB  1 
ATOM   1153 C CG1 . ILE B 1 90 ? -2.551  8.443   -8.432  1.00 26.72  ? 1250 ILE B CG1 1 
ATOM   1154 C CG2 . ILE B 1 90 ? -2.927  6.842   -10.329 1.00 29.82  ? 1250 ILE B CG2 1 
ATOM   1155 C CD1 . ILE B 1 90 ? -3.098  9.707   -9.044  1.00 37.00  ? 1250 ILE B CD1 1 
ATOM   1156 N N   . ASN B 1 91 ? -0.648  4.501   -10.133 1.00 33.69  ? 1251 ASN B N   1 
ATOM   1157 C CA  . ASN B 1 91 ? 0.025   3.711   -11.161 1.00 36.74  ? 1251 ASN B CA  1 
ATOM   1158 C C   . ASN B 1 91 ? -0.544  4.198   -12.493 1.00 36.63  ? 1251 ASN B C   1 
ATOM   1159 O O   . ASN B 1 91 ? -1.673  3.848   -12.864 1.00 31.68  ? 1251 ASN B O   1 
ATOM   1160 C CB  . ASN B 1 91 ? -0.280  2.220   -10.985 1.00 36.84  ? 1251 ASN B CB  1 
ATOM   1161 C CG  . ASN B 1 91 ? 0.610   1.353   -11.833 1.00 43.22  ? 1251 ASN B CG  1 
ATOM   1162 O OD1 . ASN B 1 91 ? 0.860   1.662   -12.991 1.00 45.66  ? 1251 ASN B OD1 1 
ATOM   1163 N ND2 . ASN B 1 91 ? 1.094   0.254   -11.264 1.00 52.10  ? 1251 ASN B ND2 1 
ATOM   1164 N N   . LEU B 1 92 ? 0.226   5.013   -13.209 1.00 34.43  ? 1252 LEU B N   1 
ATOM   1165 C CA  . LEU B 1 92 ? -0.223  5.567   -14.486 1.00 35.34  ? 1252 LEU B CA  1 
ATOM   1166 C C   . LEU B 1 92 ? -0.742  4.559   -15.531 1.00 40.50  ? 1252 LEU B C   1 
ATOM   1167 O O   . LEU B 1 92 ? -1.725  4.821   -16.226 1.00 34.39  ? 1252 LEU B O   1 
ATOM   1168 C CB  . LEU B 1 92 ? 0.891   6.435   -15.088 1.00 40.05  ? 1252 LEU B CB  1 
ATOM   1169 C CG  . LEU B 1 92 ? 1.406   7.594   -14.220 1.00 33.22  ? 1252 LEU B CG  1 
ATOM   1170 C CD1 . LEU B 1 92 ? 2.200   8.575   -15.093 1.00 35.95  ? 1252 LEU B CD1 1 
ATOM   1171 C CD2 . LEU B 1 92 ? 0.252   8.301   -13.562 1.00 28.27  ? 1252 LEU B CD2 1 
ATOM   1172 N N   . LYS B 1 93 ? -0.110  3.400   -15.647 1.00 39.38  ? 1253 LYS B N   1 
ATOM   1173 C CA  . LYS B 1 93 ? -0.597  2.441   -16.641 1.00 41.53  ? 1253 LYS B CA  1 
ATOM   1174 C C   . LYS B 1 93 ? -1.953  1.854   -16.237 1.00 39.08  ? 1253 LYS B C   1 
ATOM   1175 O O   . LYS B 1 93 ? -2.601  1.170   -17.018 1.00 42.03  ? 1253 LYS B O   1 
ATOM   1176 C CB  . LYS B 1 93 ? 0.435   1.317   -16.869 1.00 43.26  ? 1253 LYS B CB  1 
ATOM   1177 C CG  . LYS B 1 93 ? 1.117   0.853   -15.603 1.00 45.09  ? 1253 LYS B CG  1 
ATOM   1178 C CD  . LYS B 1 93 ? 2.267   -0.109  -15.859 1.00 44.77  ? 1253 LYS B CD  1 
ATOM   1179 C CE  . LYS B 1 93 ? 1.800   -1.554  -15.796 1.00 47.25  ? 1253 LYS B CE  1 
ATOM   1180 N NZ  . LYS B 1 93 ? 2.961   -2.512  -15.785 1.00 51.63  ? 1253 LYS B NZ  1 
ATOM   1181 N N   . GLU B 1 94 ? -2.405  2.144   -15.027 1.00 38.50  ? 1254 GLU B N   1 
ATOM   1182 C CA  . GLU B 1 94 ? -3.674  1.596   -14.590 1.00 30.96  ? 1254 GLU B CA  1 
ATOM   1183 C C   . GLU B 1 94 ? -4.849  2.489   -14.918 1.00 35.21  ? 1254 GLU B C   1 
ATOM   1184 O O   . GLU B 1 94 ? -5.997  2.136   -14.663 1.00 33.03  ? 1254 GLU B O   1 
ATOM   1185 C CB  . GLU B 1 94 ? -3.607  1.271   -13.103 1.00 40.37  ? 1254 GLU B CB  1 
ATOM   1186 C CG  . GLU B 1 94 ? -3.149  -0.181  -12.869 1.00 39.15  ? 1254 GLU B CG  1 
ATOM   1187 C CD  . GLU B 1 94 ? -2.698  -0.446  -11.461 1.00 37.34  ? 1254 GLU B CD  1 
ATOM   1188 O OE1 . GLU B 1 94 ? -3.338  0.066   -10.520 1.00 33.54  ? 1254 GLU B OE1 1 
ATOM   1189 O OE2 . GLU B 1 94 ? -1.690  -1.178  -11.304 1.00 39.18  ? 1254 GLU B OE2 1 
ATOM   1190 O OXT . GLU B 1 94 ? -4.585  3.589   -15.447 1.00 47.27  ? 1254 GLU B OXT 1 
HETATM 1191 O O   . HOH C 2 .  ? 4.441   -9.989  2.734   1.00 29.25  ? 1    HOH A O   1 
HETATM 1192 O O   . HOH C 2 .  ? -1.481  -3.265  -13.135 1.00 42.05  ? 6    HOH A O   1 
HETATM 1193 O O   . HOH C 2 .  ? -27.952 -30.641 -32.857 1.00 53.79  ? 7    HOH A O   1 
HETATM 1194 O O   . HOH C 2 .  ? -21.494 -18.222 -12.619 1.00 53.43  ? 8    HOH A O   1 
HETATM 1195 O O   . HOH C 2 .  ? -4.540  -7.298  5.317   1.00 39.72  ? 11   HOH A O   1 
HETATM 1196 O O   . HOH C 2 .  ? 6.013   -10.166 5.501   1.00 40.31  ? 12   HOH A O   1 
HETATM 1197 O O   . HOH C 2 .  ? -2.612  -5.201  6.522   1.00 42.68  ? 13   HOH A O   1 
HETATM 1198 O O   . HOH C 2 .  ? 3.710   -0.389  -0.496  1.00 37.87  ? 14   HOH A O   1 
HETATM 1199 O O   . HOH C 2 .  ? -4.440  -1.753  -8.434  1.00 41.34  ? 16   HOH A O   1 
HETATM 1200 O O   . HOH C 2 .  ? -20.990 -23.863 -9.773  1.00 56.36  ? 17   HOH A O   1 
HETATM 1201 O O   . HOH C 2 .  ? -0.337  -11.079 9.513   1.00 42.35  ? 18   HOH A O   1 
HETATM 1202 O O   . HOH C 2 .  ? -35.212 -18.742 -33.598 1.00 50.49  ? 20   HOH A O   1 
HETATM 1203 O O   . HOH C 2 .  ? -11.118 -13.100 -0.896  1.00 34.56  ? 21   HOH A O   1 
HETATM 1204 O O   . HOH C 2 .  ? -0.407  -7.576  10.553  1.00 40.16  ? 22   HOH A O   1 
HETATM 1205 O O   . HOH C 2 .  ? 18.159  -0.497  2.435   1.00 47.96  ? 23   HOH A O   1 
HETATM 1206 O O   . HOH C 2 .  ? -17.212 -4.866  -12.534 1.00 42.97  ? 27   HOH A O   1 
HETATM 1207 O O   . HOH C 2 .  ? -31.142 -24.354 -34.674 1.00 64.95  ? 29   HOH A O   1 
HETATM 1208 O O   . HOH C 2 .  ? -30.117 -19.519 -30.803 1.00 59.32  ? 31   HOH A O   1 
HETATM 1209 O O   . HOH C 2 .  ? -8.992  -2.816  -22.261 1.00 67.22  ? 36   HOH A O   1 
HETATM 1210 O O   . HOH C 2 .  ? -8.585  -2.137  -18.937 1.00 74.48  ? 37   HOH A O   1 
HETATM 1211 O O   . HOH C 2 .  ? -4.518  -11.335 6.260   1.00 49.53  ? 41   HOH A O   1 
HETATM 1212 O O   . HOH C 2 .  ? -17.613 -24.808 -12.286 1.00 34.31  ? 44   HOH A O   1 
HETATM 1213 O O   . HOH C 2 .  ? -35.206 -22.389 -26.774 1.00 96.82  ? 45   HOH A O   1 
HETATM 1214 O O   . HOH C 2 .  ? -14.735 -13.202 -6.128  1.00 43.32  ? 46   HOH A O   1 
HETATM 1215 O O   . HOH C 2 .  ? 4.697   -6.046  20.073  1.00 79.86  ? 47   HOH A O   1 
HETATM 1216 O O   . HOH C 2 .  ? 13.310  4.876   22.195  1.00 61.65  ? 50   HOH A O   1 
HETATM 1217 O O   . HOH C 2 .  ? -18.246 -16.419 -5.286  1.00 58.87  ? 51   HOH A O   1 
HETATM 1218 O O   . HOH C 2 .  ? -2.943  -1.863  -1.174  1.00 52.26  ? 52   HOH A O   1 
HETATM 1219 O O   . HOH C 2 .  ? -21.119 -23.347 -13.217 1.00 51.17  ? 53   HOH A O   1 
HETATM 1220 O O   . HOH C 2 .  ? -14.327 -17.996 -4.623  1.00 47.30  ? 55   HOH A O   1 
HETATM 1221 O O   . HOH C 2 .  ? 3.378   -2.856  -4.530  1.00 49.14  ? 56   HOH A O   1 
HETATM 1222 O O   . HOH C 2 .  ? -29.152 -15.100 -26.647 1.00 52.45  ? 57   HOH A O   1 
HETATM 1223 O O   . HOH C 2 .  ? -17.650 -5.264  -18.128 1.00 50.25  ? 60   HOH A O   1 
HETATM 1224 O O   . HOH C 2 .  ? -33.497 -13.281 -25.581 1.00 52.14  ? 61   HOH A O   1 
HETATM 1225 O O   . HOH C 2 .  ? -7.721  -8.087  0.312   1.00 47.45  ? 63   HOH A O   1 
HETATM 1226 O O   . HOH C 2 .  ? 6.884   -4.955  22.171  1.00 66.62  ? 65   HOH A O   1 
HETATM 1227 O O   . HOH C 2 .  ? -12.172 -15.309 3.220   1.00 59.18  ? 66   HOH A O   1 
HETATM 1228 O O   . HOH C 2 .  ? -11.944 -6.388  -17.690 1.00 41.27  ? 68   HOH A O   1 
HETATM 1229 O O   . HOH C 2 .  ? -9.704  -17.011 4.680   1.00 68.15  ? 73   HOH A O   1 
HETATM 1230 O O   . HOH C 2 .  ? -26.225 -9.357  -24.625 1.00 47.68  ? 74   HOH A O   1 
HETATM 1231 O O   . HOH C 2 .  ? -25.921 -25.445 -21.141 1.00 42.91  ? 76   HOH A O   1 
HETATM 1232 O O   . HOH C 2 .  ? 0.845   -3.921  -6.182  1.00 40.19  ? 77   HOH A O   1 
HETATM 1233 O O   . HOH C 2 .  ? -37.425 -16.848 -28.234 1.00 94.87  ? 80   HOH A O   1 
HETATM 1234 O O   . HOH C 2 .  ? 10.099  -3.675  -3.692  1.00 68.05  ? 89   HOH A O   1 
HETATM 1235 O O   . HOH C 2 .  ? -11.874 -9.049  -6.717  1.00 106.54 ? 90   HOH A O   1 
HETATM 1236 O O   . HOH C 2 .  ? -11.953 -3.283  -17.447 1.00 56.20  ? 93   HOH A O   1 
HETATM 1237 O O   . HOH C 2 .  ? -27.070 -25.434 -36.359 1.00 92.23  ? 95   HOH A O   1 
HETATM 1238 O O   . HOH C 2 .  ? -24.524 -25.360 -18.096 1.00 56.20  ? 96   HOH A O   1 
HETATM 1239 O O   . HOH C 2 .  ? -32.335 -19.009 -32.872 1.00 66.64  ? 97   HOH A O   1 
HETATM 1240 O O   . HOH C 2 .  ? 14.667  4.512   14.275  1.00 57.60  ? 98   HOH A O   1 
HETATM 1241 O O   . HOH C 2 .  ? -24.310 -29.644 -26.268 1.00 44.58  ? 99   HOH A O   1 
HETATM 1242 O O   . HOH C 2 .  ? -25.289 -9.648  -13.132 1.00 74.93  ? 100  HOH A O   1 
HETATM 1243 O O   . HOH C 2 .  ? -26.023 -12.820 -25.956 1.00 67.59  ? 101  HOH A O   1 
HETATM 1244 O O   . HOH C 2 .  ? -20.213 -5.803  -24.129 1.00 63.80  ? 103  HOH A O   1 
HETATM 1245 O O   . HOH C 2 .  ? -9.626  -2.491  -13.354 1.00 42.11  ? 104  HOH A O   1 
HETATM 1246 O O   . HOH C 2 .  ? 16.360  1.605   1.016   1.00 77.11  ? 107  HOH A O   1 
HETATM 1247 O O   . HOH C 2 .  ? -24.141 -28.902 -23.269 1.00 51.53  ? 108  HOH A O   1 
HETATM 1248 O O   . HOH C 2 .  ? -17.536 -13.675 -8.960  1.00 85.54  ? 109  HOH A O   1 
HETATM 1249 O O   . HOH C 2 .  ? 9.593   -6.459  22.314  1.00 85.14  ? 111  HOH A O   1 
HETATM 1250 O O   . HOH C 2 .  ? 6.103   -0.526  3.852   1.00 50.03  ? 112  HOH A O   1 
HETATM 1251 O O   . HOH C 2 .  ? -20.353 -9.138  -9.099  1.00 49.92  ? 113  HOH A O   1 
HETATM 1252 O O   . HOH C 2 .  ? 1.113   -5.023  11.826  1.00 46.83  ? 116  HOH A O   1 
HETATM 1253 O O   . HOH C 2 .  ? -6.508  -5.561  1.599   1.00 66.12  ? 118  HOH A O   1 
HETATM 1254 O O   . HOH C 2 .  ? 19.496  -1.753  16.398  1.00 75.19  ? 119  HOH A O   1 
HETATM 1255 O O   . HOH C 2 .  ? -6.924  -13.038 5.366   1.00 60.37  ? 120  HOH A O   1 
HETATM 1256 O O   . HOH C 2 .  ? -5.998  -15.136 -7.105  1.00 111.62 ? 127  HOH A O   1 
HETATM 1257 O O   . HOH C 2 .  ? -31.176 -12.688 -30.610 1.00 102.31 ? 132  HOH A O   1 
HETATM 1258 O O   . HOH C 2 .  ? -25.403 -5.740  -22.305 1.00 75.02  ? 133  HOH A O   1 
HETATM 1259 O O   . HOH C 2 .  ? -6.342  1.149   -5.970  1.00 56.51  ? 136  HOH A O   1 
HETATM 1260 O O   . HOH C 2 .  ? 6.156   -3.799  15.999  1.00 78.76  ? 138  HOH A O   1 
HETATM 1261 O O   . HOH C 2 .  ? -23.803 -18.988 -21.803 1.00 92.09  ? 140  HOH A O   1 
HETATM 1262 O O   . HOH C 2 .  ? -1.056  -0.899  5.700   1.00 59.04  ? 144  HOH A O   1 
HETATM 1263 O O   . HOH C 2 .  ? -5.310  -3.749  -18.562 1.00 88.58  ? 145  HOH A O   1 
HETATM 1264 O O   . HOH C 2 .  ? 8.493   0.700   0.554   1.00 61.21  ? 146  HOH A O   1 
HETATM 1265 O O   . HOH C 2 .  ? -27.380 -12.529 -22.101 1.00 58.33  ? 148  HOH A O   1 
HETATM 1266 O O   . HOH C 2 .  ? 4.233   -13.763 7.310   1.00 92.50  ? 150  HOH A O   1 
HETATM 1267 O O   . HOH C 2 .  ? -3.947  -4.027  2.514   1.00 72.24  ? 151  HOH A O   1 
HETATM 1268 O O   . HOH C 2 .  ? -31.020 -27.729 -34.131 1.00 93.24  ? 152  HOH A O   1 
HETATM 1269 O O   . HOH C 2 .  ? 3.863   -1.115  10.037  1.00 47.46  ? 153  HOH A O   1 
HETATM 1270 O O   . HOH C 2 .  ? -18.788 -17.711 -10.876 1.00 98.73  ? 156  HOH A O   1 
HETATM 1271 O O   . HOH C 2 .  ? -15.410 -11.412 -8.519  1.00 63.01  ? 159  HOH A O   1 
HETATM 1272 O O   . HOH C 2 .  ? 8.850   1.815   16.822  1.00 58.13  ? 161  HOH A O   1 
HETATM 1273 O O   . HOH C 2 .  ? -27.450 -32.418 -39.210 1.00 58.82  ? 162  HOH A O   1 
HETATM 1274 O O   . HOH C 2 .  ? 10.549  -0.705  19.964  1.00 90.70  ? 164  HOH A O   1 
HETATM 1275 O O   . HOH C 2 .  ? -7.598  -7.167  -13.721 1.00 84.61  ? 165  HOH A O   1 
HETATM 1276 O O   . HOH C 2 .  ? 17.465  3.082   16.557  1.00 68.54  ? 167  HOH A O   1 
HETATM 1277 O O   . HOH C 2 .  ? 14.605  -1.804  21.214  1.00 67.56  ? 168  HOH A O   1 
HETATM 1278 O O   . HOH C 2 .  ? -9.727  -2.085  -16.098 1.00 71.34  ? 171  HOH A O   1 
HETATM 1279 O O   . HOH C 2 .  ? -20.943 -15.656 -11.284 1.00 59.36  ? 172  HOH A O   1 
HETATM 1280 O O   . HOH C 2 .  ? -24.068 -20.227 -13.810 1.00 47.50  ? 177  HOH A O   1 
HETATM 1281 O O   . HOH C 2 .  ? -33.357 -20.538 -30.936 1.00 64.90  ? 179  HOH A O   1 
HETATM 1282 O O   . HOH C 2 .  ? -29.790 -28.932 -31.351 1.00 100.31 ? 182  HOH A O   1 
HETATM 1283 O O   . HOH C 2 .  ? -27.396 -12.435 -28.128 1.00 83.24  ? 183  HOH A O   1 
HETATM 1284 O O   . HOH C 2 .  ? -12.924 -11.271 -5.604  1.00 79.01  ? 186  HOH A O   1 
HETATM 1285 O O   . HOH C 2 .  ? -20.046 -13.459 -10.059 1.00 57.42  ? 187  HOH A O   1 
HETATM 1286 O O   . HOH C 2 .  ? -18.537 -11.150 -9.171  1.00 68.71  ? 188  HOH A O   1 
HETATM 1287 O O   . HOH C 2 .  ? -29.863 -25.467 -36.969 1.00 75.23  ? 190  HOH A O   1 
HETATM 1288 O O   . HOH C 2 .  ? -21.204 -24.922 -7.014  1.00 93.53  ? 192  HOH A O   1 
HETATM 1289 O O   . HOH C 2 .  ? -7.366  -14.869 3.537   1.00 65.25  ? 196  HOH A O   1 
HETATM 1290 O O   . HOH C 2 .  ? 2.249   -7.778  20.028  1.00 68.99  ? 198  HOH A O   1 
HETATM 1291 O O   . HOH C 2 .  ? -5.814  -7.490  8.124   1.00 60.11  ? 199  HOH A O   1 
HETATM 1292 O O   . HOH C 2 .  ? 9.790   -4.576  24.882  1.00 71.26  ? 202  HOH A O   1 
HETATM 1293 O O   . HOH C 2 .  ? 4.606   -9.656  20.790  1.00 73.46  ? 203  HOH A O   1 
HETATM 1294 O O   . HOH C 2 .  ? 8.757   2.481   14.258  1.00 95.65  ? 207  HOH A O   1 
HETATM 1295 O O   . HOH C 2 .  ? 16.171  7.004   13.939  1.00 84.61  ? 209  HOH A O   1 
HETATM 1296 O O   . HOH C 2 .  ? -11.802 -0.161  -6.984  1.00 60.15  ? 216  HOH A O   1 
HETATM 1297 O O   . HOH C 2 .  ? 2.103   -5.261  -4.276  1.00 70.67  ? 217  HOH A O   1 
HETATM 1298 O O   . HOH C 2 .  ? -7.827  -18.342 6.532   1.00 55.28  ? 218  HOH A O   1 
HETATM 1299 O O   . HOH C 2 .  ? -2.062  -5.439  9.391   1.00 46.20  ? 222  HOH A O   1 
HETATM 1300 O O   . HOH C 2 .  ? -10.557 -19.917 1.506   1.00 79.81  ? 228  HOH A O   1 
HETATM 1301 O O   . HOH C 2 .  ? 18.992  -3.332  2.484   1.00 107.76 ? 230  HOH A O   1 
HETATM 1302 O O   . HOH C 2 .  ? 10.298  -1.205  23.025  1.00 58.03  ? 232  HOH A O   1 
HETATM 1303 O O   . HOH C 2 .  ? -1.750  -7.874  13.143  1.00 74.34  ? 233  HOH A O   1 
HETATM 1304 O O   . HOH C 2 .  ? 12.048  2.601   11.487  1.00 82.84  ? 235  HOH A O   1 
HETATM 1305 O O   . HOH C 2 .  ? -1.866  -3.673  -15.981 1.00 79.58  ? 238  HOH A O   1 
HETATM 1306 O O   . HOH C 2 .  ? -34.618 -21.288 -34.117 1.00 106.93 ? 240  HOH A O   1 
HETATM 1307 O O   . HOH C 2 .  ? -5.851  1.564   -2.709  1.00 55.40  ? 242  HOH A O   1 
HETATM 1308 O O   . HOH C 2 .  ? -19.744 -6.713  -17.660 1.00 101.12 ? 245  HOH A O   1 
HETATM 1309 O O   . HOH C 2 .  ? 20.604  -0.724  4.222   1.00 65.02  ? 246  HOH A O   1 
HETATM 1310 O O   . HOH C 2 .  ? -5.232  -7.362  0.930   1.00 89.79  ? 247  HOH A O   1 
HETATM 1311 O O   . HOH C 2 .  ? -6.314  -8.199  -8.525  1.00 97.27  ? 250  HOH A O   1 
HETATM 1312 O O   . HOH C 2 .  ? 18.044  1.877   -1.942  1.00 60.14  ? 252  HOH A O   1 
HETATM 1313 O O   . HOH C 2 .  ? -25.315 -31.524 -41.621 1.00 76.03  ? 253  HOH A O   1 
HETATM 1314 O O   . HOH C 2 .  ? -15.590 -15.548 -4.638  1.00 80.02  ? 255  HOH A O   1 
HETATM 1315 O O   . HOH C 2 .  ? -23.644 -29.340 -20.291 1.00 75.39  ? 257  HOH A O   1 
HETATM 1316 O O   . HOH C 2 .  ? -23.743 -21.179 -17.503 1.00 63.69  ? 258  HOH A O   1 
HETATM 1317 O O   . HOH C 2 .  ? 6.980   1.753   5.256   1.00 72.78  ? 260  HOH A O   1 
HETATM 1318 O O   . HOH C 2 .  ? -18.869 -3.595  -22.761 1.00 87.50  ? 261  HOH A O   1 
HETATM 1319 O O   . HOH C 2 .  ? 8.190   -0.227  18.383  1.00 96.79  ? 262  HOH A O   1 
HETATM 1320 O O   . HOH C 2 .  ? -29.581 -10.877 -29.009 1.00 87.09  ? 263  HOH A O   1 
HETATM 1321 O O   . HOH C 2 .  ? 10.493  0.383   8.894   1.00 65.04  ? 264  HOH A O   1 
HETATM 1322 O O   . HOH C 2 .  ? -10.457 -15.805 7.283   1.00 62.56  ? 266  HOH A O   1 
HETATM 1323 O O   . HOH C 2 .  ? 11.715  2.712   16.038  1.00 90.79  ? 267  HOH A O   1 
HETATM 1324 O O   . HOH C 2 .  ? -1.047  0.208   -1.478  1.00 62.51  ? 269  HOH A O   1 
HETATM 1325 O O   . HOH C 2 .  ? -4.629  -3.039  6.194   1.00 81.25  ? 274  HOH A O   1 
HETATM 1326 O O   . HOH C 2 .  ? -5.727  -1.270  -23.080 1.00 74.99  ? 277  HOH A O   1 
HETATM 1327 O O   . HOH C 2 .  ? -11.315 -15.896 -1.336  1.00 113.51 ? 278  HOH A O   1 
HETATM 1328 O O   . HOH C 2 .  ? -28.917 -29.258 -27.779 1.00 82.86  ? 279  HOH A O   1 
HETATM 1329 O O   . HOH C 2 .  ? -19.131 -27.283 -12.039 1.00 71.52  ? 280  HOH A O   1 
HETATM 1330 O O   . HOH C 2 .  ? 14.024  2.155   23.169  1.00 82.60  ? 281  HOH A O   1 
HETATM 1331 O O   . HOH C 2 .  ? -29.480 -33.097 -32.000 1.00 63.44  ? 283  HOH A O   1 
HETATM 1332 O O   . HOH C 2 .  ? -0.725  -3.023  13.261  1.00 85.43  ? 284  HOH A O   1 
HETATM 1333 O O   . HOH C 2 .  ? 10.703  -0.776  -2.082  1.00 53.96  ? 285  HOH A O   1 
HETATM 1334 O O   . HOH C 2 .  ? 11.460  -1.993  6.083   1.00 107.77 ? 288  HOH A O   1 
HETATM 1335 O O   . HOH C 2 .  ? -29.526 -14.031 -28.931 1.00 79.20  ? 289  HOH A O   1 
HETATM 1336 O O   . HOH C 2 .  ? -27.204 -30.023 -25.084 1.00 70.94  ? 290  HOH A O   1 
HETATM 1337 O O   . HOH C 2 .  ? 5.037   -7.251  22.839  1.00 102.49 ? 292  HOH A O   1 
HETATM 1338 O O   . HOH C 2 .  ? -42.156 -18.834 -23.119 1.00 64.48  ? 296  HOH A O   1 
HETATM 1339 O O   . HOH C 2 .  ? 14.116  -4.306  22.778  1.00 62.51  ? 299  HOH A O   1 
HETATM 1340 O O   . HOH C 2 .  ? 12.102  4.485   24.853  1.00 90.28  ? 300  HOH A O   1 
HETATM 1341 O O   . HOH C 2 .  ? -9.651  -0.211  -10.730 1.00 67.10  ? 302  HOH A O   1 
HETATM 1342 O O   . HOH C 2 .  ? -9.835  -4.814  -18.170 1.00 105.73 ? 303  HOH A O   1 
HETATM 1343 O O   . HOH C 2 .  ? -14.742 -2.474  -7.882  1.00 77.28  ? 305  HOH A O   1 
HETATM 1344 O O   . HOH C 2 .  ? -23.039 -21.949 -29.648 1.00 96.16  ? 307  HOH A O   1 
HETATM 1345 O O   . HOH C 2 .  ? -28.105 -23.254 -22.081 1.00 56.00  ? 309  HOH A O   1 
HETATM 1346 O O   . HOH C 2 .  ? -18.420 -13.482 -5.795  1.00 75.59  ? 311  HOH A O   1 
HETATM 1347 O O   . HOH C 2 .  ? 20.143  2.224   1.613   1.00 79.58  ? 312  HOH A O   1 
HETATM 1348 O O   . HOH C 2 .  ? 19.703  -4.793  17.994  1.00 71.39  ? 313  HOH A O   1 
HETATM 1349 O O   . HOH C 2 .  ? -5.223  -5.501  -13.541 1.00 88.81  ? 315  HOH A O   1 
HETATM 1350 O O   . HOH C 2 .  ? 9.196   -1.175  -5.000  1.00 63.39  ? 316  HOH A O   1 
HETATM 1351 O O   . HOH C 2 .  ? -20.365 -28.662 -17.739 1.00 89.50  ? 317  HOH A O   1 
HETATM 1352 O O   . HOH C 2 .  ? -22.378 -12.434 -11.168 1.00 91.46  ? 318  HOH A O   1 
HETATM 1353 O O   . HOH C 2 .  ? -22.742 -27.097 -22.283 1.00 82.13  ? 320  HOH A O   1 
HETATM 1354 O O   . HOH C 2 .  ? 8.045   -8.186  20.541  1.00 96.22  ? 322  HOH A O   1 
HETATM 1355 O O   . HOH C 2 .  ? -23.877 -23.672 -15.809 1.00 49.11  ? 323  HOH A O   1 
HETATM 1356 O O   . HOH C 2 .  ? -25.631 -31.974 -33.510 1.00 84.99  ? 326  HOH A O   1 
HETATM 1357 O O   . HOH C 2 .  ? -32.379 -20.457 -23.421 1.00 65.38  ? 327  HOH A O   1 
HETATM 1358 O O   . HOH C 2 .  ? -28.761 -15.793 -23.458 1.00 77.87  ? 328  HOH A O   1 
HETATM 1359 O O   . HOH C 2 .  ? -15.376 -1.063  -15.255 1.00 63.08  ? 332  HOH A O   1 
HETATM 1360 O O   . HOH C 2 .  ? 19.846  5.003   15.457  1.00 59.10  ? 333  HOH A O   1 
HETATM 1361 O O   . HOH C 2 .  ? -26.200 -12.053 -17.549 1.00 105.90 ? 334  HOH A O   1 
HETATM 1362 O O   . HOH C 2 .  ? 16.916  -0.500  22.459  1.00 75.83  ? 336  HOH A O   1 
HETATM 1363 O O   . HOH C 2 .  ? 11.201  -8.458  19.916  1.00 84.78  ? 337  HOH A O   1 
HETATM 1364 O O   . HOH C 2 .  ? -7.109  -6.280  4.418   1.00 84.43  ? 338  HOH A O   1 
HETATM 1365 O O   . HOH C 2 .  ? 11.055  -5.345  19.774  1.00 81.96  ? 341  HOH A O   1 
HETATM 1366 O O   . HOH C 2 .  ? -21.266 -4.243  -20.482 1.00 86.74  ? 343  HOH A O   1 
HETATM 1367 O O   . HOH C 2 .  ? -29.591 -13.214 -23.116 1.00 98.32  ? 352  HOH A O   1 
HETATM 1368 O O   . HOH C 2 .  ? -22.434 -6.699  -18.500 1.00 101.34 ? 353  HOH A O   1 
HETATM 1369 O O   . HOH D 2 .  ? 11.072  10.043  -1.562  1.00 54.30  ? 2    HOH B O   1 
HETATM 1370 O O   . HOH D 2 .  ? 3.963   0.838   2.258   1.00 36.16  ? 3    HOH B O   1 
HETATM 1371 O O   . HOH D 2 .  ? -6.042  14.610  -19.607 1.00 45.18  ? 4    HOH B O   1 
HETATM 1372 O O   . HOH D 2 .  ? -8.914  5.981   -15.478 1.00 44.12  ? 5    HOH B O   1 
HETATM 1373 O O   . HOH D 2 .  ? -3.227  13.580  -19.601 1.00 33.59  ? 9    HOH B O   1 
HETATM 1374 O O   . HOH D 2 .  ? -2.698  3.501   -9.138  1.00 41.08  ? 10   HOH B O   1 
HETATM 1375 O O   . HOH D 2 .  ? 12.667  17.335  -3.283  1.00 31.55  ? 15   HOH B O   1 
HETATM 1376 O O   . HOH D 2 .  ? -5.041  1.886   -10.160 1.00 43.49  ? 19   HOH B O   1 
HETATM 1377 O O   . HOH D 2 .  ? 11.554  13.559  -4.903  1.00 40.75  ? 24   HOH B O   1 
HETATM 1378 O O   . HOH D 2 .  ? 12.185  10.222  1.160   1.00 53.90  ? 25   HOH B O   1 
HETATM 1379 O O   . HOH D 2 .  ? 22.690  24.068  23.470  1.00 41.80  ? 26   HOH B O   1 
HETATM 1380 O O   . HOH D 2 .  ? -0.526  8.904   -6.575  1.00 106.11 ? 28   HOH B O   1 
HETATM 1381 O O   . HOH D 2 .  ? 29.409  19.050  43.467  1.00 80.20  ? 30   HOH B O   1 
HETATM 1382 O O   . HOH D 2 .  ? 5.349   3.400   2.036   1.00 66.45  ? 32   HOH B O   1 
HETATM 1383 O O   . HOH D 2 .  ? -3.139  9.138   16.649  1.00 59.41  ? 33   HOH B O   1 
HETATM 1384 O O   . HOH D 2 .  ? 9.150   5.590   6.045   1.00 55.37  ? 34   HOH B O   1 
HETATM 1385 O O   . HOH D 2 .  ? -2.457  3.507   2.062   1.00 63.95  ? 35   HOH B O   1 
HETATM 1386 O O   . HOH D 2 .  ? 3.600   16.279  -13.627 1.00 58.68  ? 38   HOH B O   1 
HETATM 1387 O O   . HOH D 2 .  ? 15.808  17.509  29.240  1.00 54.31  ? 39   HOH B O   1 
HETATM 1388 O O   . HOH D 2 .  ? 3.559   5.160   -12.859 1.00 46.33  ? 40   HOH B O   1 
HETATM 1389 O O   . HOH D 2 .  ? 10.484  11.835  7.842   1.00 96.77  ? 42   HOH B O   1 
HETATM 1390 O O   . HOH D 2 .  ? 5.409   12.369  -12.137 1.00 43.87  ? 43   HOH B O   1 
HETATM 1391 O O   . HOH D 2 .  ? 8.079   11.175  22.104  1.00 61.43  ? 48   HOH B O   1 
HETATM 1392 O O   . HOH D 2 .  ? 14.904  12.216  1.453   1.00 52.92  ? 49   HOH B O   1 
HETATM 1393 O O   . HOH D 2 .  ? 16.864  15.965  22.867  1.00 99.95  ? 54   HOH B O   1 
HETATM 1394 O O   . HOH D 2 .  ? 1.475   2.077   9.076   1.00 53.88  ? 58   HOH B O   1 
HETATM 1395 O O   . HOH D 2 .  ? 1.331   13.508  -18.288 1.00 60.82  ? 59   HOH B O   1 
HETATM 1396 O O   . HOH D 2 .  ? -2.630  -1.326  -17.583 1.00 49.43  ? 62   HOH B O   1 
HETATM 1397 O O   . HOH D 2 .  ? 6.770   3.934   14.254  1.00 60.19  ? 64   HOH B O   1 
HETATM 1398 O O   . HOH D 2 .  ? -11.211 8.757   -15.464 1.00 77.11  ? 67   HOH B O   1 
HETATM 1399 O O   . HOH D 2 .  ? 8.970   10.582  26.012  1.00 66.64  ? 69   HOH B O   1 
HETATM 1400 O O   . HOH D 2 .  ? 28.298  23.810  39.195  1.00 72.87  ? 70   HOH B O   1 
HETATM 1401 O O   . HOH D 2 .  ? 22.494  12.891  22.899  1.00 45.00  ? 71   HOH B O   1 
HETATM 1402 O O   . HOH D 2 .  ? 1.280   11.189  -6.542  1.00 100.24 ? 72   HOH B O   1 
HETATM 1403 O O   . HOH D 2 .  ? -10.161 11.753  -18.183 1.00 61.18  ? 75   HOH B O   1 
HETATM 1404 O O   . HOH D 2 .  ? 6.112   13.981  -14.871 1.00 61.07  ? 78   HOH B O   1 
HETATM 1405 O O   . HOH D 2 .  ? 15.856  18.395  19.746  1.00 73.16  ? 79   HOH B O   1 
HETATM 1406 O O   . HOH D 2 .  ? 23.082  16.423  42.321  1.00 67.76  ? 81   HOH B O   1 
HETATM 1407 O O   . HOH D 2 .  ? 10.880  3.722   13.794  1.00 66.62  ? 82   HOH B O   1 
HETATM 1408 O O   . HOH D 2 .  ? 1.391   6.672   13.128  1.00 51.23  ? 83   HOH B O   1 
HETATM 1409 O O   . HOH D 2 .  ? 4.001   5.327   14.996  1.00 53.54  ? 84   HOH B O   1 
HETATM 1410 O O   . HOH D 2 .  ? -4.638  2.936   -20.298 1.00 70.14  ? 85   HOH B O   1 
HETATM 1411 O O   . HOH D 2 .  ? 13.922  4.677   11.153  1.00 58.12  ? 86   HOH B O   1 
HETATM 1412 O O   . HOH D 2 .  ? 9.549   2.604   -2.972  1.00 60.59  ? 87   HOH B O   1 
HETATM 1413 O O   . HOH D 2 .  ? -6.657  8.366   5.154   1.00 46.12  ? 88   HOH B O   1 
HETATM 1414 O O   . HOH D 2 .  ? 27.433  21.830  47.012  1.00 83.36  ? 91   HOH B O   1 
HETATM 1415 O O   . HOH D 2 .  ? 25.196  16.108  11.171  1.00 66.85  ? 92   HOH B O   1 
HETATM 1416 O O   . HOH D 2 .  ? -9.177  1.095   -16.876 1.00 83.36  ? 94   HOH B O   1 
HETATM 1417 O O   . HOH D 2 .  ? 3.682   -4.883  -16.247 1.00 76.06  ? 102  HOH B O   1 
HETATM 1418 O O   . HOH D 2 .  ? 4.273   7.713   16.783  1.00 66.08  ? 105  HOH B O   1 
HETATM 1419 O O   . HOH D 2 .  ? 8.433   17.401  1.430   1.00 88.04  ? 106  HOH B O   1 
HETATM 1420 O O   . HOH D 2 .  ? 9.299   14.004  15.162  1.00 101.47 ? 110  HOH B O   1 
HETATM 1421 O O   . HOH D 2 .  ? 6.579   5.557   18.449  1.00 79.78  ? 114  HOH B O   1 
HETATM 1422 O O   . HOH D 2 .  ? 4.897   10.600  -14.455 1.00 74.17  ? 115  HOH B O   1 
HETATM 1423 O O   . HOH D 2 .  ? 11.007  4.422   -0.256  1.00 74.47  ? 117  HOH B O   1 
HETATM 1424 O O   . HOH D 2 .  ? 23.062  17.019  45.195  1.00 85.01  ? 121  HOH B O   1 
HETATM 1425 O O   . HOH D 2 .  ? -6.757  7.110   -19.652 1.00 46.36  ? 122  HOH B O   1 
HETATM 1426 O O   . HOH D 2 .  ? -4.493  11.020  14.144  1.00 65.92  ? 123  HOH B O   1 
HETATM 1427 O O   . HOH D 2 .  ? -3.736  4.705   -2.016  1.00 90.44  ? 124  HOH B O   1 
HETATM 1428 O O   . HOH D 2 .  ? 28.717  20.546  22.638  1.00 62.00  ? 125  HOH B O   1 
HETATM 1429 O O   . HOH D 2 .  ? 32.026  21.540  45.348  1.00 73.95  ? 126  HOH B O   1 
HETATM 1430 O O   . HOH D 2 .  ? 2.709   2.843   -14.471 1.00 46.75  ? 128  HOH B O   1 
HETATM 1431 O O   . HOH D 2 .  ? 6.730   4.852   -4.769  1.00 61.92  ? 129  HOH B O   1 
HETATM 1432 O O   . HOH D 2 .  ? 33.690  17.771  35.543  1.00 76.91  ? 130  HOH B O   1 
HETATM 1433 O O   . HOH D 2 .  ? -3.342  7.707   -2.252  1.00 100.47 ? 131  HOH B O   1 
HETATM 1434 O O   . HOH D 2 .  ? 6.084   17.523  -2.256  1.00 105.15 ? 134  HOH B O   1 
HETATM 1435 O O   . HOH D 2 .  ? -1.346  12.823  17.318  1.00 89.19  ? 135  HOH B O   1 
HETATM 1436 O O   . HOH D 2 .  ? 1.734   9.275   11.152  1.00 40.13  ? 137  HOH B O   1 
HETATM 1437 O O   . HOH D 2 .  ? -2.529  0.709   3.550   1.00 59.33  ? 139  HOH B O   1 
HETATM 1438 O O   . HOH D 2 .  ? -4.491  12.019  -24.483 1.00 48.72  ? 141  HOH B O   1 
HETATM 1439 O O   . HOH D 2 .  ? 5.555   2.667   9.410   1.00 63.67  ? 142  HOH B O   1 
HETATM 1440 O O   . HOH D 2 .  ? 9.753   13.879  -11.465 1.00 96.44  ? 143  HOH B O   1 
HETATM 1441 O O   . HOH D 2 .  ? 13.028  7.300   9.829   1.00 61.64  ? 147  HOH B O   1 
HETATM 1442 O O   . HOH D 2 .  ? 0.608   3.099   -5.827  1.00 47.41  ? 149  HOH B O   1 
HETATM 1443 O O   . HOH D 2 .  ? 18.866  12.612  27.867  1.00 61.80  ? 154  HOH B O   1 
HETATM 1444 O O   . HOH D 2 .  ? 16.742  9.513   3.364   1.00 64.92  ? 155  HOH B O   1 
HETATM 1445 O O   . HOH D 2 .  ? 21.649  18.961  40.458  1.00 67.89  ? 157  HOH B O   1 
HETATM 1446 O O   . HOH D 2 .  ? 11.708  7.687   2.956   1.00 57.75  ? 158  HOH B O   1 
HETATM 1447 O O   . HOH D 2 .  ? 21.957  9.256   27.904  1.00 59.67  ? 160  HOH B O   1 
HETATM 1448 O O   . HOH D 2 .  ? 30.378  17.333  45.479  1.00 86.54  ? 163  HOH B O   1 
HETATM 1449 O O   . HOH D 2 .  ? 20.491  19.659  17.929  1.00 98.08  ? 166  HOH B O   1 
HETATM 1450 O O   . HOH D 2 .  ? 19.855  19.212  31.968  1.00 67.91  ? 169  HOH B O   1 
HETATM 1451 O O   . HOH D 2 .  ? 19.139  12.181  19.864  1.00 77.88  ? 170  HOH B O   1 
HETATM 1452 O O   . HOH D 2 .  ? 10.841  9.663   -4.705  1.00 41.55  ? 173  HOH B O   1 
HETATM 1453 O O   . HOH D 2 .  ? 0.870   12.953  13.596  1.00 50.43  ? 174  HOH B O   1 
HETATM 1454 O O   . HOH D 2 .  ? 13.545  10.612  -3.409  1.00 58.19  ? 175  HOH B O   1 
HETATM 1455 O O   . HOH D 2 .  ? -1.971  15.093  -21.974 1.00 65.41  ? 176  HOH B O   1 
HETATM 1456 O O   . HOH D 2 .  ? -5.356  13.061  16.101  1.00 49.74  ? 178  HOH B O   1 
HETATM 1457 O O   . HOH D 2 .  ? -0.947  8.262   18.430  1.00 89.73  ? 180  HOH B O   1 
HETATM 1458 O O   . HOH D 2 .  ? 1.318   16.710  -15.342 1.00 42.70  ? 181  HOH B O   1 
HETATM 1459 O O   . HOH D 2 .  ? -1.254  9.367   11.674  1.00 94.44  ? 184  HOH B O   1 
HETATM 1460 O O   . HOH D 2 .  ? 11.147  6.833   7.512   1.00 50.41  ? 185  HOH B O   1 
HETATM 1461 O O   . HOH D 2 .  ? 29.334  20.734  25.511  1.00 98.10  ? 189  HOH B O   1 
HETATM 1462 O O   . HOH D 2 .  ? 8.530   2.869   7.349   1.00 52.64  ? 191  HOH B O   1 
HETATM 1463 O O   . HOH D 2 .  ? -2.656  4.558   -5.113  1.00 46.77  ? 193  HOH B O   1 
HETATM 1464 O O   . HOH D 2 .  ? 10.619  16.794  25.072  1.00 46.56  ? 194  HOH B O   1 
HETATM 1465 O O   . HOH D 2 .  ? 16.772  19.609  28.518  1.00 75.29  ? 195  HOH B O   1 
HETATM 1466 O O   . HOH D 2 .  ? -6.716  0.679   -8.541  1.00 50.45  ? 197  HOH B O   1 
HETATM 1467 O O   . HOH D 2 .  ? -8.795  8.342   -13.496 1.00 107.61 ? 200  HOH B O   1 
HETATM 1468 O O   . HOH D 2 .  ? -5.205  11.606  -19.527 1.00 72.08  ? 201  HOH B O   1 
HETATM 1469 O O   . HOH D 2 .  ? 8.363   6.972   -6.872  1.00 46.74  ? 204  HOH B O   1 
HETATM 1470 O O   . HOH D 2 .  ? -7.874  11.690  -19.666 1.00 91.39  ? 205  HOH B O   1 
HETATM 1471 O O   . HOH D 2 .  ? 26.786  23.859  36.596  1.00 89.76  ? 206  HOH B O   1 
HETATM 1472 O O   . HOH D 2 .  ? 9.085   15.089  -14.081 1.00 82.23  ? 208  HOH B O   1 
HETATM 1473 O O   . HOH D 2 .  ? 19.108  18.784  40.363  1.00 94.46  ? 210  HOH B O   1 
HETATM 1474 O O   . HOH D 2 .  ? -2.550  6.048   2.624   1.00 89.36  ? 211  HOH B O   1 
HETATM 1475 O O   . HOH D 2 .  ? -4.369  2.905   0.063   1.00 95.80  ? 212  HOH B O   1 
HETATM 1476 O O   . HOH D 2 .  ? 22.791  22.537  27.713  1.00 79.88  ? 213  HOH B O   1 
HETATM 1477 O O   . HOH D 2 .  ? 0.723   14.699  16.039  1.00 76.64  ? 214  HOH B O   1 
HETATM 1478 O O   . HOH D 2 .  ? 10.576  7.847   0.354   1.00 83.34  ? 215  HOH B O   1 
HETATM 1479 O O   . HOH D 2 .  ? 6.343   3.810   -13.369 1.00 72.07  ? 219  HOH B O   1 
HETATM 1480 O O   . HOH D 2 .  ? 21.702  14.437  45.182  1.00 95.07  ? 220  HOH B O   1 
HETATM 1481 O O   . HOH D 2 .  ? 25.298  17.817  8.871   1.00 96.18  ? 221  HOH B O   1 
HETATM 1482 O O   . HOH D 2 .  ? -9.290  3.284   -15.118 1.00 81.93  ? 223  HOH B O   1 
HETATM 1483 O O   . HOH D 2 .  ? 6.857   11.964  -9.426  1.00 97.06  ? 224  HOH B O   1 
HETATM 1484 O O   . HOH D 2 .  ? 31.572  20.985  22.780  1.00 98.71  ? 225  HOH B O   1 
HETATM 1485 O O   . HOH D 2 .  ? 10.972  10.321  28.133  1.00 89.69  ? 226  HOH B O   1 
HETATM 1486 O O   . HOH D 2 .  ? 13.981  18.873  31.116  1.00 81.06  ? 227  HOH B O   1 
HETATM 1487 O O   . HOH D 2 .  ? 11.707  9.493   8.504   1.00 87.48  ? 229  HOH B O   1 
HETATM 1488 O O   . HOH D 2 .  ? 31.232  23.248  47.793  1.00 58.47  ? 231  HOH B O   1 
HETATM 1489 O O   . HOH D 2 .  ? -7.955  11.258  4.908   1.00 87.17  ? 234  HOH B O   1 
HETATM 1490 O O   . HOH D 2 .  ? 17.031  13.075  30.141  1.00 82.31  ? 236  HOH B O   1 
HETATM 1491 O O   . HOH D 2 .  ? 6.197   6.718   21.312  1.00 65.61  ? 237  HOH B O   1 
HETATM 1492 O O   . HOH D 2 .  ? 10.762  3.254   -6.066  1.00 63.01  ? 239  HOH B O   1 
HETATM 1493 O O   . HOH D 2 .  ? -4.557  13.244  -22.077 1.00 71.47  ? 241  HOH B O   1 
HETATM 1494 O O   . HOH D 2 .  ? 13.373  5.190   2.741   1.00 62.33  ? 243  HOH B O   1 
HETATM 1495 O O   . HOH D 2 .  ? 2.872   16.027  -18.012 1.00 82.61  ? 244  HOH B O   1 
HETATM 1496 O O   . HOH D 2 .  ? 12.124  6.565   -1.938  1.00 84.49  ? 248  HOH B O   1 
HETATM 1497 O O   . HOH D 2 .  ? 3.945   5.285   -9.646  1.00 59.85  ? 249  HOH B O   1 
HETATM 1498 O O   . HOH D 2 .  ? -6.290  0.863   -17.053 1.00 100.14 ? 251  HOH B O   1 
HETATM 1499 O O   . HOH D 2 .  ? 1.288   -3.629  -13.792 1.00 90.22  ? 254  HOH B O   1 
HETATM 1500 O O   . HOH D 2 .  ? -11.984 9.596   -18.125 1.00 116.78 ? 256  HOH B O   1 
HETATM 1501 O O   . HOH D 2 .  ? 24.697  22.286  43.207  1.00 85.38  ? 259  HOH B O   1 
HETATM 1502 O O   . HOH D 2 .  ? 31.039  24.848  39.338  1.00 85.30  ? 265  HOH B O   1 
HETATM 1503 O O   . HOH D 2 .  ? -3.922  13.140  18.896  1.00 48.07  ? 268  HOH B O   1 
HETATM 1504 O O   . HOH D 2 .  ? -3.830  4.098   5.016   1.00 66.37  ? 270  HOH B O   1 
HETATM 1505 O O   . HOH D 2 .  ? 17.928  11.621  17.284  1.00 69.15  ? 271  HOH B O   1 
HETATM 1506 O O   . HOH D 2 .  ? 3.660   4.818   -16.407 1.00 80.92  ? 272  HOH B O   1 
HETATM 1507 O O   . HOH D 2 .  ? 28.761  19.406  38.277  1.00 78.67  ? 273  HOH B O   1 
HETATM 1508 O O   . HOH D 2 .  ? 8.667   4.824   3.248   1.00 68.15  ? 275  HOH B O   1 
HETATM 1509 O O   . HOH D 2 .  ? 13.091  7.726   5.455   1.00 99.35  ? 276  HOH B O   1 
HETATM 1510 O O   . HOH D 2 .  ? -7.155  1.955   -12.279 1.00 68.86  ? 282  HOH B O   1 
HETATM 1511 O O   . HOH D 2 .  ? 4.465   12.642  -16.913 1.00 89.57  ? 286  HOH B O   1 
HETATM 1512 O O   . HOH D 2 .  ? -7.798  14.900  -21.984 1.00 78.25  ? 287  HOH B O   1 
HETATM 1513 O O   . HOH D 2 .  ? 5.041   4.099   -7.035  1.00 55.38  ? 291  HOH B O   1 
HETATM 1514 O O   . HOH D 2 .  ? 20.411  12.764  9.599   1.00 78.39  ? 293  HOH B O   1 
HETATM 1515 O O   . HOH D 2 .  ? 26.842  13.944  11.938  1.00 83.43  ? 294  HOH B O   1 
HETATM 1516 O O   . HOH D 2 .  ? 4.469   14.216  -13.109 1.00 86.27  ? 295  HOH B O   1 
HETATM 1517 O O   . HOH D 2 .  ? 26.039  14.000  40.435  1.00 67.39  ? 297  HOH B O   1 
HETATM 1518 O O   . HOH D 2 .  ? 23.218  15.931  17.966  1.00 91.90  ? 298  HOH B O   1 
HETATM 1519 O O   . HOH D 2 .  ? 2.215   4.096   10.449  1.00 85.60  ? 301  HOH B O   1 
HETATM 1520 O O   . HOH D 2 .  ? 7.683   8.781   24.096  1.00 87.27  ? 304  HOH B O   1 
HETATM 1521 O O   . HOH D 2 .  ? 4.671   -4.569  -19.005 1.00 68.18  ? 306  HOH B O   1 
HETATM 1522 O O   . HOH D 2 .  ? 19.006  12.228  12.514  1.00 51.10  ? 308  HOH B O   1 
HETATM 1523 O O   . HOH D 2 .  ? 36.206  16.657  36.654  1.00 81.43  ? 310  HOH B O   1 
HETATM 1524 O O   . HOH D 2 .  ? 1.600   -6.954  -15.950 1.00 69.35  ? 314  HOH B O   1 
HETATM 1525 O O   . HOH D 2 .  ? 7.354   3.835   16.817  1.00 97.77  ? 319  HOH B O   1 
HETATM 1526 O O   . HOH D 2 .  ? 17.298  15.201  27.708  1.00 76.44  ? 321  HOH B O   1 
HETATM 1527 O O   . HOH D 2 .  ? 29.080  20.341  49.009  1.00 74.29  ? 324  HOH B O   1 
HETATM 1528 O O   . HOH D 2 .  ? 15.193  6.768   7.184   1.00 61.29  ? 325  HOH B O   1 
HETATM 1529 O O   . HOH D 2 .  ? -6.987  8.003   -15.700 1.00 95.10  ? 329  HOH B O   1 
HETATM 1530 O O   . HOH D 2 .  ? -3.994  7.721   -19.721 1.00 63.17  ? 330  HOH B O   1 
HETATM 1531 O O   . HOH D 2 .  ? 11.007  15.729  -2.340  1.00 85.82  ? 331  HOH B O   1 
HETATM 1532 O O   . HOH D 2 .  ? -0.922  0.846   1.304   1.00 90.64  ? 335  HOH B O   1 
HETATM 1533 O O   . HOH D 2 .  ? 4.399   9.220   -11.860 1.00 50.45  ? 339  HOH B O   1 
HETATM 1534 O O   . HOH D 2 .  ? 6.248   13.205  2.909   1.00 84.07  ? 340  HOH B O   1 
HETATM 1535 O O   . HOH D 2 .  ? 3.287   2.052   -5.931  1.00 83.99  ? 342  HOH B O   1 
HETATM 1536 O O   . HOH D 2 .  ? 27.697  12.548  35.742  1.00 75.25  ? 344  HOH B O   1 
HETATM 1537 O O   . HOH D 2 .  ? 20.938  11.422  26.607  1.00 99.29  ? 345  HOH B O   1 
HETATM 1538 O O   . HOH D 2 .  ? 22.864  10.475  24.523  1.00 87.22  ? 346  HOH B O   1 
HETATM 1539 O O   . HOH D 2 .  ? -1.597  7.509   14.723  1.00 95.36  ? 347  HOH B O   1 
HETATM 1540 O O   . HOH D 2 .  ? 20.386  10.575  21.972  1.00 97.07  ? 348  HOH B O   1 
HETATM 1541 O O   . HOH D 2 .  ? 21.248  14.495  41.136  1.00 81.05  ? 349  HOH B O   1 
HETATM 1542 O O   . HOH D 2 .  ? 7.349   1.040   -4.122  1.00 75.75  ? 350  HOH B O   1 
HETATM 1543 O O   . HOH D 2 .  ? 0.784   15.355  -5.303  1.00 109.18 ? 351  HOH B O   1 
# 
